data_7Z47
#
_entry.id   7Z47
#
_cell.length_a   1.00
_cell.length_b   1.00
_cell.length_c   1.00
_cell.angle_alpha   90.00
_cell.angle_beta   90.00
_cell.angle_gamma   90.00
#
_symmetry.space_group_name_H-M   'P 1'
#
loop_
_entity.id
_entity.type
_entity.pdbx_description
1 polymer 'Adaptor protein'
2 polymer 'Surface protein'
3 polymer 'Putative tail fiber'
4 polymer 'Putative structural protein'
#
loop_
_entity_poly.entity_id
_entity_poly.type
_entity_poly.pdbx_seq_one_letter_code
_entity_poly.pdbx_strand_id
1 'polypeptide(L)'
;MAMPDVQYPINTYGWLKKAVALWADRDDDEFVNQIPNFINFAEKEIYRNLRIPPLEKEVYLDIKDGVAYIPPDYLEAQWM
MRAKDGTIFQVTSPEEISYRRQHGTINPSHWNNQPVNFARFGSRFIFYPSIEADTPYYPDDGSPLIPAENSVILSYYADP
PEFHEDTDTSTILTIAPELLLYFTLRHACLFVQDDNGVQKWSALGKAILDEMVEQNKKQEYSGSPIAIPNNMTRLQSSLP
DIYGIRTSRV
;
A,B
2 'polypeptide(L)'
;MALYPIKSLGAVGVIADQAPTDLAPNAFTNAINARFVEQRVFKTGGNAPLSYVDEDKDLTPLSFVSMPFDYYSAGNSFLV
VGTNKKLYKLTDESLTDISRKVATVTKKASASIKIYPVVSQIVPKESTISMNFNQTKNLEVSLLPADANNTNLIWEVSNS
SYGSITVDPSDSKLATLTSFEKEGNLVVTISTANESVVAQIAVNIIDGDSGIFLSQDTVTIRKGGTTTLTAVTGKTPVTW
SSNNASIVSVTPNANSLTAVITANGEGNVTITADNGTKTASCEIVSIPQIDSISLSQSDVTVSRGSQYILTATLSPANAP
NQNITWTSSNPNIATVSGTSTQGTINALLAGFTEITATTEEGNRVAVCTVRVDLAGRTMRTSAMAFAAPVSESVETQEEE
VVTPPESEETVYFAEPTSGIDTSGMYEGNNFYDYSNVNDIEGFARASLLATPLSSVTLDIVSASLDVGEEIVITATASPE
GEYSYQWSVDKTGYVSTTSVTGKSIKLVALRKGEINVTCTVSQMTQKDYDAFDDYPWYHAVISNCAVATTHYETPQVKEF
ESEYFVDLPGWGEQTVVDNDGNPSVKKFNWKCERVRSFNNRLFALNMREANASGVTTNYPLRLRWSNFANENKAPTLWDD
FAYDRVVSSDLASNIVGQTQALENGYAGYIDLADSNGSLIDILPLKDYLFVYTEFETYIGSPTNNTYQPLMFKKLFNDSG
ILAPECVVEVEGSHFVVTQNDVILHNGATKKSIASNRVKNMLINEVCLVNPLATRVHLHQDKKEVWVLYVGPGEPKESFA
CTKAAVWNYEFDTWSFRTIPYAQCIGLVDPPVLERGPIWSDFQEITWDDPSIKELVWRKDATNFRQRVTIVGSFLKGFYQ
VDVGALDYFYDRLNDVVIEKPLEMRLERTGIDFDNVTNEWNQKHINRFRPQTTGSGTYIFEAGGSQFSNEYGHPHTSKTY
TIGVDRHVSVRLNHPYLFYNVIDNDVNSNAAINGLTIEFAVGGRR
;
G
3 'polypeptide(L)'
;MIVYNNQAPDAVNNVGQFGATEGSIGAYKQAAEYAADSKYWALLAESKFGTIDDLIAEVERLYQQGVLMKQDIEDLKQDF
KDQDARLMSLIAQTNAAVSDANNAVALINQKLIEVQNQLDVLLGMSVDVTTLPPGTPATGSFNPNTGVISLGIPEGEPGK
DGSVKDLDTAPTGVPELGDLGFYVDKDDNTVHKTTLENIANLTPSVRSVSVNGGPALDGEVALTINKETVGLGNVLNVAQ
YSRQEINDKFDKTTKTYQSKAEAYADAQYRQVGEKVLVWEATKYEFYTVAANKTLTPVKTEGRILTVNSRSPDSSGNIDI
TIPTGNPSLYLGEMVMFPYDPSKNISYPGVLPADGRLVSKESASDLGPSLVSGQLPVVSETEWQSGAKQYFSWGKLADGI
TDADSTNFINIRLPDWTGGEAIRAPDSDKDSQYNGSVQAQKPYVVTVNNQAPDEITGNVNISRSILGAASSGANSDITSL
SGLTTPLSISQGGTGAKDAASARSNLGLGSVSTLDNVPIASGGTGAGDAAGARFNLGLGNSATMNTGTNSDNVLKVGDFG
IGRPDGALVFDTTSQDQLLAGLDTYGLCVFRNNQQIAAPWDIWNYSSNLFFRAGDTYSMISIPFESAGKIKVFGGASGSG
WKTSRTVYDTVNTTVDVNGFIKAASPIVKVFHDGSFETNEQSDGVSVKKISTGVYLISGCLGLNSDAGWGGVDGGFEIPI
DRNKQPRVWLDYEVKEDGSLLIKTYHRTHSTSPAFARNELEGFSDGDPVDIPKDAFISVRVEMPSK
;
D,E,F
4 'polypeptide(L)'
;MAIETNAVVITDLNPLYPRDRDYIYEGAAQIRLIKQTLQNTFPNVTEPVDIDSDTFKIMSEKLKFTGDAMDVGGLMIKNV
TPGTGDKDVVTKGQMEAFMKNWMENKLYRIGSYYITEEDINPGDSISLGFGSWAKVTGVIMGTGVVNPDGSVPNAQRVEF
QAGGTGGRVFNTIRTENVPLMTVNGSSFSLSSNTHSHNMVFGRGDASGHNSSPNWYSPGGGYSQRTDNDTHTHTISGSVS
LGRDDISRQPINTLPPFRAAHIWRRIS
;
I,H,C
#
# COMPACT_ATOMS: atom_id res chain seq x y z
N MET A 3 -27.71 -4.84 -4.19
CA MET A 3 -27.20 -5.96 -3.42
C MET A 3 -28.36 -6.78 -2.84
N PRO A 4 -29.19 -7.41 -3.68
CA PRO A 4 -30.25 -8.26 -3.13
C PRO A 4 -29.70 -9.35 -2.24
N ASP A 5 -30.03 -9.30 -0.96
CA ASP A 5 -29.49 -10.23 0.02
C ASP A 5 -30.58 -11.20 0.46
N VAL A 6 -30.28 -12.50 0.37
CA VAL A 6 -31.18 -13.55 0.79
C VAL A 6 -30.65 -14.17 2.07
N GLN A 7 -31.49 -14.95 2.73
CA GLN A 7 -31.14 -15.60 3.98
C GLN A 7 -30.61 -17.01 3.69
N TYR A 8 -29.90 -17.56 4.69
CA TYR A 8 -29.36 -18.91 4.54
C TYR A 8 -30.47 -19.94 4.47
N PRO A 9 -31.39 -20.03 5.42
CA PRO A 9 -32.49 -21.00 5.32
C PRO A 9 -33.59 -20.55 4.37
N ILE A 10 -33.38 -20.81 3.09
CA ILE A 10 -34.37 -20.45 2.07
C ILE A 10 -35.63 -21.26 2.36
N ASN A 11 -36.68 -20.58 2.82
CA ASN A 11 -37.89 -21.27 3.26
C ASN A 11 -39.18 -20.59 2.79
N THR A 12 -39.10 -19.50 2.05
CA THR A 12 -40.28 -18.74 1.65
C THR A 12 -40.25 -18.45 0.16
N TYR A 13 -41.29 -17.78 -0.30
CA TYR A 13 -41.41 -17.42 -1.71
C TYR A 13 -40.63 -16.15 -2.04
N GLY A 14 -40.63 -15.19 -1.13
CA GLY A 14 -39.91 -13.95 -1.38
C GLY A 14 -38.41 -14.16 -1.43
N TRP A 15 -37.87 -14.93 -0.48
CA TRP A 15 -36.45 -15.21 -0.50
C TRP A 15 -36.06 -16.03 -1.72
N LEU A 16 -36.93 -16.95 -2.13
CA LEU A 16 -36.67 -17.71 -3.35
C LEU A 16 -36.63 -16.79 -4.57
N LYS A 17 -37.57 -15.85 -4.65
CA LYS A 17 -37.59 -14.90 -5.75
C LYS A 17 -36.32 -14.06 -5.76
N LYS A 18 -35.91 -13.58 -4.60
CA LYS A 18 -34.69 -12.77 -4.52
C LYS A 18 -33.46 -13.59 -4.89
N ALA A 19 -33.43 -14.87 -4.51
CA ALA A 19 -32.30 -15.71 -4.87
C ALA A 19 -32.26 -16.00 -6.36
N VAL A 20 -33.44 -16.16 -6.98
CA VAL A 20 -33.48 -16.34 -8.43
C VAL A 20 -32.96 -15.09 -9.12
N ALA A 21 -33.39 -13.92 -8.66
CA ALA A 21 -32.89 -12.67 -9.22
C ALA A 21 -31.41 -12.47 -8.92
N LEU A 22 -30.88 -13.13 -7.90
CA LEU A 22 -29.47 -13.01 -7.56
C LEU A 22 -28.61 -13.89 -8.45
N TRP A 23 -28.95 -15.18 -8.55
CA TRP A 23 -28.19 -16.08 -9.40
C TRP A 23 -28.27 -15.68 -10.87
N ALA A 24 -29.21 -14.82 -11.22
CA ALA A 24 -29.26 -14.16 -12.52
C ALA A 24 -29.08 -12.66 -12.24
N ASP A 25 -27.82 -12.23 -12.20
CA ASP A 25 -27.47 -10.94 -11.63
C ASP A 25 -28.23 -9.77 -12.23
N ARG A 26 -28.82 -9.95 -13.42
CA ARG A 26 -29.51 -8.83 -14.06
C ARG A 26 -30.62 -8.31 -13.17
N ASP A 27 -30.55 -7.02 -12.84
CA ASP A 27 -31.54 -6.34 -12.01
C ASP A 27 -32.28 -5.36 -12.92
N ASP A 28 -33.35 -5.86 -13.55
CA ASP A 28 -34.15 -5.06 -14.47
C ASP A 28 -35.60 -5.48 -14.36
N ASP A 29 -36.50 -4.51 -14.49
CA ASP A 29 -37.93 -4.79 -14.35
C ASP A 29 -38.40 -5.76 -15.42
N GLU A 30 -37.86 -5.65 -16.64
CA GLU A 30 -38.26 -6.55 -17.71
C GLU A 30 -38.05 -8.01 -17.32
N PHE A 31 -37.09 -8.28 -16.43
CA PHE A 31 -36.75 -9.64 -16.01
C PHE A 31 -37.31 -10.00 -14.64
N VAL A 32 -37.28 -9.07 -13.69
CA VAL A 32 -37.73 -9.37 -12.34
C VAL A 32 -39.23 -9.61 -12.32
N ASN A 33 -39.99 -8.84 -13.09
CA ASN A 33 -41.44 -8.95 -13.07
C ASN A 33 -41.95 -10.29 -13.59
N GLN A 34 -41.09 -11.10 -14.20
CA GLN A 34 -41.48 -12.39 -14.74
C GLN A 34 -40.95 -13.56 -13.93
N ILE A 35 -40.20 -13.31 -12.86
CA ILE A 35 -39.71 -14.37 -11.99
C ILE A 35 -40.89 -15.18 -11.48
N PRO A 36 -42.01 -14.56 -11.10
CA PRO A 36 -43.18 -15.36 -10.71
C PRO A 36 -43.63 -16.30 -11.79
N ASN A 37 -43.63 -15.87 -13.05
CA ASN A 37 -44.03 -16.75 -14.14
C ASN A 37 -43.07 -17.92 -14.28
N PHE A 38 -41.76 -17.66 -14.13
CA PHE A 38 -40.79 -18.74 -14.22
C PHE A 38 -40.98 -19.74 -13.09
N ILE A 39 -41.22 -19.26 -11.87
CA ILE A 39 -41.44 -20.17 -10.76
C ILE A 39 -42.73 -20.96 -10.96
N ASN A 40 -43.74 -20.32 -11.54
CA ASN A 40 -44.98 -21.02 -11.86
C ASN A 40 -44.72 -22.16 -12.85
N PHE A 41 -43.99 -21.86 -13.92
CA PHE A 41 -43.65 -22.90 -14.89
C PHE A 41 -42.86 -24.02 -14.24
N ALA A 42 -41.93 -23.67 -13.35
CA ALA A 42 -41.11 -24.69 -12.70
C ALA A 42 -41.97 -25.61 -11.82
N GLU A 43 -42.79 -25.01 -10.96
CA GLU A 43 -43.62 -25.83 -10.07
C GLU A 43 -44.64 -26.64 -10.86
N LYS A 44 -45.09 -26.14 -12.02
CA LYS A 44 -46.00 -26.93 -12.84
C LYS A 44 -45.26 -28.03 -13.58
N GLU A 45 -43.95 -27.87 -13.79
CA GLU A 45 -43.16 -28.93 -14.40
C GLU A 45 -42.80 -30.01 -13.41
N ILE A 46 -42.60 -29.65 -12.14
CA ILE A 46 -42.18 -30.62 -11.14
C ILE A 46 -43.37 -31.47 -10.70
N TYR A 47 -44.41 -30.84 -10.15
CA TYR A 47 -45.54 -31.58 -9.61
C TYR A 47 -46.30 -32.36 -10.65
N ARG A 48 -46.11 -32.07 -11.94
CA ARG A 48 -46.87 -32.76 -12.98
C ARG A 48 -46.52 -34.23 -13.07
N ASN A 49 -45.32 -34.62 -12.63
CA ASN A 49 -44.92 -36.02 -12.66
C ASN A 49 -44.19 -36.48 -11.40
N LEU A 50 -44.08 -35.63 -10.39
CA LEU A 50 -43.47 -36.01 -9.12
C LEU A 50 -44.49 -36.73 -8.25
N ARG A 51 -44.08 -37.87 -7.70
CA ARG A 51 -44.95 -38.67 -6.84
C ARG A 51 -44.16 -39.06 -5.60
N ILE A 52 -44.51 -38.48 -4.46
CA ILE A 52 -43.83 -38.76 -3.21
C ILE A 52 -44.84 -38.68 -2.06
N PRO A 53 -44.50 -39.18 -0.87
CA PRO A 53 -45.45 -39.18 0.24
C PRO A 53 -45.91 -37.78 0.61
N PRO A 54 -44.99 -36.84 0.88
CA PRO A 54 -45.41 -35.60 1.55
C PRO A 54 -46.53 -34.86 0.84
N LEU A 55 -46.64 -34.98 -0.47
CA LEU A 55 -47.73 -34.33 -1.21
C LEU A 55 -48.95 -35.23 -1.34
N GLU A 56 -49.00 -36.33 -0.60
CA GLU A 56 -50.19 -37.17 -0.56
C GLU A 56 -51.26 -36.54 0.32
N LYS A 57 -52.43 -37.16 0.34
CA LYS A 57 -53.53 -36.67 1.16
C LYS A 57 -54.51 -37.82 1.39
N GLU A 58 -55.17 -37.78 2.54
CA GLU A 58 -56.21 -38.74 2.88
C GLU A 58 -57.53 -38.01 3.04
N VAL A 59 -58.61 -38.62 2.54
CA VAL A 59 -59.92 -38.00 2.57
C VAL A 59 -60.97 -39.10 2.54
N TYR A 60 -62.08 -38.87 3.24
CA TYR A 60 -63.19 -39.81 3.25
C TYR A 60 -64.14 -39.52 2.10
N LEU A 61 -64.60 -40.58 1.44
CA LEU A 61 -65.53 -40.43 0.33
C LEU A 61 -66.96 -40.40 0.88
N ASP A 62 -67.90 -40.11 -0.02
CA ASP A 62 -69.32 -39.95 0.33
C ASP A 62 -70.19 -40.77 -0.61
N ILE A 63 -69.84 -42.04 -0.79
CA ILE A 63 -70.58 -42.95 -1.65
C ILE A 63 -72.06 -42.90 -1.31
N LYS A 64 -72.91 -42.65 -2.31
CA LYS A 64 -74.35 -42.74 -2.14
C LYS A 64 -74.86 -44.12 -2.51
N ASP A 65 -74.67 -44.53 -3.77
CA ASP A 65 -75.07 -45.86 -4.23
C ASP A 65 -74.12 -46.22 -5.37
N GLY A 66 -73.04 -46.92 -5.03
CA GLY A 66 -72.09 -47.37 -6.02
C GLY A 66 -71.60 -46.29 -6.96
N VAL A 67 -71.60 -45.04 -6.49
CA VAL A 67 -71.15 -43.89 -7.27
C VAL A 67 -70.28 -43.02 -6.37
N ALA A 68 -69.66 -42.03 -6.98
CA ALA A 68 -68.77 -41.11 -6.28
C ALA A 68 -68.37 -40.00 -7.25
N TYR A 69 -67.51 -39.09 -6.75
CA TYR A 69 -66.98 -38.00 -7.56
C TYR A 69 -65.55 -37.76 -7.15
N ILE A 70 -64.67 -37.62 -8.13
CA ILE A 70 -63.25 -37.46 -7.85
C ILE A 70 -62.99 -36.06 -7.33
N PRO A 71 -62.08 -35.86 -6.37
CA PRO A 71 -61.82 -34.51 -5.89
C PRO A 71 -61.19 -33.67 -6.97
N PRO A 72 -61.32 -32.34 -6.89
CA PRO A 72 -60.68 -31.47 -7.89
C PRO A 72 -59.17 -31.40 -7.75
N ASP A 73 -58.57 -32.07 -6.77
CA ASP A 73 -57.13 -32.06 -6.58
C ASP A 73 -56.57 -33.46 -6.70
N TYR A 74 -57.02 -34.20 -7.71
CA TYR A 74 -56.67 -35.60 -7.90
C TYR A 74 -55.66 -35.72 -9.05
N LEU A 75 -54.54 -36.37 -8.78
CA LEU A 75 -53.53 -36.67 -9.79
C LEU A 75 -53.31 -38.15 -9.97
N GLU A 76 -53.14 -38.90 -8.89
CA GLU A 76 -52.99 -40.35 -8.95
C GLU A 76 -53.47 -40.95 -7.64
N ALA A 77 -54.13 -42.09 -7.73
CA ALA A 77 -54.67 -42.78 -6.57
C ALA A 77 -53.79 -43.98 -6.21
N GLN A 78 -53.64 -44.21 -4.92
CA GLN A 78 -52.99 -45.41 -4.42
C GLN A 78 -53.92 -46.09 -3.42
N TRP A 79 -53.39 -47.00 -2.61
CA TRP A 79 -54.20 -47.90 -1.80
C TRP A 79 -55.45 -47.20 -1.24
N MET A 80 -56.59 -47.85 -1.41
CA MET A 80 -57.84 -47.46 -0.79
C MET A 80 -58.35 -48.61 0.06
N MET A 81 -59.03 -48.27 1.15
CA MET A 81 -59.55 -49.30 2.05
C MET A 81 -60.62 -48.67 2.93
N ARG A 82 -61.14 -49.47 3.86
CA ARG A 82 -62.15 -49.03 4.82
C ARG A 82 -61.50 -48.81 6.18
N ALA A 83 -62.21 -48.07 7.03
CA ALA A 83 -61.72 -47.76 8.36
C ALA A 83 -61.60 -49.00 9.25
N LYS A 84 -62.18 -50.12 8.84
CA LYS A 84 -62.19 -51.34 9.65
C LYS A 84 -61.91 -52.55 8.79
N ASP A 85 -61.07 -53.45 9.30
CA ASP A 85 -60.81 -54.74 8.67
C ASP A 85 -59.93 -54.63 7.44
N GLY A 86 -59.63 -53.41 7.00
CA GLY A 86 -58.78 -53.25 5.83
C GLY A 86 -59.57 -53.38 4.54
N THR A 87 -59.45 -54.54 3.89
CA THR A 87 -60.14 -54.82 2.65
C THR A 87 -59.73 -53.84 1.55
N ILE A 88 -58.43 -53.87 1.23
CA ILE A 88 -57.89 -53.01 0.18
C ILE A 88 -58.67 -53.25 -1.11
N PHE A 89 -59.03 -52.17 -1.79
CA PHE A 89 -59.71 -52.28 -3.07
C PHE A 89 -58.69 -52.37 -4.20
N GLN A 90 -59.13 -52.96 -5.31
CA GLN A 90 -58.29 -53.14 -6.48
C GLN A 90 -58.98 -52.56 -7.70
N VAL A 91 -58.23 -51.82 -8.51
CA VAL A 91 -58.78 -51.13 -9.66
C VAL A 91 -59.06 -52.14 -10.76
N THR A 92 -60.09 -51.84 -11.57
CA THR A 92 -60.47 -52.69 -12.69
C THR A 92 -60.86 -51.77 -13.85
N SER A 93 -61.46 -52.36 -14.87
CA SER A 93 -61.91 -51.65 -16.05
C SER A 93 -63.43 -51.65 -16.14
N PRO A 94 -64.01 -50.76 -16.95
CA PRO A 94 -65.48 -50.75 -17.07
C PRO A 94 -66.03 -52.07 -17.59
N GLU A 95 -65.40 -52.66 -18.60
CA GLU A 95 -65.93 -53.87 -19.21
C GLU A 95 -65.98 -55.05 -18.24
N GLU A 96 -65.28 -54.97 -17.12
CA GLU A 96 -65.30 -56.02 -16.11
C GLU A 96 -66.24 -55.70 -14.96
N ILE A 97 -66.28 -54.44 -14.53
CA ILE A 97 -67.13 -54.04 -13.42
C ILE A 97 -68.57 -53.94 -13.90
N SER A 98 -68.77 -54.00 -15.22
CA SER A 98 -70.10 -54.11 -15.78
C SER A 98 -70.49 -55.55 -16.10
N TYR A 99 -69.53 -56.44 -16.29
CA TYR A 99 -69.80 -57.87 -16.41
C TYR A 99 -70.06 -58.53 -15.07
N ARG A 100 -69.42 -58.06 -14.00
CA ARG A 100 -69.70 -58.59 -12.68
C ARG A 100 -71.18 -58.48 -12.32
N ARG A 101 -71.81 -57.36 -12.69
CA ARG A 101 -73.22 -57.17 -12.37
C ARG A 101 -74.08 -58.21 -13.08
N GLN A 102 -73.83 -58.43 -14.37
CA GLN A 102 -74.57 -59.46 -15.09
C GLN A 102 -74.31 -60.84 -14.50
N HIS A 103 -73.06 -61.28 -14.51
CA HIS A 103 -72.69 -62.60 -13.99
C HIS A 103 -72.14 -62.48 -12.56
N GLY A 104 -73.01 -62.05 -11.66
CA GLY A 104 -72.63 -61.88 -10.26
C GLY A 104 -73.75 -61.37 -9.39
N ASN A 113 -64.69 -62.88 1.49
CA ASN A 113 -65.78 -63.57 0.81
C ASN A 113 -66.31 -62.72 -0.35
N GLN A 114 -66.22 -61.40 -0.20
CA GLN A 114 -66.73 -60.47 -1.21
C GLN A 114 -65.64 -59.45 -1.55
N PRO A 115 -64.83 -59.69 -2.59
CA PRO A 115 -63.84 -58.69 -2.98
C PRO A 115 -64.49 -57.46 -3.58
N VAL A 116 -63.76 -56.35 -3.67
CA VAL A 116 -64.30 -55.08 -4.14
C VAL A 116 -63.52 -54.64 -5.37
N ASN A 117 -64.21 -53.93 -6.26
CA ASN A 117 -63.62 -53.41 -7.48
C ASN A 117 -64.17 -52.01 -7.74
N PHE A 118 -63.35 -51.17 -8.35
CA PHE A 118 -63.75 -49.81 -8.68
C PHE A 118 -63.10 -49.38 -9.99
N ALA A 119 -63.79 -48.50 -10.70
CA ALA A 119 -63.31 -47.98 -11.98
C ALA A 119 -63.39 -46.46 -12.00
N ARG A 120 -63.12 -45.86 -13.16
CA ARG A 120 -63.13 -44.40 -13.31
C ARG A 120 -63.91 -44.08 -14.58
N PHE A 121 -65.16 -43.63 -14.41
CA PHE A 121 -66.02 -43.29 -15.53
C PHE A 121 -65.96 -41.78 -15.79
N GLY A 122 -64.79 -41.34 -16.21
CA GLY A 122 -64.58 -39.93 -16.48
C GLY A 122 -64.24 -39.14 -15.23
N SER A 123 -65.25 -38.94 -14.38
CA SER A 123 -65.05 -38.21 -13.13
C SER A 123 -65.85 -38.83 -11.99
N ARG A 124 -66.06 -40.15 -12.04
CA ARG A 124 -66.87 -40.83 -11.05
C ARG A 124 -66.29 -42.21 -10.79
N PHE A 125 -65.98 -42.50 -9.54
CA PHE A 125 -65.62 -43.86 -9.15
C PHE A 125 -66.88 -44.71 -9.02
N ILE A 126 -66.85 -45.88 -9.65
CA ILE A 126 -68.00 -46.77 -9.71
C ILE A 126 -67.60 -48.08 -9.05
N PHE A 127 -68.16 -48.35 -7.87
CA PHE A 127 -67.92 -49.61 -7.17
C PHE A 127 -69.04 -50.58 -7.50
N TYR A 128 -68.68 -51.85 -7.74
CA TYR A 128 -69.70 -52.84 -8.07
C TYR A 128 -70.59 -53.17 -6.89
N PRO A 129 -70.07 -53.64 -5.75
CA PRO A 129 -70.95 -54.12 -4.68
C PRO A 129 -71.97 -53.09 -4.20
N SER A 130 -71.88 -51.84 -4.65
CA SER A 130 -72.80 -50.79 -4.22
C SER A 130 -72.54 -50.43 -2.76
N ILE A 131 -71.26 -50.31 -2.39
CA ILE A 131 -70.91 -49.99 -1.02
C ILE A 131 -71.51 -48.63 -0.64
N GLU A 132 -71.66 -48.43 0.66
CA GLU A 132 -72.17 -47.19 1.22
C GLU A 132 -71.10 -46.57 2.12
N ALA A 133 -70.92 -45.27 1.99
CA ALA A 133 -69.95 -44.54 2.80
C ALA A 133 -70.61 -43.29 3.36
N ASP A 134 -70.00 -42.77 4.42
CA ASP A 134 -70.52 -41.58 5.10
C ASP A 134 -69.36 -40.69 5.51
N THR A 135 -69.66 -39.40 5.61
CA THR A 135 -68.66 -38.43 6.02
C THR A 135 -68.71 -38.20 7.52
N PRO A 136 -67.62 -37.73 8.12
CA PRO A 136 -67.57 -37.57 9.57
C PRO A 136 -68.31 -36.31 10.02
N TYR A 137 -68.31 -36.09 11.33
CA TYR A 137 -68.94 -34.92 11.91
C TYR A 137 -68.18 -33.67 11.52
N TYR A 138 -68.86 -32.74 10.86
CA TYR A 138 -68.26 -31.53 10.32
C TYR A 138 -67.90 -30.50 11.39
N PRO A 139 -68.67 -30.37 12.50
CA PRO A 139 -68.48 -29.21 13.39
C PRO A 139 -67.10 -28.61 13.67
N ASP A 140 -66.98 -27.30 13.48
CA ASP A 140 -65.71 -26.62 13.65
C ASP A 140 -65.55 -26.04 15.04
N ASP A 141 -66.45 -26.36 15.97
CA ASP A 141 -66.37 -25.81 17.33
C ASP A 141 -65.27 -26.49 18.13
N GLY A 142 -64.03 -26.39 17.64
CA GLY A 142 -62.89 -26.99 18.32
C GLY A 142 -63.14 -28.38 18.84
N SER A 143 -63.86 -29.19 18.05
CA SER A 143 -64.19 -30.55 18.42
C SER A 143 -63.64 -31.54 17.40
N PRO A 144 -63.36 -32.78 17.80
CA PRO A 144 -62.81 -33.76 16.85
C PRO A 144 -63.81 -34.09 15.76
N LEU A 145 -63.29 -34.66 14.66
CA LEU A 145 -64.14 -34.98 13.53
C LEU A 145 -65.05 -36.16 13.81
N ILE A 146 -64.72 -36.99 14.79
CA ILE A 146 -65.54 -38.15 15.13
C ILE A 146 -65.80 -38.96 13.88
N PRO A 147 -64.80 -39.70 13.38
CA PRO A 147 -65.00 -40.47 12.14
C PRO A 147 -66.26 -41.32 12.20
N ALA A 148 -66.79 -41.62 11.02
CA ALA A 148 -68.06 -42.32 10.88
C ALA A 148 -67.85 -43.78 10.56
N GLU A 149 -68.84 -44.60 10.91
CA GLU A 149 -68.81 -46.02 10.61
C GLU A 149 -69.05 -46.25 9.11
N ASN A 150 -68.61 -47.41 8.64
CA ASN A 150 -68.74 -47.78 7.23
C ASN A 150 -68.05 -46.73 6.35
N SER A 151 -66.82 -46.39 6.70
CA SER A 151 -66.06 -45.38 5.99
C SER A 151 -65.09 -46.03 5.02
N VAL A 152 -64.68 -45.25 4.02
CA VAL A 152 -63.70 -45.67 3.03
C VAL A 152 -62.64 -44.60 2.94
N ILE A 153 -61.37 -45.01 3.04
CA ILE A 153 -60.23 -44.09 3.02
C ILE A 153 -59.57 -44.17 1.66
N LEU A 154 -59.13 -43.02 1.15
CA LEU A 154 -58.44 -42.93 -0.12
C LEU A 154 -57.18 -42.10 0.05
N SER A 155 -56.07 -42.59 -0.48
CA SER A 155 -54.78 -41.91 -0.41
C SER A 155 -54.35 -41.57 -1.83
N TYR A 156 -54.31 -40.28 -2.15
CA TYR A 156 -53.96 -39.82 -3.48
C TYR A 156 -52.86 -38.78 -3.38
N TYR A 157 -52.22 -38.53 -4.52
CA TYR A 157 -51.15 -37.52 -4.61
C TYR A 157 -51.80 -36.20 -4.95
N ALA A 158 -52.10 -35.41 -3.93
CA ALA A 158 -52.76 -34.13 -4.13
C ALA A 158 -51.81 -33.12 -4.78
N ASP A 159 -52.37 -32.29 -5.65
CA ASP A 159 -51.58 -31.22 -6.24
C ASP A 159 -51.53 -30.02 -5.28
N PRO A 160 -50.36 -29.43 -5.09
CA PRO A 160 -50.24 -28.34 -4.12
C PRO A 160 -50.78 -27.04 -4.71
N PRO A 161 -51.12 -26.08 -3.86
CA PRO A 161 -51.64 -24.80 -4.37
C PRO A 161 -50.52 -23.86 -4.77
N GLU A 162 -50.85 -22.97 -5.70
CA GLU A 162 -49.90 -21.95 -6.12
C GLU A 162 -49.58 -21.01 -4.96
N PHE A 163 -48.35 -20.49 -4.97
CA PHE A 163 -47.90 -19.65 -3.86
C PHE A 163 -48.77 -18.41 -3.72
N HIS A 164 -48.74 -17.53 -4.72
CA HIS A 164 -49.55 -16.30 -4.72
C HIS A 164 -49.32 -15.49 -3.45
N GLU A 165 -48.12 -15.57 -2.88
CA GLU A 165 -47.81 -14.82 -1.68
C GLU A 165 -46.33 -15.00 -1.37
N ASP A 166 -45.75 -13.99 -0.71
CA ASP A 166 -44.32 -14.03 -0.38
C ASP A 166 -44.05 -14.97 0.77
N THR A 167 -44.71 -14.74 1.92
CA THR A 167 -44.46 -15.55 3.10
C THR A 167 -44.86 -17.01 2.93
N ASP A 168 -45.64 -17.33 1.89
CA ASP A 168 -46.03 -18.71 1.67
C ASP A 168 -44.81 -19.59 1.45
N THR A 169 -44.99 -20.90 1.66
CA THR A 169 -43.90 -21.84 1.55
C THR A 169 -44.46 -23.20 1.14
N SER A 170 -43.60 -24.21 1.14
CA SER A 170 -43.96 -25.57 0.78
C SER A 170 -42.87 -26.50 1.27
N THR A 171 -43.18 -27.80 1.28
CA THR A 171 -42.21 -28.79 1.73
C THR A 171 -40.99 -28.80 0.84
N ILE A 172 -41.12 -28.42 -0.43
CA ILE A 172 -40.00 -28.45 -1.35
C ILE A 172 -38.98 -27.39 -0.97
N LEU A 173 -39.43 -26.18 -0.64
CA LEU A 173 -38.52 -25.11 -0.27
C LEU A 173 -37.61 -25.53 0.88
N THR A 174 -38.09 -26.41 1.76
CA THR A 174 -37.29 -26.89 2.88
C THR A 174 -36.48 -28.12 2.49
N ILE A 175 -37.02 -28.98 1.64
CA ILE A 175 -36.33 -30.20 1.26
C ILE A 175 -35.35 -29.93 0.12
N ALA A 176 -35.86 -29.44 -1.00
CA ALA A 176 -35.05 -29.23 -2.21
C ALA A 176 -35.39 -27.89 -2.84
N PRO A 177 -34.93 -26.79 -2.23
CA PRO A 177 -35.08 -25.49 -2.90
C PRO A 177 -34.22 -25.37 -4.15
N GLU A 178 -33.05 -26.01 -4.17
CA GLU A 178 -32.24 -26.02 -5.37
C GLU A 178 -33.01 -26.56 -6.56
N LEU A 179 -33.92 -27.51 -6.33
CA LEU A 179 -34.71 -28.06 -7.42
C LEU A 179 -35.49 -26.98 -8.14
N LEU A 180 -36.36 -26.27 -7.41
CA LEU A 180 -37.15 -25.22 -8.01
C LEU A 180 -36.25 -24.10 -8.54
N LEU A 181 -35.18 -23.79 -7.82
CA LEU A 181 -34.27 -22.74 -8.27
C LEU A 181 -33.73 -23.05 -9.66
N TYR A 182 -33.19 -24.25 -9.85
CA TYR A 182 -32.61 -24.62 -11.14
C TYR A 182 -33.69 -24.74 -12.21
N PHE A 183 -34.84 -25.32 -11.86
CA PHE A 183 -35.87 -25.53 -12.88
C PHE A 183 -36.51 -24.22 -13.32
N THR A 184 -36.50 -23.20 -12.46
CA THR A 184 -37.02 -21.90 -12.89
C THR A 184 -35.94 -21.08 -13.60
N LEU A 185 -34.68 -21.21 -13.18
CA LEU A 185 -33.62 -20.59 -13.95
C LEU A 185 -33.52 -21.17 -15.34
N ARG A 186 -33.95 -22.42 -15.51
CA ARG A 186 -34.04 -23.00 -16.85
C ARG A 186 -34.96 -22.18 -17.74
N HIS A 187 -36.20 -21.97 -17.30
CA HIS A 187 -37.13 -21.20 -18.11
C HIS A 187 -36.70 -19.74 -18.23
N ALA A 188 -35.98 -19.23 -17.23
CA ALA A 188 -35.45 -17.88 -17.32
C ALA A 188 -34.42 -17.78 -18.45
N CYS A 189 -33.42 -18.66 -18.44
CA CYS A 189 -32.42 -18.71 -19.50
C CYS A 189 -33.00 -19.19 -20.82
N LEU A 190 -34.25 -19.66 -20.83
CA LEU A 190 -34.95 -19.87 -22.09
C LEU A 190 -35.56 -18.56 -22.60
N PHE A 191 -36.16 -17.79 -21.70
CA PHE A 191 -36.71 -16.48 -22.06
C PHE A 191 -35.66 -15.66 -22.79
N VAL A 192 -34.55 -15.39 -22.14
CA VAL A 192 -33.37 -14.81 -22.78
C VAL A 192 -32.63 -15.94 -23.47
N GLN A 193 -32.09 -15.65 -24.66
CA GLN A 193 -31.44 -16.68 -25.47
C GLN A 193 -30.08 -17.03 -24.86
N ASP A 194 -30.11 -17.98 -23.92
CA ASP A 194 -28.92 -18.51 -23.27
C ASP A 194 -29.03 -20.03 -23.27
N ASP A 195 -28.24 -20.70 -24.11
CA ASP A 195 -28.39 -22.13 -24.30
C ASP A 195 -27.58 -22.93 -23.27
N ASN A 196 -26.29 -22.60 -23.11
CA ASN A 196 -25.45 -23.35 -22.18
C ASN A 196 -26.03 -23.31 -20.77
N GLY A 197 -26.53 -22.16 -20.35
CA GLY A 197 -27.18 -22.08 -19.05
C GLY A 197 -28.39 -22.98 -18.95
N VAL A 198 -29.21 -23.00 -20.00
CA VAL A 198 -30.36 -23.88 -20.03
C VAL A 198 -29.91 -25.33 -19.82
N GLN A 199 -28.89 -25.75 -20.57
CA GLN A 199 -28.42 -27.12 -20.47
C GLN A 199 -27.93 -27.43 -19.05
N LYS A 200 -27.12 -26.54 -18.48
CA LYS A 200 -26.59 -26.78 -17.15
C LYS A 200 -27.70 -26.88 -16.12
N TRP A 201 -28.62 -25.92 -16.12
CA TRP A 201 -29.70 -25.92 -15.13
C TRP A 201 -30.58 -27.14 -15.29
N SER A 202 -30.88 -27.53 -16.54
CA SER A 202 -31.72 -28.70 -16.76
C SER A 202 -31.02 -29.97 -16.27
N ALA A 203 -29.73 -30.11 -16.56
CA ALA A 203 -29.00 -31.27 -16.08
C ALA A 203 -29.00 -31.34 -14.56
N LEU A 204 -28.78 -30.20 -13.91
CA LEU A 204 -28.76 -30.19 -12.45
C LEU A 204 -30.12 -30.54 -11.86
N GLY A 205 -31.19 -29.95 -12.41
CA GLY A 205 -32.52 -30.29 -11.94
C GLY A 205 -32.85 -31.75 -12.16
N LYS A 206 -32.45 -32.30 -13.31
CA LYS A 206 -32.69 -33.72 -13.57
C LYS A 206 -31.95 -34.59 -12.57
N ALA A 207 -30.70 -34.24 -12.26
CA ALA A 207 -29.94 -35.00 -11.28
C ALA A 207 -30.60 -34.94 -9.90
N ILE A 208 -31.09 -33.77 -9.52
CA ILE A 208 -31.75 -33.62 -8.22
C ILE A 208 -33.01 -34.47 -8.17
N LEU A 209 -33.82 -34.42 -9.23
CA LEU A 209 -35.05 -35.21 -9.26
C LEU A 209 -34.74 -36.70 -9.25
N ASP A 210 -33.65 -37.10 -9.92
CA ASP A 210 -33.25 -38.50 -9.90
C ASP A 210 -32.86 -38.92 -8.49
N GLU A 211 -32.08 -38.09 -7.80
CA GLU A 211 -31.73 -38.39 -6.41
C GLU A 211 -32.97 -38.53 -5.54
N MET A 212 -33.94 -37.63 -5.73
CA MET A 212 -35.15 -37.68 -4.91
C MET A 212 -35.93 -38.97 -5.16
N VAL A 213 -36.17 -39.30 -6.44
CA VAL A 213 -36.94 -40.51 -6.75
C VAL A 213 -36.19 -41.75 -6.29
N GLU A 214 -34.86 -41.74 -6.34
CA GLU A 214 -34.10 -42.88 -5.84
C GLU A 214 -34.23 -43.00 -4.33
N GLN A 215 -34.24 -41.86 -3.64
CA GLN A 215 -34.45 -41.88 -2.19
C GLN A 215 -35.82 -42.45 -1.86
N ASN A 216 -36.84 -42.09 -2.64
CA ASN A 216 -38.17 -42.63 -2.40
C ASN A 216 -38.24 -44.14 -2.68
N LYS A 217 -37.29 -44.68 -3.43
CA LYS A 217 -37.30 -46.10 -3.73
C LYS A 217 -36.57 -46.92 -2.67
N LYS A 218 -35.54 -46.37 -2.05
CA LYS A 218 -34.77 -47.08 -1.04
C LYS A 218 -35.44 -47.11 0.32
N GLN A 219 -36.63 -46.51 0.45
CA GLN A 219 -37.42 -46.61 1.67
C GLN A 219 -38.60 -47.56 1.49
N GLU A 220 -38.71 -48.22 0.34
CA GLU A 220 -39.80 -49.13 0.03
C GLU A 220 -39.56 -50.50 0.67
N TYR A 221 -40.29 -51.50 0.22
CA TYR A 221 -40.28 -52.83 0.84
C TYR A 221 -38.94 -53.51 0.55
N SER A 222 -37.89 -52.97 1.18
CA SER A 222 -36.53 -53.40 0.92
C SER A 222 -35.98 -54.33 2.01
N GLY A 223 -36.30 -54.03 3.27
CA GLY A 223 -35.70 -54.73 4.38
C GLY A 223 -36.16 -56.16 4.55
N SER A 224 -35.97 -56.98 3.51
CA SER A 224 -36.37 -58.38 3.56
C SER A 224 -35.93 -59.13 2.31
N PRO A 225 -35.74 -60.45 2.39
CA PRO A 225 -35.39 -61.21 1.19
C PRO A 225 -36.51 -61.18 0.16
N ILE A 226 -36.12 -61.33 -1.12
CA ILE A 226 -37.07 -61.37 -2.21
C ILE A 226 -37.48 -62.80 -2.57
N ALA A 227 -37.01 -63.79 -1.82
CA ALA A 227 -37.28 -65.19 -2.11
C ALA A 227 -38.47 -65.67 -1.29
N ILE A 228 -38.77 -66.97 -1.38
CA ILE A 228 -39.89 -67.58 -0.68
C ILE A 228 -41.17 -66.85 -1.10
N PRO A 229 -41.58 -66.96 -2.36
CA PRO A 229 -42.82 -66.28 -2.79
C PRO A 229 -44.00 -66.57 -1.87
N ASN A 230 -44.75 -65.54 -1.50
CA ASN A 230 -45.90 -65.72 -0.62
C ASN A 230 -46.93 -66.79 -1.01
N ASN A 231 -47.71 -67.24 -0.03
CA ASN A 231 -48.62 -68.35 -0.24
C ASN A 231 -50.05 -67.95 0.13
N MET A 232 -50.48 -66.79 -0.37
CA MET A 232 -51.83 -66.31 -0.11
C MET A 232 -52.84 -67.06 -0.97
N THR A 233 -52.85 -68.39 -0.89
CA THR A 233 -53.65 -69.16 -1.82
C THR A 233 -55.13 -69.04 -1.54
N ARG A 234 -55.61 -69.60 -0.43
CA ARG A 234 -57.03 -69.73 -0.16
C ARG A 234 -57.26 -70.20 1.26
N LEU A 235 -58.53 -70.37 1.65
CA LEU A 235 -58.86 -71.06 2.89
C LEU A 235 -58.86 -72.57 2.73
N GLN A 236 -58.72 -73.07 1.51
CA GLN A 236 -58.73 -74.50 1.25
C GLN A 236 -57.31 -75.04 1.19
N SER A 237 -56.83 -75.61 2.30
CA SER A 237 -55.50 -76.20 2.35
C SER A 237 -55.18 -77.51 1.62
N MET B 3 -7.90 -15.37 0.33
CA MET B 3 -7.74 -14.26 1.28
C MET B 3 -7.69 -14.78 2.72
N PRO B 4 -8.78 -15.42 3.18
CA PRO B 4 -8.81 -15.86 4.58
C PRO B 4 -7.81 -16.96 4.88
N ASP B 5 -7.56 -17.22 6.16
CA ASP B 5 -6.64 -18.25 6.61
C ASP B 5 -7.45 -19.44 7.12
N VAL B 6 -6.76 -20.54 7.40
CA VAL B 6 -7.41 -21.75 7.88
C VAL B 6 -6.35 -22.70 8.45
N GLN B 7 -6.75 -23.54 9.39
CA GLN B 7 -5.87 -24.51 10.01
C GLN B 7 -5.94 -25.82 9.24
N TYR B 8 -4.90 -26.64 9.43
CA TYR B 8 -4.79 -27.91 8.72
C TYR B 8 -6.06 -28.76 8.78
N PRO B 9 -6.65 -29.05 9.94
CA PRO B 9 -7.88 -29.83 9.95
C PRO B 9 -9.13 -28.97 9.80
N ILE B 10 -9.98 -29.32 8.84
CA ILE B 10 -11.25 -28.63 8.65
C ILE B 10 -12.27 -29.35 9.53
N ASN B 11 -12.36 -28.93 10.80
CA ASN B 11 -13.17 -29.63 11.79
C ASN B 11 -14.59 -29.10 11.92
N THR B 12 -14.82 -27.81 11.66
CA THR B 12 -16.10 -27.19 11.96
C THR B 12 -16.62 -26.41 10.75
N TYR B 13 -17.87 -25.98 10.88
CA TYR B 13 -18.50 -25.16 9.85
C TYR B 13 -17.76 -23.83 9.67
N GLY B 14 -17.31 -23.23 10.77
CA GLY B 14 -16.66 -21.94 10.69
C GLY B 14 -15.43 -21.96 9.80
N TRP B 15 -14.61 -23.01 9.90
CA TRP B 15 -13.43 -23.13 9.07
C TRP B 15 -13.73 -23.68 7.69
N LEU B 16 -14.80 -24.46 7.54
CA LEU B 16 -15.17 -24.97 6.23
C LEU B 16 -15.65 -23.84 5.32
N LYS B 17 -16.47 -22.94 5.86
CA LYS B 17 -16.97 -21.83 5.05
C LYS B 17 -15.85 -20.88 4.63
N LYS B 18 -14.71 -20.92 5.30
CA LYS B 18 -13.56 -20.13 4.90
C LYS B 18 -12.66 -20.88 3.94
N ALA B 19 -12.49 -22.19 4.16
CA ALA B 19 -11.73 -23.00 3.20
C ALA B 19 -12.41 -23.02 1.85
N VAL B 20 -13.74 -22.93 1.82
CA VAL B 20 -14.45 -22.86 0.55
C VAL B 20 -14.03 -21.62 -0.23
N ALA B 21 -14.09 -20.46 0.43
CA ALA B 21 -13.67 -19.23 -0.23
C ALA B 21 -12.18 -19.23 -0.55
N LEU B 22 -11.38 -19.97 0.21
CA LEU B 22 -9.95 -20.05 -0.10
C LEU B 22 -9.71 -20.86 -1.37
N TRP B 23 -10.21 -22.09 -1.41
CA TRP B 23 -10.01 -22.96 -2.56
C TRP B 23 -10.61 -22.39 -3.83
N ALA B 24 -11.42 -21.34 -3.74
CA ALA B 24 -11.97 -20.65 -4.90
C ALA B 24 -11.72 -19.16 -4.72
N ASP B 25 -10.75 -18.63 -5.48
CA ASP B 25 -10.41 -17.22 -5.38
C ASP B 25 -11.61 -16.31 -5.61
N ARG B 26 -12.73 -16.84 -6.11
CA ARG B 26 -13.95 -16.07 -6.28
C ARG B 26 -14.58 -15.82 -4.92
N ASP B 27 -13.97 -14.92 -4.14
CA ASP B 27 -14.42 -14.61 -2.79
C ASP B 27 -14.68 -13.12 -2.66
N ASP B 28 -15.86 -12.77 -2.17
CA ASP B 28 -16.22 -11.38 -1.94
C ASP B 28 -17.51 -11.28 -1.14
N ASP B 29 -18.00 -10.07 -0.92
CA ASP B 29 -19.21 -9.87 -0.13
C ASP B 29 -20.37 -10.65 -0.72
N GLU B 30 -20.70 -10.39 -1.99
CA GLU B 30 -21.85 -11.01 -2.62
C GLU B 30 -21.71 -12.52 -2.76
N PHE B 31 -20.54 -13.08 -2.48
CA PHE B 31 -20.28 -14.50 -2.62
C PHE B 31 -20.25 -15.23 -1.29
N VAL B 32 -19.51 -14.70 -0.31
CA VAL B 32 -19.38 -15.38 0.98
C VAL B 32 -20.73 -15.48 1.68
N ASN B 33 -21.62 -14.52 1.45
CA ASN B 33 -22.91 -14.53 2.13
C ASN B 33 -23.78 -15.72 1.73
N GLN B 34 -23.51 -16.33 0.58
CA GLN B 34 -24.30 -17.45 0.09
C GLN B 34 -23.60 -18.79 0.24
N ILE B 35 -22.37 -18.80 0.74
CA ILE B 35 -21.64 -20.04 0.99
C ILE B 35 -22.50 -20.96 1.86
N PRO B 36 -23.20 -20.43 2.87
CA PRO B 36 -24.12 -21.30 3.62
C PRO B 36 -25.15 -21.99 2.74
N ASN B 37 -25.67 -21.29 1.72
CA ASN B 37 -26.66 -21.90 0.84
C ASN B 37 -26.02 -22.99 -0.02
N PHE B 38 -24.80 -22.76 -0.50
CA PHE B 38 -24.09 -23.78 -1.27
C PHE B 38 -23.84 -25.02 -0.42
N ILE B 39 -23.45 -24.82 0.84
CA ILE B 39 -23.20 -25.95 1.73
C ILE B 39 -24.52 -26.68 2.02
N ASN B 40 -25.61 -25.94 2.17
CA ASN B 40 -26.91 -26.55 2.36
C ASN B 40 -27.27 -27.44 1.17
N PHE B 41 -27.10 -26.91 -0.04
CA PHE B 41 -27.40 -27.69 -1.24
C PHE B 41 -26.51 -28.93 -1.31
N ALA B 42 -25.23 -28.78 -0.98
CA ALA B 42 -24.32 -29.91 -1.05
C ALA B 42 -24.71 -31.00 -0.05
N GLU B 43 -24.98 -30.62 1.19
CA GLU B 43 -25.36 -31.61 2.19
C GLU B 43 -26.69 -32.27 1.83
N LYS B 44 -27.62 -31.52 1.24
CA LYS B 44 -28.87 -32.12 0.79
C LYS B 44 -28.60 -33.14 -0.32
N GLU B 45 -27.76 -32.78 -1.29
CA GLU B 45 -27.44 -33.71 -2.36
C GLU B 45 -26.71 -34.94 -1.83
N ILE B 46 -26.00 -34.79 -0.72
CA ILE B 46 -25.27 -35.92 -0.14
C ILE B 46 -26.24 -36.85 0.59
N TYR B 47 -26.92 -36.33 1.61
CA TYR B 47 -27.78 -37.17 2.43
C TYR B 47 -28.99 -37.71 1.69
N ARG B 48 -29.26 -37.22 0.48
CA ARG B 48 -30.41 -37.72 -0.27
C ARG B 48 -30.25 -39.19 -0.62
N ASN B 49 -29.01 -39.66 -0.80
CA ASN B 49 -28.75 -41.04 -1.17
C ASN B 49 -27.66 -41.70 -0.33
N LEU B 50 -26.92 -40.95 0.49
CA LEU B 50 -25.88 -41.54 1.30
C LEU B 50 -26.49 -42.33 2.45
N ARG B 51 -26.08 -43.59 2.59
CA ARG B 51 -26.55 -44.48 3.65
C ARG B 51 -25.35 -45.13 4.30
N ILE B 52 -25.07 -44.74 5.54
CA ILE B 52 -23.93 -45.28 6.28
C ILE B 52 -24.29 -45.35 7.76
N PRO B 53 -23.52 -46.07 8.57
CA PRO B 53 -23.83 -46.19 10.00
C PRO B 53 -23.90 -44.85 10.70
N PRO B 54 -22.87 -44.01 10.61
CA PRO B 54 -22.79 -42.84 11.50
C PRO B 54 -24.01 -41.95 11.48
N LEU B 55 -24.87 -42.05 10.46
CA LEU B 55 -26.12 -41.30 10.42
C LEU B 55 -27.33 -42.16 10.76
N GLU B 56 -27.12 -43.34 11.32
CA GLU B 56 -28.21 -44.21 11.71
C GLU B 56 -28.74 -43.78 13.08
N LYS B 57 -29.84 -44.43 13.50
CA LYS B 57 -30.43 -44.15 14.80
C LYS B 57 -31.41 -45.25 15.20
N GLU B 58 -31.22 -45.82 16.37
CA GLU B 58 -32.13 -46.81 16.92
C GLU B 58 -33.04 -46.15 17.94
N VAL B 59 -34.29 -46.62 18.00
CA VAL B 59 -35.28 -46.05 18.90
C VAL B 59 -36.43 -47.03 19.05
N TYR B 60 -37.06 -47.02 20.22
CA TYR B 60 -38.25 -47.80 20.44
C TYR B 60 -39.45 -47.12 19.80
N LEU B 61 -40.48 -47.92 19.52
CA LEU B 61 -41.70 -47.45 18.87
C LEU B 61 -42.91 -47.72 19.75
N ASP B 62 -44.03 -47.10 19.38
CA ASP B 62 -45.32 -47.31 20.02
C ASP B 62 -46.28 -47.75 18.92
N ILE B 63 -46.63 -49.03 18.90
CA ILE B 63 -47.41 -49.57 17.78
C ILE B 63 -48.86 -49.16 17.91
N LYS B 64 -49.47 -49.41 19.06
CA LYS B 64 -50.90 -49.16 19.26
C LYS B 64 -51.73 -49.93 18.24
N ASP B 65 -51.27 -51.12 17.86
CA ASP B 65 -52.00 -52.05 17.00
C ASP B 65 -52.59 -51.32 15.77
N GLY B 66 -51.69 -50.91 14.89
CA GLY B 66 -52.11 -50.09 13.76
C GLY B 66 -51.50 -48.71 13.72
N VAL B 67 -52.26 -47.72 14.19
CA VAL B 67 -52.05 -46.29 13.90
C VAL B 67 -50.58 -45.85 14.00
N ALA B 68 -49.72 -46.69 14.58
CA ALA B 68 -48.29 -46.37 14.73
C ALA B 68 -47.77 -45.53 13.58
N TYR B 69 -47.12 -44.43 13.91
CA TYR B 69 -46.73 -43.41 12.94
C TYR B 69 -45.23 -43.45 12.69
N ILE B 70 -44.85 -42.99 11.51
CA ILE B 70 -43.44 -42.96 11.09
C ILE B 70 -42.79 -41.71 11.68
N PRO B 71 -41.63 -41.82 12.31
CA PRO B 71 -40.99 -40.63 12.88
C PRO B 71 -40.59 -39.65 11.79
N PRO B 72 -40.36 -38.39 12.14
CA PRO B 72 -40.04 -37.40 11.10
C PRO B 72 -38.73 -37.67 10.38
N ASP B 73 -37.74 -38.20 11.08
CA ASP B 73 -36.41 -38.42 10.51
C ASP B 73 -36.31 -39.72 9.72
N TYR B 74 -37.42 -40.31 9.33
CA TYR B 74 -37.39 -41.60 8.63
C TYR B 74 -36.93 -41.40 7.19
N LEU B 75 -35.87 -42.09 6.81
CA LEU B 75 -35.37 -42.13 5.44
C LEU B 75 -35.28 -43.54 4.88
N GLU B 76 -34.83 -44.50 5.68
CA GLU B 76 -34.72 -45.88 5.26
C GLU B 76 -34.59 -46.75 6.49
N ALA B 77 -35.30 -47.87 6.50
CA ALA B 77 -35.39 -48.73 7.67
C ALA B 77 -34.37 -49.85 7.59
N GLN B 78 -33.58 -50.00 8.64
CA GLN B 78 -32.69 -51.14 8.79
C GLN B 78 -33.45 -52.25 9.53
N TRP B 79 -32.73 -53.26 10.00
CA TRP B 79 -33.33 -54.34 10.76
C TRP B 79 -34.31 -53.80 11.80
N MET B 80 -35.44 -54.49 11.93
CA MET B 80 -36.48 -54.15 12.90
C MET B 80 -36.77 -55.39 13.72
N MET B 81 -36.80 -55.24 15.05
CA MET B 81 -36.92 -56.40 15.93
C MET B 81 -37.40 -55.92 17.29
N ARG B 82 -37.38 -56.84 18.26
CA ARG B 82 -37.75 -56.57 19.64
C ARG B 82 -36.53 -56.69 20.54
N ALA B 83 -36.75 -56.50 21.84
CA ALA B 83 -35.71 -56.63 22.85
C ALA B 83 -35.99 -57.81 23.77
N LYS B 84 -36.76 -58.79 23.32
CA LYS B 84 -37.16 -59.94 24.13
C LYS B 84 -37.03 -61.20 23.28
N ASP B 85 -35.95 -61.96 23.50
CA ASP B 85 -35.71 -63.24 22.85
C ASP B 85 -35.41 -63.10 21.36
N GLY B 86 -35.51 -61.88 20.82
CA GLY B 86 -35.13 -61.66 19.44
C GLY B 86 -36.19 -62.08 18.45
N THR B 87 -36.51 -61.21 17.50
CA THR B 87 -37.42 -61.55 16.42
C THR B 87 -37.35 -60.48 15.34
N ILE B 88 -37.18 -60.88 14.09
CA ILE B 88 -37.00 -59.96 12.97
C ILE B 88 -38.28 -59.92 12.16
N PHE B 89 -38.78 -58.72 11.91
CA PHE B 89 -39.95 -58.51 11.08
C PHE B 89 -39.58 -58.50 9.61
N GLN B 90 -40.55 -58.76 8.75
CA GLN B 90 -40.39 -58.66 7.31
C GLN B 90 -41.50 -57.78 6.75
N VAL B 91 -41.13 -56.96 5.78
CA VAL B 91 -42.03 -55.97 5.21
C VAL B 91 -42.76 -56.58 4.02
N THR B 92 -44.07 -56.31 3.96
CA THR B 92 -44.91 -56.80 2.87
C THR B 92 -45.81 -55.66 2.41
N SER B 93 -46.66 -55.95 1.44
CA SER B 93 -47.51 -54.94 0.82
C SER B 93 -48.83 -54.83 1.57
N PRO B 94 -49.57 -53.73 1.34
CA PRO B 94 -50.87 -53.59 2.01
C PRO B 94 -51.83 -54.73 1.73
N GLU B 95 -51.83 -55.25 0.50
CA GLU B 95 -52.77 -56.31 0.14
C GLU B 95 -52.51 -57.57 0.94
N GLU B 96 -51.24 -57.90 1.17
CA GLU B 96 -50.91 -59.08 1.95
C GLU B 96 -51.47 -58.96 3.37
N ILE B 97 -51.34 -57.78 3.98
CA ILE B 97 -51.84 -57.60 5.34
C ILE B 97 -53.37 -57.63 5.35
N SER B 98 -54.00 -57.02 4.35
CA SER B 98 -55.46 -57.07 4.28
C SER B 98 -55.94 -58.50 4.13
N TYR B 99 -55.19 -59.33 3.42
CA TYR B 99 -55.54 -60.73 3.29
C TYR B 99 -55.34 -61.47 4.60
N ARG B 100 -54.22 -61.20 5.28
CA ARG B 100 -53.94 -61.84 6.55
C ARG B 100 -55.02 -61.52 7.58
N ARG B 101 -55.54 -60.28 7.55
CA ARG B 101 -56.53 -59.86 8.53
C ARG B 101 -57.71 -60.83 8.58
N GLN B 102 -58.33 -61.09 7.43
CA GLN B 102 -59.49 -61.97 7.38
C GLN B 102 -59.06 -63.43 7.47
N HIS B 103 -58.22 -63.86 6.53
CA HIS B 103 -57.75 -65.24 6.51
C HIS B 103 -56.83 -65.52 7.70
N GLY B 104 -57.24 -66.43 8.57
CA GLY B 104 -56.46 -66.77 9.75
C GLY B 104 -57.17 -67.74 10.67
N ASN B 113 -48.70 -67.61 15.41
CA ASN B 113 -48.35 -66.22 15.16
C ASN B 113 -46.83 -66.02 15.24
N GLN B 114 -46.08 -66.99 14.70
CA GLN B 114 -44.63 -66.89 14.77
C GLN B 114 -44.11 -65.72 13.95
N PRO B 115 -44.39 -65.62 12.65
CA PRO B 115 -43.91 -64.47 11.88
C PRO B 115 -44.78 -63.25 12.11
N VAL B 116 -44.16 -62.08 11.92
CA VAL B 116 -44.83 -60.79 12.07
C VAL B 116 -44.44 -59.92 10.89
N ASN B 117 -45.43 -59.37 10.20
CA ASN B 117 -45.21 -58.53 9.03
C ASN B 117 -45.58 -57.09 9.36
N PHE B 118 -45.30 -56.20 8.39
CA PHE B 118 -45.65 -54.80 8.52
C PHE B 118 -45.56 -54.15 7.15
N ALA B 119 -46.21 -52.99 7.03
CA ALA B 119 -46.27 -52.27 5.77
C ALA B 119 -46.13 -50.78 6.07
N ARG B 120 -46.39 -49.96 5.06
CA ARG B 120 -46.27 -48.51 5.16
C ARG B 120 -47.51 -47.88 4.53
N PHE B 121 -48.47 -47.49 5.37
CA PHE B 121 -49.70 -46.85 4.92
C PHE B 121 -49.52 -45.35 5.08
N GLY B 122 -49.10 -44.68 4.00
CA GLY B 122 -48.85 -43.26 4.08
C GLY B 122 -47.74 -42.95 5.06
N SER B 123 -48.10 -42.38 6.20
CA SER B 123 -47.16 -42.07 7.28
C SER B 123 -47.42 -42.93 8.51
N ARG B 124 -47.72 -44.20 8.30
CA ARG B 124 -47.96 -45.15 9.38
C ARG B 124 -47.24 -46.46 9.10
N PHE B 125 -47.09 -47.26 10.15
CA PHE B 125 -46.55 -48.61 10.07
C PHE B 125 -47.60 -49.56 10.62
N ILE B 126 -48.25 -50.29 9.74
CA ILE B 126 -49.34 -51.19 10.11
C ILE B 126 -48.76 -52.56 10.42
N PHE B 127 -49.42 -53.28 11.32
CA PHE B 127 -49.04 -54.63 11.70
C PHE B 127 -50.30 -55.48 11.78
N TYR B 128 -50.25 -56.68 11.21
CA TYR B 128 -51.44 -57.53 11.23
C TYR B 128 -51.84 -57.91 12.65
N PRO B 129 -50.97 -58.46 13.48
CA PRO B 129 -51.38 -58.78 14.85
C PRO B 129 -51.61 -57.51 15.67
N SER B 130 -52.51 -57.62 16.64
CA SER B 130 -52.83 -56.50 17.52
C SER B 130 -51.69 -56.33 18.52
N ILE B 131 -50.64 -55.65 18.08
CA ILE B 131 -49.47 -55.40 18.92
C ILE B 131 -49.84 -54.38 19.99
N GLU B 132 -49.21 -54.51 21.15
CA GLU B 132 -49.46 -53.63 22.29
C GLU B 132 -48.14 -53.12 22.86
N ALA B 133 -47.26 -52.65 21.99
CA ALA B 133 -46.01 -52.06 22.43
C ALA B 133 -46.27 -50.82 23.26
N ASP B 134 -45.46 -50.64 24.30
CA ASP B 134 -45.64 -49.56 25.26
C ASP B 134 -44.39 -48.71 25.32
N THR B 135 -44.57 -47.40 25.46
CA THR B 135 -43.48 -46.45 25.59
C THR B 135 -43.94 -45.30 26.48
N PRO B 136 -43.00 -44.62 27.14
CA PRO B 136 -43.39 -43.48 27.97
C PRO B 136 -43.95 -42.34 27.13
N TYR B 137 -44.88 -41.60 27.71
CA TYR B 137 -45.56 -40.53 27.00
C TYR B 137 -44.58 -39.38 26.73
N TYR B 138 -45.08 -38.35 26.05
CA TYR B 138 -44.21 -37.28 25.60
C TYR B 138 -43.60 -36.49 26.74
N PRO B 139 -44.38 -35.89 27.65
CA PRO B 139 -43.79 -34.94 28.61
C PRO B 139 -43.04 -35.63 29.74
N ASP B 140 -42.79 -36.93 29.62
CA ASP B 140 -42.07 -37.65 30.65
C ASP B 140 -40.69 -37.03 30.86
N ASP B 141 -40.31 -36.87 32.13
CA ASP B 141 -39.02 -36.31 32.51
C ASP B 141 -38.05 -37.45 32.76
N GLY B 142 -36.96 -37.48 31.99
CA GLY B 142 -35.98 -38.54 32.09
C GLY B 142 -36.63 -39.91 32.12
N SER B 143 -36.48 -40.63 33.22
CA SER B 143 -37.17 -41.89 33.43
C SER B 143 -36.94 -42.84 32.26
N PRO B 144 -35.76 -43.43 32.13
CA PRO B 144 -35.52 -44.42 31.06
C PRO B 144 -36.62 -45.47 31.00
N LEU B 145 -37.26 -45.73 32.14
CA LEU B 145 -38.44 -46.58 32.29
C LEU B 145 -38.07 -48.05 32.34
N ILE B 146 -36.81 -48.43 32.20
CA ILE B 146 -36.42 -49.85 32.19
C ILE B 146 -37.28 -50.55 31.14
N PRO B 147 -36.99 -50.38 29.85
CA PRO B 147 -37.92 -50.81 28.79
C PRO B 147 -38.63 -52.12 29.08
N ALA B 148 -39.97 -52.06 29.07
CA ALA B 148 -40.77 -53.23 29.36
C ALA B 148 -40.71 -54.23 28.20
N GLU B 149 -41.45 -55.32 28.35
CA GLU B 149 -41.51 -56.31 27.29
C GLU B 149 -42.28 -55.76 26.10
N ASN B 150 -42.45 -56.62 25.08
CA ASN B 150 -43.15 -56.26 23.86
C ASN B 150 -42.74 -54.88 23.37
N SER B 151 -41.45 -54.55 23.53
CA SER B 151 -40.91 -53.25 23.15
C SER B 151 -40.09 -53.43 21.87
N VAL B 152 -40.68 -53.05 20.74
CA VAL B 152 -39.98 -53.17 19.46
C VAL B 152 -38.94 -52.07 19.36
N ILE B 153 -37.80 -52.40 18.76
CA ILE B 153 -36.70 -51.46 18.56
C ILE B 153 -36.46 -51.34 17.07
N LEU B 154 -36.59 -50.13 16.54
CA LEU B 154 -36.42 -49.86 15.12
C LEU B 154 -35.07 -49.21 14.86
N SER B 155 -34.42 -49.65 13.79
CA SER B 155 -33.15 -49.09 13.35
C SER B 155 -33.34 -48.56 11.93
N TYR B 156 -33.09 -47.28 11.73
CA TYR B 156 -33.28 -46.64 10.44
C TYR B 156 -32.17 -45.61 10.23
N TYR B 157 -32.24 -44.94 9.08
CA TYR B 157 -31.30 -43.88 8.74
C TYR B 157 -31.99 -42.53 8.96
N ALA B 158 -31.45 -41.74 9.88
CA ALA B 158 -32.05 -40.48 10.26
C ALA B 158 -31.40 -39.33 9.50
N ASP B 159 -32.21 -38.33 9.16
CA ASP B 159 -31.69 -37.17 8.44
C ASP B 159 -30.86 -36.32 9.39
N PRO B 160 -29.59 -36.08 9.11
CA PRO B 160 -28.74 -35.33 10.04
C PRO B 160 -29.15 -33.88 10.13
N PRO B 161 -28.67 -33.16 11.13
CA PRO B 161 -29.05 -31.75 11.29
C PRO B 161 -28.26 -30.83 10.36
N GLU B 162 -28.85 -29.67 10.09
CA GLU B 162 -28.22 -28.65 9.28
C GLU B 162 -27.39 -27.73 10.17
N PHE B 163 -26.24 -27.30 9.64
CA PHE B 163 -25.36 -26.43 10.40
C PHE B 163 -26.04 -25.09 10.66
N HIS B 164 -25.94 -24.62 11.90
CA HIS B 164 -26.50 -23.33 12.27
C HIS B 164 -25.55 -22.47 13.08
N GLU B 165 -24.38 -22.99 13.48
CA GLU B 165 -23.40 -22.24 14.23
C GLU B 165 -22.00 -22.65 13.79
N ASP B 166 -21.08 -21.68 13.79
CA ASP B 166 -19.72 -21.95 13.36
C ASP B 166 -19.08 -23.06 14.19
N THR B 167 -19.43 -23.13 15.47
CA THR B 167 -18.90 -24.18 16.33
C THR B 167 -19.58 -25.52 16.08
N ASP B 168 -20.66 -25.55 15.31
CA ASP B 168 -21.35 -26.80 15.03
C ASP B 168 -20.51 -27.68 14.11
N THR B 169 -20.26 -28.90 14.55
CA THR B 169 -19.46 -29.86 13.80
C THR B 169 -20.31 -31.09 13.49
N SER B 170 -19.77 -31.97 12.67
CA SER B 170 -20.45 -33.19 12.29
C SER B 170 -19.42 -34.24 11.91
N THR B 171 -19.84 -35.51 11.99
CA THR B 171 -18.93 -36.60 11.67
C THR B 171 -18.38 -36.47 10.26
N ILE B 172 -19.14 -35.87 9.34
CA ILE B 172 -18.68 -35.73 7.97
C ILE B 172 -17.43 -34.85 7.91
N LEU B 173 -17.38 -33.82 8.76
CA LEU B 173 -16.22 -32.95 8.77
C LEU B 173 -14.98 -33.67 9.27
N THR B 174 -15.14 -34.52 10.28
CA THR B 174 -14.01 -35.23 10.87
C THR B 174 -13.63 -36.48 10.09
N ILE B 175 -14.47 -36.93 9.17
CA ILE B 175 -14.24 -38.16 8.42
C ILE B 175 -13.91 -37.86 6.96
N ALA B 176 -14.51 -36.85 6.37
CA ALA B 176 -14.32 -36.55 4.96
C ALA B 176 -14.75 -35.12 4.64
N PRO B 177 -13.92 -34.12 4.94
CA PRO B 177 -14.31 -32.74 4.62
C PRO B 177 -14.20 -32.41 3.15
N GLU B 178 -13.26 -33.03 2.43
CA GLU B 178 -13.12 -32.76 1.01
C GLU B 178 -14.40 -33.04 0.25
N LEU B 179 -15.19 -34.01 0.72
CA LEU B 179 -16.46 -34.32 0.07
C LEU B 179 -17.37 -33.10 0.08
N LEU B 180 -17.64 -32.55 1.26
CA LEU B 180 -18.47 -31.36 1.36
C LEU B 180 -17.86 -30.20 0.60
N LEU B 181 -16.54 -30.03 0.71
CA LEU B 181 -15.89 -28.90 0.05
C LEU B 181 -16.09 -28.96 -1.45
N TYR B 182 -15.96 -30.15 -2.05
CA TYR B 182 -16.13 -30.28 -3.49
C TYR B 182 -17.59 -30.15 -3.88
N PHE B 183 -18.49 -30.82 -3.16
CA PHE B 183 -19.91 -30.73 -3.49
C PHE B 183 -20.48 -29.34 -3.31
N THR B 184 -19.82 -28.48 -2.53
CA THR B 184 -20.26 -27.10 -2.40
C THR B 184 -19.53 -26.16 -3.34
N LEU B 185 -18.27 -26.45 -3.68
CA LEU B 185 -17.61 -25.70 -4.74
C LEU B 185 -18.33 -25.93 -6.07
N ARG B 186 -18.98 -27.07 -6.23
CA ARG B 186 -19.81 -27.29 -7.41
C ARG B 186 -20.87 -26.20 -7.52
N HIS B 187 -21.71 -26.07 -6.49
CA HIS B 187 -22.77 -25.06 -6.54
C HIS B 187 -22.20 -23.65 -6.52
N ALA B 188 -21.01 -23.47 -5.95
CA ALA B 188 -20.39 -22.15 -6.00
C ALA B 188 -20.02 -21.77 -7.44
N CYS B 189 -19.25 -22.62 -8.11
CA CYS B 189 -18.92 -22.40 -9.51
C CYS B 189 -20.14 -22.38 -10.41
N LEU B 190 -21.28 -22.92 -9.95
CA LEU B 190 -22.52 -22.74 -10.68
C LEU B 190 -23.10 -21.34 -10.45
N PHE B 191 -23.09 -20.88 -9.20
CA PHE B 191 -23.55 -19.53 -8.89
C PHE B 191 -22.89 -18.51 -9.80
N VAL B 192 -21.55 -18.50 -9.80
CA VAL B 192 -20.80 -17.75 -10.79
C VAL B 192 -20.76 -18.60 -12.06
N GLN B 193 -20.30 -18.01 -13.16
CA GLN B 193 -20.28 -18.69 -14.46
C GLN B 193 -18.96 -19.43 -14.59
N ASP B 194 -19.01 -20.75 -14.46
CA ASP B 194 -17.82 -21.59 -14.59
C ASP B 194 -18.27 -23.04 -14.74
N ASP B 195 -17.72 -23.74 -15.72
CA ASP B 195 -18.12 -25.11 -16.03
C ASP B 195 -17.02 -26.13 -15.81
N ASN B 196 -15.78 -25.81 -16.14
CA ASN B 196 -14.68 -26.76 -15.94
C ASN B 196 -14.55 -27.11 -14.47
N GLY B 197 -14.54 -26.10 -13.60
CA GLY B 197 -14.49 -26.36 -12.18
C GLY B 197 -15.70 -27.17 -11.71
N VAL B 198 -16.89 -26.84 -12.22
CA VAL B 198 -18.08 -27.59 -11.86
C VAL B 198 -17.87 -29.07 -12.15
N GLN B 199 -17.45 -29.38 -13.38
CA GLN B 199 -17.29 -30.77 -13.77
C GLN B 199 -16.23 -31.46 -12.93
N LYS B 200 -15.09 -30.80 -12.71
CA LYS B 200 -14.01 -31.43 -11.95
C LYS B 200 -14.43 -31.70 -10.51
N TRP B 201 -15.04 -30.71 -9.86
CA TRP B 201 -15.46 -30.89 -8.49
C TRP B 201 -16.55 -31.95 -8.37
N SER B 202 -17.47 -31.99 -9.34
CA SER B 202 -18.50 -33.01 -9.32
C SER B 202 -17.89 -34.41 -9.45
N ALA B 203 -16.95 -34.57 -10.38
CA ALA B 203 -16.29 -35.86 -10.54
C ALA B 203 -15.57 -36.28 -9.27
N LEU B 204 -14.84 -35.35 -8.65
CA LEU B 204 -14.09 -35.69 -7.44
C LEU B 204 -15.03 -36.04 -6.30
N GLY B 205 -16.11 -35.28 -6.12
CA GLY B 205 -17.07 -35.62 -5.07
C GLY B 205 -17.72 -36.97 -5.30
N LYS B 206 -18.07 -37.27 -6.55
CA LYS B 206 -18.67 -38.56 -6.86
C LYS B 206 -17.68 -39.69 -6.60
N ALA B 207 -16.41 -39.47 -6.91
CA ALA B 207 -15.39 -40.49 -6.63
C ALA B 207 -15.27 -40.73 -5.13
N ILE B 208 -15.26 -39.65 -4.35
CA ILE B 208 -15.15 -39.80 -2.89
C ILE B 208 -16.36 -40.55 -2.35
N LEU B 209 -17.55 -40.21 -2.83
CA LEU B 209 -18.75 -40.90 -2.36
C LEU B 209 -18.74 -42.36 -2.75
N ASP B 210 -18.27 -42.67 -3.96
CA ASP B 210 -18.15 -44.06 -4.38
C ASP B 210 -17.18 -44.81 -3.47
N GLU B 211 -16.05 -44.19 -3.14
CA GLU B 211 -15.10 -44.82 -2.23
C GLU B 211 -15.74 -45.11 -0.88
N MET B 212 -16.50 -44.14 -0.36
CA MET B 212 -17.12 -44.32 0.95
C MET B 212 -18.16 -45.43 0.94
N VAL B 213 -19.00 -45.48 -0.10
CA VAL B 213 -20.03 -46.51 -0.15
C VAL B 213 -19.40 -47.88 -0.39
N GLU B 214 -18.30 -47.93 -1.14
CA GLU B 214 -17.60 -49.20 -1.34
C GLU B 214 -16.98 -49.67 -0.03
N GLN B 215 -16.46 -48.73 0.76
CA GLN B 215 -15.96 -49.09 2.09
C GLN B 215 -17.07 -49.66 2.95
N ASN B 216 -18.23 -48.99 2.96
CA ASN B 216 -19.37 -49.50 3.71
C ASN B 216 -19.75 -50.90 3.24
N LYS B 217 -19.69 -51.14 1.93
CA LYS B 217 -20.04 -52.46 1.40
C LYS B 217 -19.05 -53.52 1.87
N LYS B 218 -17.75 -53.26 1.66
CA LYS B 218 -16.73 -54.20 2.11
C LYS B 218 -16.73 -54.37 3.63
N GLN B 219 -17.40 -53.48 4.36
CA GLN B 219 -17.47 -53.61 5.80
C GLN B 219 -18.52 -54.64 6.22
N GLU B 220 -19.61 -54.75 5.48
CA GLU B 220 -20.70 -55.64 5.85
C GLU B 220 -20.42 -57.07 5.37
N TYR B 221 -20.68 -58.03 6.25
CA TYR B 221 -20.42 -59.43 5.95
C TYR B 221 -18.98 -59.62 5.50
N SER B 222 -18.03 -59.20 6.34
CA SER B 222 -16.61 -59.21 5.99
C SER B 222 -15.79 -59.82 7.11
N GLY B 223 -16.19 -60.98 7.60
CA GLY B 223 -15.43 -61.68 8.61
C GLY B 223 -15.26 -63.16 8.32
N SER B 224 -15.90 -63.64 7.26
CA SER B 224 -15.82 -65.04 6.88
C SER B 224 -16.62 -65.29 5.62
N PRO B 225 -16.38 -66.39 4.91
CA PRO B 225 -17.21 -66.69 3.73
C PRO B 225 -18.59 -67.18 4.14
N ILE B 226 -19.42 -67.56 3.16
CA ILE B 226 -20.76 -68.04 3.43
C ILE B 226 -21.02 -69.26 2.56
N ALA B 227 -21.76 -70.22 3.11
CA ALA B 227 -22.20 -71.41 2.37
C ALA B 227 -23.49 -71.89 3.01
N ILE B 228 -24.62 -71.68 2.33
CA ILE B 228 -25.92 -72.07 2.85
C ILE B 228 -25.90 -73.57 3.17
N PRO B 229 -26.15 -73.95 4.42
CA PRO B 229 -26.10 -75.37 4.77
C PRO B 229 -27.38 -76.11 4.43
N ASN B 230 -27.77 -76.06 3.15
CA ASN B 230 -29.00 -76.68 2.65
C ASN B 230 -30.21 -76.60 3.58
N ASN B 231 -30.49 -75.40 4.08
CA ASN B 231 -31.61 -75.18 5.00
C ASN B 231 -32.92 -75.67 4.40
N MET B 232 -33.50 -76.70 5.02
CA MET B 232 -34.80 -77.21 4.62
C MET B 232 -35.66 -77.34 5.89
N THR B 233 -35.70 -76.25 6.66
CA THR B 233 -36.47 -76.15 7.91
C THR B 233 -36.43 -77.35 8.84
N ARG B 234 -35.24 -77.67 9.35
CA ARG B 234 -35.07 -78.78 10.29
C ARG B 234 -36.12 -78.74 11.39
N LEU B 235 -36.54 -77.54 11.78
CA LEU B 235 -37.55 -77.35 12.83
C LEU B 235 -38.93 -77.27 12.15
N GLN B 236 -39.69 -78.34 12.26
CA GLN B 236 -41.05 -78.40 11.72
C GLN B 236 -42.09 -78.76 12.77
N SER B 237 -41.70 -79.51 13.81
CA SER B 237 -42.64 -79.95 14.83
C SER B 237 -43.28 -78.76 15.53
N SER B 238 -42.47 -77.88 16.09
CA SER B 238 -42.97 -76.71 16.81
C SER B 238 -43.76 -77.15 18.04
N ALA C 2 -9.08 -16.75 -29.60
CA ALA C 2 -9.22 -15.30 -29.49
C ALA C 2 -8.45 -14.78 -28.28
N LEU C 3 -8.25 -13.46 -28.23
CA LEU C 3 -7.51 -12.84 -27.15
C LEU C 3 -8.14 -11.49 -26.84
N TYR C 4 -8.11 -11.13 -25.55
CA TYR C 4 -8.70 -9.88 -25.07
C TYR C 4 -7.75 -9.21 -24.09
N PRO C 5 -6.59 -8.75 -24.55
CA PRO C 5 -5.67 -8.04 -23.66
C PRO C 5 -6.03 -6.57 -23.53
N ILE C 6 -5.71 -5.99 -22.37
CA ILE C 6 -5.89 -4.57 -22.10
C ILE C 6 -4.56 -4.05 -21.59
N LYS C 7 -3.74 -3.54 -22.49
CA LYS C 7 -2.40 -3.06 -22.16
C LYS C 7 -2.29 -1.57 -22.44
N SER C 8 -1.15 -1.01 -22.08
CA SER C 8 -0.83 0.40 -22.33
C SER C 8 -1.98 1.30 -21.85
N LEU C 9 -2.29 1.16 -20.56
CA LEU C 9 -3.37 1.95 -19.98
C LEU C 9 -3.09 3.44 -20.02
N GLY C 10 -1.83 3.84 -20.18
CA GLY C 10 -1.44 5.23 -20.24
C GLY C 10 -1.09 5.75 -21.61
N ALA C 11 -1.24 4.92 -22.66
CA ALA C 11 -0.93 5.39 -24.01
C ALA C 11 -1.81 6.57 -24.38
N VAL C 12 -3.10 6.51 -24.01
CA VAL C 12 -4.04 7.60 -24.24
C VAL C 12 -4.86 7.76 -22.97
N GLY C 13 -5.13 9.02 -22.61
CA GLY C 13 -5.78 9.31 -21.36
C GLY C 13 -7.28 9.54 -21.49
N VAL C 14 -7.73 10.74 -21.13
CA VAL C 14 -9.15 11.05 -21.11
C VAL C 14 -9.61 11.36 -22.53
N ILE C 15 -10.71 10.73 -22.94
CA ILE C 15 -11.35 11.00 -24.22
C ILE C 15 -12.84 11.18 -23.92
N ALA C 16 -13.25 12.43 -23.73
CA ALA C 16 -14.65 12.77 -23.53
C ALA C 16 -15.22 13.30 -24.84
N ASP C 17 -16.45 13.80 -24.80
CA ASP C 17 -17.12 14.35 -25.96
C ASP C 17 -17.22 13.33 -27.09
N GLN C 18 -17.08 12.05 -26.76
CA GLN C 18 -17.09 10.99 -27.75
C GLN C 18 -17.84 9.80 -27.18
N ALA C 19 -18.48 9.05 -28.08
CA ALA C 19 -19.29 7.91 -27.67
C ALA C 19 -18.45 6.95 -26.84
N PRO C 20 -18.69 6.84 -25.53
CA PRO C 20 -17.86 5.96 -24.70
C PRO C 20 -17.94 4.50 -25.13
N THR C 21 -18.99 4.10 -25.84
CA THR C 21 -19.12 2.75 -26.36
C THR C 21 -18.47 2.59 -27.72
N ASP C 22 -17.61 3.53 -28.12
CA ASP C 22 -16.89 3.45 -29.39
C ASP C 22 -15.44 3.87 -29.23
N LEU C 23 -14.88 3.71 -28.02
CA LEU C 23 -13.50 4.05 -27.73
C LEU C 23 -12.68 2.77 -27.56
N ALA C 24 -11.42 2.94 -27.18
CA ALA C 24 -10.53 1.81 -26.94
C ALA C 24 -10.55 1.45 -25.46
N PRO C 25 -10.12 0.22 -25.12
CA PRO C 25 -10.12 -0.17 -23.70
C PRO C 25 -9.12 0.61 -22.87
N ASN C 26 -8.13 1.25 -23.48
CA ASN C 26 -7.10 1.99 -22.76
C ASN C 26 -7.42 3.48 -22.68
N ALA C 27 -8.71 3.82 -22.62
CA ALA C 27 -9.16 5.19 -22.53
C ALA C 27 -10.08 5.36 -21.33
N PHE C 28 -10.37 6.62 -21.00
CA PHE C 28 -11.22 6.95 -19.86
C PHE C 28 -12.12 8.12 -20.23
N THR C 29 -13.36 8.07 -19.73
CA THR C 29 -14.31 9.15 -19.95
C THR C 29 -14.15 10.29 -18.97
N ASN C 30 -13.32 10.13 -17.94
CA ASN C 30 -13.09 11.17 -16.95
C ASN C 30 -11.93 10.75 -16.06
N ALA C 31 -11.13 11.72 -15.67
CA ALA C 31 -9.98 11.46 -14.82
C ALA C 31 -9.62 12.74 -14.08
N ILE C 32 -8.92 12.57 -12.96
CA ILE C 32 -8.49 13.70 -12.15
C ILE C 32 -7.33 13.27 -11.27
N ASN C 33 -6.30 14.11 -11.16
CA ASN C 33 -5.14 13.83 -10.32
C ASN C 33 -4.44 12.55 -10.77
N ALA C 34 -4.32 12.37 -12.09
CA ALA C 34 -3.68 11.21 -12.68
C ALA C 34 -2.51 11.63 -13.55
N ARG C 35 -1.58 10.70 -13.76
CA ARG C 35 -0.38 10.95 -14.53
C ARG C 35 -0.04 9.69 -15.33
N PHE C 36 0.13 9.85 -16.64
CA PHE C 36 0.37 8.75 -17.55
C PHE C 36 1.72 8.94 -18.23
N VAL C 37 2.51 7.87 -18.31
CA VAL C 37 3.66 7.88 -19.22
C VAL C 37 3.64 6.62 -20.09
N GLU C 38 2.86 6.66 -21.17
CA GLU C 38 2.97 5.77 -22.31
C GLU C 38 2.74 4.29 -22.02
N GLN C 39 2.77 3.89 -20.75
CA GLN C 39 2.46 2.51 -20.42
C GLN C 39 1.80 2.34 -19.05
N ARG C 40 1.53 3.41 -18.31
CA ARG C 40 1.27 3.28 -16.88
C ARG C 40 0.42 4.45 -16.42
N VAL C 41 -0.21 4.26 -15.27
CA VAL C 41 -1.05 5.27 -14.63
C VAL C 41 -0.79 5.22 -13.13
N PHE C 42 -0.69 6.39 -12.51
CA PHE C 42 -0.48 6.46 -11.08
C PHE C 42 -0.95 7.81 -10.57
N LYS C 43 -1.19 7.89 -9.27
CA LYS C 43 -1.72 9.10 -8.66
C LYS C 43 -0.73 10.25 -8.87
N THR C 44 -1.27 11.42 -9.17
CA THR C 44 -0.48 12.62 -9.33
C THR C 44 -0.04 13.15 -7.96
N GLY C 45 1.15 13.75 -7.93
CA GLY C 45 1.65 14.34 -6.71
C GLY C 45 0.72 15.41 -6.18
N GLY C 46 0.43 15.34 -4.88
CA GLY C 46 -0.48 16.28 -4.25
C GLY C 46 0.14 17.64 -4.06
N ASN C 47 -0.38 18.36 -3.06
CA ASN C 47 0.08 19.71 -2.74
C ASN C 47 0.54 19.76 -1.29
N ALA C 48 1.17 20.87 -0.93
CA ALA C 48 1.65 21.08 0.42
C ALA C 48 2.12 22.52 0.58
N PRO C 49 2.08 23.07 1.79
CA PRO C 49 2.53 24.45 1.99
C PRO C 49 4.04 24.61 1.84
N LEU C 50 4.51 25.84 1.92
CA LEU C 50 5.93 26.14 1.78
C LEU C 50 6.21 27.54 2.29
N SER C 51 7.23 27.69 3.14
CA SER C 51 7.52 28.98 3.75
C SER C 51 9.01 29.13 3.92
N TYR C 52 9.60 30.07 3.18
CA TYR C 52 11.00 30.42 3.41
C TYR C 52 11.19 31.00 4.80
N VAL C 53 10.28 31.88 5.23
CA VAL C 53 10.30 32.47 6.56
C VAL C 53 8.89 32.44 7.12
N ASP C 54 8.79 32.68 8.42
CA ASP C 54 7.49 32.65 9.09
C ASP C 54 6.64 33.88 8.79
N GLU C 55 7.17 34.86 8.05
CA GLU C 55 6.42 36.06 7.73
C GLU C 55 5.62 35.95 6.44
N ASP C 56 5.98 35.00 5.57
CA ASP C 56 5.27 34.84 4.30
C ASP C 56 3.98 34.06 4.44
N LYS C 57 3.79 33.34 5.55
CA LYS C 57 2.57 32.57 5.76
C LYS C 57 1.34 33.45 5.99
N ASP C 58 1.49 34.76 5.96
CA ASP C 58 0.37 35.70 6.11
C ASP C 58 0.37 36.68 4.94
N LEU C 59 0.54 36.16 3.73
CA LEU C 59 0.68 36.98 2.54
C LEU C 59 -0.07 36.33 1.38
N THR C 60 -0.72 37.16 0.57
CA THR C 60 -1.43 36.71 -0.63
C THR C 60 -0.69 37.21 -1.86
N PRO C 61 0.26 36.43 -2.39
CA PRO C 61 1.03 36.91 -3.54
C PRO C 61 0.25 36.80 -4.84
N LEU C 62 0.53 37.72 -5.76
CA LEU C 62 -0.11 37.74 -7.06
C LEU C 62 0.81 37.28 -8.18
N SER C 63 2.13 37.32 -7.98
CA SER C 63 3.08 36.90 -8.99
C SER C 63 4.48 36.97 -8.40
N PHE C 64 5.41 36.27 -9.04
CA PHE C 64 6.79 36.24 -8.58
C PHE C 64 7.68 35.65 -9.66
N VAL C 65 8.98 35.86 -9.49
CA VAL C 65 9.99 35.33 -10.40
C VAL C 65 11.24 35.01 -9.59
N SER C 66 11.92 33.94 -9.97
CA SER C 66 13.12 33.48 -9.26
C SER C 66 14.33 34.14 -9.89
N MET C 67 14.74 35.27 -9.34
CA MET C 67 15.96 35.93 -9.78
C MET C 67 17.16 35.13 -9.30
N PRO C 68 18.05 34.69 -10.19
CA PRO C 68 19.15 33.82 -9.74
C PRO C 68 20.29 34.57 -9.07
N PHE C 69 20.57 35.80 -9.53
CA PHE C 69 21.70 36.56 -9.06
C PHE C 69 21.30 38.00 -8.78
N ASP C 70 22.20 38.73 -8.13
CA ASP C 70 22.06 40.14 -7.85
C ASP C 70 23.39 40.65 -7.31
N TYR C 71 23.75 41.89 -7.67
CA TYR C 71 25.03 42.43 -7.26
C TYR C 71 25.24 42.31 -5.77
N TYR C 72 24.27 42.77 -4.98
CA TYR C 72 24.41 42.71 -3.53
C TYR C 72 24.35 41.28 -3.03
N SER C 73 23.47 40.45 -3.59
CA SER C 73 23.38 39.07 -3.18
C SER C 73 24.60 38.28 -3.65
N ALA C 74 24.90 37.22 -2.93
CA ALA C 74 26.00 36.32 -3.30
C ALA C 74 25.50 35.38 -4.39
N GLY C 75 26.27 34.32 -4.65
CA GLY C 75 25.87 33.34 -5.65
C GLY C 75 24.71 32.48 -5.17
N ASN C 76 23.60 33.12 -4.82
CA ASN C 76 22.41 32.43 -4.34
C ASN C 76 21.19 33.10 -4.94
N SER C 77 20.19 32.29 -5.28
CA SER C 77 18.99 32.81 -5.90
C SER C 77 18.01 33.34 -4.84
N PHE C 78 17.07 34.16 -5.29
CA PHE C 78 16.06 34.74 -4.43
C PHE C 78 14.77 34.87 -5.23
N LEU C 79 13.76 35.51 -4.63
CA LEU C 79 12.47 35.69 -5.25
C LEU C 79 12.08 37.16 -5.24
N VAL C 80 11.34 37.56 -6.26
CA VAL C 80 10.77 38.91 -6.35
C VAL C 80 9.27 38.73 -6.46
N VAL C 81 8.59 38.74 -5.31
CA VAL C 81 7.16 38.49 -5.23
C VAL C 81 6.43 39.81 -5.04
N GLY C 82 5.26 39.92 -5.65
CA GLY C 82 4.44 41.11 -5.53
C GLY C 82 3.12 40.83 -4.85
N THR C 83 2.51 41.87 -4.28
CA THR C 83 1.23 41.74 -3.61
C THR C 83 0.32 42.85 -4.13
N ASN C 84 -0.86 42.98 -3.51
CA ASN C 84 -1.82 43.96 -3.98
C ASN C 84 -1.31 45.38 -3.90
N LYS C 85 -0.33 45.65 -3.04
CA LYS C 85 0.12 47.03 -2.81
C LYS C 85 1.63 47.17 -2.87
N LYS C 86 2.35 46.09 -2.55
CA LYS C 86 3.80 46.18 -2.36
C LYS C 86 4.49 45.05 -3.09
N LEU C 87 5.81 45.20 -3.24
CA LEU C 87 6.68 44.19 -3.83
C LEU C 87 7.69 43.75 -2.77
N TYR C 88 7.79 42.45 -2.56
CA TYR C 88 8.66 41.89 -1.52
C TYR C 88 9.73 41.01 -2.13
N LYS C 89 10.80 40.83 -1.36
CA LYS C 89 11.91 39.97 -1.74
C LYS C 89 12.25 39.08 -0.56
N LEU C 90 12.50 37.80 -0.83
CA LEU C 90 12.87 36.84 0.20
C LEU C 90 13.98 35.95 -0.32
N THR C 91 14.93 35.63 0.55
CA THR C 91 16.09 34.82 0.18
C THR C 91 16.39 33.79 1.26
N ASP C 92 15.34 33.22 1.85
CA ASP C 92 15.42 32.16 2.85
C ASP C 92 15.96 32.64 4.19
N GLU C 93 16.23 33.93 4.35
CA GLU C 93 16.78 34.46 5.59
C GLU C 93 15.96 35.59 6.20
N SER C 94 15.31 36.41 5.38
CA SER C 94 14.51 37.51 5.90
C SER C 94 13.68 38.09 4.75
N LEU C 95 12.62 38.80 5.12
CA LEU C 95 11.73 39.45 4.16
C LEU C 95 12.05 40.94 4.12
N THR C 96 11.95 41.51 2.92
CA THR C 96 12.25 42.92 2.71
C THR C 96 11.30 43.50 1.69
N ASP C 97 10.84 44.72 1.94
CA ASP C 97 9.97 45.45 1.04
C ASP C 97 10.85 46.38 0.20
N ILE C 98 10.98 46.04 -1.09
CA ILE C 98 11.82 46.82 -2.00
C ILE C 98 10.92 47.61 -2.95
N SER C 99 9.70 47.88 -2.51
CA SER C 99 8.79 48.68 -3.34
C SER C 99 9.37 50.06 -3.59
N ARG C 100 9.25 50.51 -4.83
CA ARG C 100 9.77 51.83 -5.20
C ARG C 100 9.19 52.89 -4.29
N LYS C 101 10.06 53.72 -3.72
CA LYS C 101 9.64 54.83 -2.87
C LYS C 101 9.58 56.12 -3.68
N VAL C 102 8.64 56.98 -3.30
CA VAL C 102 8.44 58.25 -3.98
C VAL C 102 9.21 59.33 -3.26
N ALA C 103 9.73 60.31 -4.02
CA ALA C 103 10.51 61.41 -3.48
C ALA C 103 9.59 62.61 -3.30
N THR C 104 9.33 62.97 -2.05
CA THR C 104 8.46 64.12 -1.78
C THR C 104 9.20 65.44 -2.00
N VAL C 105 10.48 65.49 -1.66
CA VAL C 105 11.28 66.70 -1.78
C VAL C 105 12.60 66.34 -2.47
N THR C 106 13.10 67.27 -3.28
CA THR C 106 14.35 67.07 -4.00
C THR C 106 15.11 68.39 -4.06
N LYS C 107 16.43 68.31 -3.93
CA LYS C 107 17.29 69.48 -4.00
C LYS C 107 18.52 69.14 -4.84
N LYS C 108 18.88 70.05 -5.73
CA LYS C 108 19.99 69.86 -6.64
C LYS C 108 21.22 70.61 -6.14
N ALA C 109 22.39 70.20 -6.64
CA ALA C 109 23.65 70.83 -6.28
C ALA C 109 24.49 71.01 -7.53
N SER C 110 24.87 72.24 -7.82
CA SER C 110 25.70 72.53 -8.98
C SER C 110 27.16 72.31 -8.66
N ALA C 111 27.90 71.79 -9.64
CA ALA C 111 29.33 71.51 -9.46
C ALA C 111 29.97 71.43 -10.83
N SER C 112 30.87 72.37 -11.13
CA SER C 112 31.57 72.39 -12.39
C SER C 112 32.94 71.73 -12.26
N ILE C 113 33.45 71.25 -13.39
CA ILE C 113 34.76 70.60 -13.45
C ILE C 113 35.42 70.98 -14.76
N LYS C 114 36.74 71.14 -14.72
CA LYS C 114 37.53 71.51 -15.90
C LYS C 114 38.62 70.45 -16.09
N ILE C 115 38.63 69.83 -17.26
CA ILE C 115 39.62 68.83 -17.61
C ILE C 115 40.56 69.46 -18.63
N TYR C 116 41.80 69.71 -18.22
CA TYR C 116 42.77 70.31 -19.11
C TYR C 116 43.01 69.38 -20.30
N PRO C 117 43.39 69.95 -21.45
CA PRO C 117 43.55 69.13 -22.65
C PRO C 117 44.62 68.06 -22.46
N VAL C 118 44.35 66.88 -23.03
CA VAL C 118 45.31 65.78 -23.02
C VAL C 118 46.03 65.67 -24.35
N VAL C 119 45.64 66.45 -25.35
CA VAL C 119 46.33 66.43 -26.63
C VAL C 119 47.69 67.07 -26.50
N SER C 120 48.68 66.49 -27.18
CA SER C 120 50.07 66.92 -27.19
C SER C 120 50.81 66.47 -25.92
N GLN C 121 50.11 65.88 -24.95
CA GLN C 121 50.79 65.29 -23.79
C GLN C 121 51.35 63.91 -24.08
N ILE C 122 50.98 63.32 -25.23
CA ILE C 122 51.46 62.00 -25.64
C ILE C 122 52.94 62.14 -26.01
N VAL C 123 53.60 61.01 -26.22
CA VAL C 123 55.03 60.95 -26.52
C VAL C 123 55.42 62.10 -27.45
N PRO C 124 56.48 62.85 -27.15
CA PRO C 124 56.86 63.97 -28.01
C PRO C 124 57.72 63.49 -29.17
N LYS C 125 58.13 64.44 -30.00
CA LYS C 125 59.03 64.19 -31.11
C LYS C 125 60.28 65.04 -30.95
N GLU C 126 61.40 64.52 -31.45
CA GLU C 126 62.71 65.12 -31.25
C GLU C 126 63.25 65.63 -32.58
N SER C 127 63.78 66.86 -32.56
CA SER C 127 64.42 67.41 -33.74
C SER C 127 65.84 66.89 -33.90
N THR C 128 66.63 66.95 -32.82
CA THR C 128 68.00 66.43 -32.83
C THR C 128 67.99 65.03 -32.21
N ILE C 129 67.53 64.07 -33.01
CA ILE C 129 67.45 62.69 -32.54
C ILE C 129 68.81 62.19 -32.09
N SER C 130 69.88 62.64 -32.75
CA SER C 130 71.23 62.25 -32.40
C SER C 130 72.16 63.43 -32.61
N MET C 131 73.22 63.49 -31.80
CA MET C 131 74.18 64.59 -31.88
C MET C 131 75.51 64.08 -31.37
N ASN C 132 76.50 63.98 -32.25
CA ASN C 132 77.83 63.54 -31.91
C ASN C 132 78.74 64.75 -31.71
N PHE C 133 79.58 64.70 -30.68
CA PHE C 133 80.51 65.78 -30.37
C PHE C 133 81.89 65.18 -30.17
N ASN C 134 82.85 66.04 -29.86
CA ASN C 134 84.24 65.64 -29.72
C ASN C 134 84.45 65.00 -28.34
N GLN C 135 85.71 64.81 -27.97
CA GLN C 135 86.03 64.12 -26.72
C GLN C 135 85.40 64.82 -25.52
N THR C 136 85.76 66.07 -25.29
CA THR C 136 85.37 66.80 -24.09
C THR C 136 84.65 68.09 -24.47
N LYS C 137 83.71 67.98 -25.39
CA LYS C 137 82.86 69.10 -25.78
C LYS C 137 81.58 69.10 -24.93
N ASN C 138 81.06 70.30 -24.71
CA ASN C 138 79.88 70.51 -23.88
C ASN C 138 78.82 71.28 -24.65
N LEU C 139 78.57 70.86 -25.89
CA LEU C 139 77.57 71.51 -26.72
C LEU C 139 76.21 71.46 -26.05
N GLU C 140 75.57 72.63 -25.96
CA GLU C 140 74.24 72.71 -25.38
C GLU C 140 73.24 71.93 -26.24
N VAL C 141 72.09 71.62 -25.64
CA VAL C 141 71.06 70.83 -26.30
C VAL C 141 69.85 71.70 -26.55
N SER C 142 69.25 71.54 -27.74
CA SER C 142 68.07 72.30 -28.13
C SER C 142 67.00 71.34 -28.60
N LEU C 143 65.84 71.39 -27.97
CA LEU C 143 64.73 70.49 -28.29
C LEU C 143 63.48 71.02 -27.61
N LEU C 144 62.33 70.55 -28.10
CA LEU C 144 61.06 70.89 -27.50
C LEU C 144 60.14 69.68 -27.57
N PRO C 145 59.38 69.39 -26.51
CA PRO C 145 58.37 68.33 -26.60
C PRO C 145 57.19 68.75 -27.44
N ALA C 146 56.13 67.94 -27.48
CA ALA C 146 54.98 68.23 -28.33
C ALA C 146 54.25 69.44 -27.78
N ASP C 147 54.62 70.63 -28.27
CA ASP C 147 53.96 71.88 -27.92
C ASP C 147 54.32 72.35 -26.50
N ALA C 148 55.04 71.52 -25.75
CA ALA C 148 55.46 71.83 -24.39
C ALA C 148 54.35 72.57 -23.63
N ASN C 149 53.19 71.92 -23.57
CA ASN C 149 51.98 72.53 -23.04
C ASN C 149 51.42 71.70 -21.90
N ASN C 150 51.11 72.35 -20.79
CA ASN C 150 50.37 71.85 -19.64
C ASN C 150 51.20 70.92 -18.75
N THR C 151 52.43 70.59 -19.12
CA THR C 151 53.23 69.67 -18.32
C THR C 151 54.70 69.98 -18.50
N ASN C 152 55.51 69.47 -17.57
CA ASN C 152 56.96 69.56 -17.60
C ASN C 152 57.54 68.17 -17.85
N LEU C 153 58.86 68.11 -17.94
CA LEU C 153 59.56 66.85 -18.20
C LEU C 153 60.77 66.76 -17.28
N ILE C 154 61.42 65.60 -17.32
CA ILE C 154 62.61 65.33 -16.53
C ILE C 154 63.65 64.71 -17.45
N TRP C 155 64.81 65.35 -17.53
CA TRP C 155 65.89 64.88 -18.39
C TRP C 155 66.77 63.91 -17.61
N GLU C 156 66.89 62.69 -18.11
CA GLU C 156 67.71 61.65 -17.50
C GLU C 156 68.67 61.09 -18.52
N VAL C 157 69.82 60.64 -18.04
CA VAL C 157 70.86 60.07 -18.89
C VAL C 157 71.38 58.80 -18.24
N SER C 158 71.52 57.74 -19.04
CA SER C 158 72.05 56.48 -18.53
C SER C 158 73.56 56.57 -18.38
N ASN C 159 74.07 55.86 -17.37
CA ASN C 159 75.51 55.85 -17.08
C ASN C 159 76.02 57.28 -16.88
N SER C 160 75.52 57.92 -15.83
CA SER C 160 75.86 59.31 -15.52
C SER C 160 77.28 59.40 -14.98
N SER C 161 78.23 59.05 -15.84
CA SER C 161 79.65 59.09 -15.53
C SER C 161 80.46 59.77 -16.61
N TYR C 162 79.81 60.38 -17.61
CA TYR C 162 80.48 61.05 -18.72
C TYR C 162 80.67 62.54 -18.46
N GLY C 163 80.82 62.93 -17.19
CA GLY C 163 81.05 64.33 -16.85
C GLY C 163 80.84 64.58 -15.38
N SER C 164 81.61 65.52 -14.81
CA SER C 164 81.42 65.86 -13.41
C SER C 164 79.96 66.14 -13.09
N ILE C 165 79.29 66.89 -13.95
CA ILE C 165 77.84 67.10 -13.90
C ILE C 165 77.32 66.87 -15.31
N THR C 166 76.86 65.65 -15.58
CA THR C 166 76.44 65.30 -16.93
C THR C 166 75.32 66.20 -17.42
N VAL C 167 74.17 66.14 -16.76
CA VAL C 167 73.02 66.98 -17.08
C VAL C 167 72.48 67.54 -15.77
N ASP C 168 72.57 68.86 -15.61
CA ASP C 168 72.08 69.50 -14.40
C ASP C 168 70.57 69.70 -14.48
N PRO C 169 69.90 69.92 -13.34
CA PRO C 169 68.46 70.16 -13.38
C PRO C 169 68.08 71.29 -14.30
N SER C 170 67.19 71.02 -15.25
CA SER C 170 66.75 72.04 -16.19
C SER C 170 66.24 73.27 -15.43
N ASP C 171 66.74 74.44 -15.84
CA ASP C 171 66.34 75.68 -15.18
C ASP C 171 64.82 75.85 -15.21
N SER C 172 64.25 75.95 -16.41
CA SER C 172 62.80 76.03 -16.58
C SER C 172 62.26 74.82 -17.32
N LYS C 173 62.80 74.51 -18.50
CA LYS C 173 62.38 73.36 -19.29
C LYS C 173 63.53 72.50 -19.77
N LEU C 174 64.66 73.10 -20.10
CA LEU C 174 65.80 72.40 -20.67
C LEU C 174 67.04 72.54 -19.79
N ALA C 175 68.01 71.66 -20.02
CA ALA C 175 69.28 71.71 -19.30
C ALA C 175 70.43 71.67 -20.30
N THR C 176 71.66 71.65 -19.80
CA THR C 176 72.85 71.66 -20.63
C THR C 176 73.47 70.27 -20.65
N LEU C 177 74.46 70.08 -21.53
CA LEU C 177 75.16 68.82 -21.68
C LEU C 177 76.66 69.07 -21.60
N THR C 178 77.39 68.01 -21.22
CA THR C 178 78.84 68.06 -21.13
C THR C 178 79.38 66.73 -21.67
N SER C 179 80.67 66.49 -21.42
CA SER C 179 81.32 65.27 -21.90
C SER C 179 82.50 64.96 -20.99
N PHE C 180 83.15 63.82 -21.28
CA PHE C 180 84.31 63.38 -20.54
C PHE C 180 85.29 62.74 -21.51
N GLU C 181 86.50 62.50 -21.04
CA GLU C 181 87.57 61.94 -21.88
C GLU C 181 87.45 60.42 -21.94
N LYS C 182 86.38 59.96 -22.58
CA LYS C 182 86.17 58.54 -22.81
C LYS C 182 85.10 58.38 -23.87
N GLU C 183 85.07 57.22 -24.51
CA GLU C 183 84.14 56.91 -25.57
C GLU C 183 83.12 55.89 -25.09
N GLY C 184 82.26 55.46 -25.99
CA GLY C 184 81.22 54.50 -25.70
C GLY C 184 79.86 54.98 -26.15
N ASN C 185 78.90 54.07 -26.06
CA ASN C 185 77.51 54.32 -26.42
C ASN C 185 76.66 54.48 -25.18
N LEU C 186 75.75 55.45 -25.20
CA LEU C 186 74.86 55.71 -24.09
C LEU C 186 73.50 56.13 -24.65
N VAL C 187 72.55 56.37 -23.75
CA VAL C 187 71.20 56.79 -24.10
C VAL C 187 70.75 57.86 -23.13
N VAL C 188 70.05 58.86 -23.66
CA VAL C 188 69.52 59.97 -22.87
C VAL C 188 68.00 59.85 -22.89
N THR C 189 67.42 59.43 -21.77
CA THR C 189 65.98 59.24 -21.66
C THR C 189 65.35 60.52 -21.11
N ILE C 190 64.50 61.15 -21.92
CA ILE C 190 63.77 62.35 -21.49
C ILE C 190 62.40 61.86 -21.04
N SER C 191 62.30 61.57 -19.74
CA SER C 191 61.08 61.03 -19.15
C SER C 191 60.22 62.16 -18.61
N THR C 192 58.91 61.97 -18.70
CA THR C 192 57.97 62.94 -18.14
C THR C 192 57.93 62.80 -16.62
N ALA C 193 57.01 63.52 -15.99
CA ALA C 193 56.92 63.48 -14.53
C ALA C 193 56.66 62.06 -14.03
N ASN C 194 55.50 61.51 -14.37
CA ASN C 194 55.15 60.15 -13.99
C ASN C 194 54.51 59.33 -15.09
N GLU C 195 53.91 59.96 -16.11
CA GLU C 195 53.23 59.22 -17.15
C GLU C 195 54.21 58.32 -17.91
N SER C 196 53.65 57.29 -18.55
CA SER C 196 54.46 56.32 -19.29
C SER C 196 54.88 56.92 -20.63
N VAL C 197 55.82 57.87 -20.54
CA VAL C 197 56.39 58.53 -21.71
C VAL C 197 57.90 58.59 -21.49
N VAL C 198 58.63 57.72 -22.17
CA VAL C 198 60.08 57.62 -22.04
C VAL C 198 60.67 57.66 -23.44
N ALA C 199 61.27 58.78 -23.80
CA ALA C 199 61.91 58.94 -25.10
C ALA C 199 63.33 58.39 -25.02
N GLN C 200 64.12 58.62 -26.06
CA GLN C 200 65.49 58.14 -26.09
C GLN C 200 66.27 58.92 -27.15
N ILE C 201 67.48 59.32 -26.80
CA ILE C 201 68.38 60.01 -27.71
C ILE C 201 69.72 59.29 -27.70
N ALA C 202 70.20 58.93 -28.89
CA ALA C 202 71.43 58.17 -29.03
C ALA C 202 72.56 59.10 -29.45
N VAL C 203 73.59 59.19 -28.62
CA VAL C 203 74.77 60.00 -28.89
C VAL C 203 76.00 59.10 -28.82
N ASN C 204 76.99 59.40 -29.65
CA ASN C 204 78.22 58.60 -29.71
C ASN C 204 79.42 59.53 -29.61
N ILE C 205 80.27 59.29 -28.61
CA ILE C 205 81.51 60.05 -28.47
C ILE C 205 82.53 59.46 -29.42
N ILE C 206 82.92 60.22 -30.44
CA ILE C 206 83.82 59.72 -31.48
C ILE C 206 85.24 59.53 -30.98
N ASP C 207 85.54 59.94 -29.75
CA ASP C 207 86.87 59.77 -29.16
C ASP C 207 87.92 60.66 -29.80
N GLY C 208 87.50 61.77 -30.42
CA GLY C 208 88.42 62.68 -31.05
C GLY C 208 87.81 63.44 -32.21
N ASP C 209 88.50 63.48 -33.34
CA ASP C 209 88.01 64.12 -34.55
C ASP C 209 87.46 63.12 -35.56
N SER C 210 88.19 62.03 -35.82
CA SER C 210 87.72 60.99 -36.73
C SER C 210 88.03 59.61 -36.16
N GLY C 211 88.07 59.48 -34.84
CA GLY C 211 88.38 58.21 -34.21
C GLY C 211 87.39 57.13 -34.54
N ILE C 212 87.58 55.94 -33.97
CA ILE C 212 86.73 54.80 -34.26
C ILE C 212 86.75 53.87 -33.06
N PHE C 213 85.59 53.30 -32.76
CA PHE C 213 85.47 52.32 -31.68
C PHE C 213 84.36 51.35 -32.04
N LEU C 214 84.64 50.05 -31.91
CA LEU C 214 83.70 49.01 -32.28
C LEU C 214 82.75 48.71 -31.12
N SER C 215 81.53 48.31 -31.47
CA SER C 215 80.53 48.00 -30.45
C SER C 215 80.94 46.77 -29.66
N GLN C 216 81.14 45.64 -30.34
CA GLN C 216 81.54 44.40 -29.69
C GLN C 216 83.05 44.26 -29.74
N ASP C 217 83.67 44.08 -28.58
CA ASP C 217 85.11 43.93 -28.49
C ASP C 217 85.54 42.47 -28.57
N THR C 218 84.86 41.60 -27.83
CA THR C 218 85.15 40.17 -27.81
C THR C 218 83.90 39.42 -28.23
N VAL C 219 84.07 38.44 -29.11
CA VAL C 219 82.96 37.67 -29.65
C VAL C 219 83.31 36.19 -29.64
N THR C 220 82.30 35.35 -29.48
CA THR C 220 82.45 33.89 -29.50
C THR C 220 81.41 33.34 -30.46
N ILE C 221 81.86 32.86 -31.62
CA ILE C 221 80.98 32.36 -32.66
C ILE C 221 81.22 30.87 -32.84
N ARG C 222 80.15 30.15 -33.17
CA ARG C 222 80.24 28.74 -33.51
C ARG C 222 80.44 28.60 -35.01
N LYS C 223 81.09 27.49 -35.40
CA LYS C 223 81.36 27.25 -36.81
C LYS C 223 80.09 27.35 -37.63
N GLY C 224 80.19 28.01 -38.78
CA GLY C 224 79.07 28.22 -39.66
C GLY C 224 78.19 29.40 -39.32
N GLY C 225 78.30 29.92 -38.10
CA GLY C 225 77.52 31.06 -37.68
C GLY C 225 77.96 32.34 -38.37
N THR C 226 77.45 33.46 -37.85
CA THR C 226 77.77 34.76 -38.41
C THR C 226 77.37 35.83 -37.41
N THR C 227 78.06 36.98 -37.48
CA THR C 227 77.78 38.11 -36.62
C THR C 227 77.92 39.39 -37.43
N THR C 228 77.84 40.53 -36.76
CA THR C 228 77.97 41.83 -37.40
C THR C 228 78.82 42.74 -36.52
N LEU C 229 79.34 43.79 -37.13
CA LEU C 229 80.17 44.77 -36.45
C LEU C 229 79.65 46.17 -36.76
N THR C 230 79.84 47.09 -35.82
CA THR C 230 79.39 48.46 -35.97
C THR C 230 80.51 49.40 -35.56
N ALA C 231 80.76 50.42 -36.38
CA ALA C 231 81.80 51.40 -36.13
C ALA C 231 81.17 52.79 -36.05
N VAL C 232 81.97 53.75 -35.59
CA VAL C 232 81.54 55.14 -35.44
C VAL C 232 82.69 56.03 -35.86
N THR C 233 82.49 56.83 -36.91
CA THR C 233 83.52 57.71 -37.42
C THR C 233 82.86 58.96 -37.98
N GLY C 234 83.70 59.93 -38.37
CA GLY C 234 83.23 61.12 -39.03
C GLY C 234 83.43 61.06 -40.52
N LYS C 235 84.45 60.32 -40.94
CA LYS C 235 84.77 60.13 -42.35
C LYS C 235 84.02 58.91 -42.88
N THR C 236 83.34 59.09 -44.01
CA THR C 236 82.57 58.01 -44.61
C THR C 236 83.48 56.88 -45.05
N PRO C 237 84.60 57.15 -45.72
CA PRO C 237 85.49 56.05 -46.12
C PRO C 237 85.99 55.28 -44.90
N VAL C 238 85.62 54.00 -44.84
CA VAL C 238 86.00 53.11 -43.75
C VAL C 238 86.53 51.83 -44.39
N THR C 239 87.85 51.74 -44.52
CA THR C 239 88.50 50.57 -45.12
C THR C 239 88.85 49.59 -44.00
N TRP C 240 88.44 48.35 -44.15
CA TRP C 240 88.68 47.31 -43.17
C TRP C 240 89.98 46.58 -43.49
N SER C 241 90.55 45.93 -42.47
CA SER C 241 91.77 45.16 -42.65
C SER C 241 91.91 44.15 -41.51
N SER C 242 91.87 42.87 -41.84
CA SER C 242 91.92 41.80 -40.85
C SER C 242 93.13 40.91 -41.11
N ASN C 243 94.00 40.80 -40.10
CA ASN C 243 95.11 39.87 -40.18
C ASN C 243 94.59 38.44 -40.26
N ASN C 244 95.40 37.56 -40.83
CA ASN C 244 94.98 36.18 -41.08
C ASN C 244 93.69 36.16 -41.90
N ALA C 245 93.66 36.92 -42.99
CA ALA C 245 92.45 37.13 -43.76
C ALA C 245 91.72 35.82 -44.08
N SER C 246 92.43 34.84 -44.63
CA SER C 246 91.80 33.61 -45.10
C SER C 246 91.57 32.60 -43.99
N ILE C 247 90.98 33.03 -42.87
CA ILE C 247 90.46 32.12 -41.86
C ILE C 247 89.03 32.52 -41.54
N VAL C 248 88.71 33.80 -41.77
CA VAL C 248 87.37 34.33 -41.54
C VAL C 248 87.17 35.49 -42.51
N SER C 249 86.04 35.49 -43.21
CA SER C 249 85.76 36.48 -44.24
C SER C 249 84.98 37.65 -43.63
N VAL C 250 85.01 38.77 -44.35
CA VAL C 250 84.30 39.98 -43.96
C VAL C 250 83.75 40.64 -45.22
N THR C 251 82.60 41.30 -45.07
CA THR C 251 81.90 41.91 -46.20
C THR C 251 81.29 43.23 -45.75
N PRO C 252 82.06 44.32 -45.80
CA PRO C 252 81.51 45.63 -45.44
C PRO C 252 80.28 46.00 -46.25
N ASN C 253 79.26 46.52 -45.59
CA ASN C 253 78.03 46.89 -46.27
C ASN C 253 78.23 48.20 -47.04
N ALA C 254 77.15 48.68 -47.65
CA ALA C 254 77.21 49.91 -48.44
C ALA C 254 77.71 51.08 -47.59
N ASN C 255 77.10 51.30 -46.44
CA ASN C 255 77.48 52.41 -45.59
C ASN C 255 78.96 52.34 -45.20
N SER C 256 79.54 51.14 -45.24
CA SER C 256 80.94 50.91 -44.90
C SER C 256 81.18 51.05 -43.39
N LEU C 257 80.13 51.37 -42.63
CA LEU C 257 80.20 51.42 -41.18
C LEU C 257 79.73 50.13 -40.53
N THR C 258 79.34 49.14 -41.33
CA THR C 258 78.88 47.86 -40.82
C THR C 258 79.44 46.76 -41.71
N ALA C 259 79.81 45.64 -41.07
CA ALA C 259 80.43 44.54 -41.80
C ALA C 259 79.91 43.23 -41.24
N VAL C 260 79.72 42.26 -42.13
CA VAL C 260 79.21 40.94 -41.76
C VAL C 260 80.37 39.98 -41.65
N ILE C 261 80.32 39.11 -40.65
CA ILE C 261 81.36 38.12 -40.41
C ILE C 261 80.80 36.74 -40.74
N THR C 262 81.69 35.86 -41.20
CA THR C 262 81.31 34.50 -41.56
C THR C 262 82.41 33.56 -41.12
N ALA C 263 82.12 32.71 -40.15
CA ALA C 263 83.12 31.77 -39.66
C ALA C 263 83.24 30.57 -40.59
N ASN C 264 84.48 30.23 -40.94
CA ASN C 264 84.76 29.08 -41.79
C ASN C 264 85.30 27.91 -41.00
N GLY C 265 86.31 28.13 -40.16
CA GLY C 265 86.85 27.09 -39.33
C GLY C 265 87.34 27.65 -38.01
N GLU C 266 87.60 26.74 -37.07
CA GLU C 266 88.07 27.13 -35.75
C GLU C 266 89.40 27.88 -35.86
N GLY C 267 89.64 28.80 -34.95
CA GLY C 267 90.87 29.58 -34.97
C GLY C 267 90.63 31.02 -34.60
N ASN C 268 91.44 31.54 -33.69
CA ASN C 268 91.32 32.92 -33.23
C ASN C 268 91.57 33.89 -34.38
N VAL C 269 90.85 35.02 -34.37
CA VAL C 269 91.04 36.06 -35.38
C VAL C 269 90.90 37.40 -34.67
N THR C 270 91.58 38.41 -35.21
CA THR C 270 91.65 39.74 -34.60
C THR C 270 91.23 40.79 -35.64
N ILE C 271 90.10 40.55 -36.30
CA ILE C 271 89.57 41.46 -37.31
C ILE C 271 89.63 42.89 -36.78
N THR C 272 90.11 43.81 -37.62
CA THR C 272 90.26 45.20 -37.25
C THR C 272 89.91 46.10 -38.43
N ALA C 273 89.77 47.38 -38.14
CA ALA C 273 89.48 48.40 -39.14
C ALA C 273 90.64 49.41 -39.17
N ASP C 274 90.54 50.39 -40.07
CA ASP C 274 91.57 51.42 -40.18
C ASP C 274 91.01 52.69 -40.80
N ASN C 275 90.73 53.69 -39.96
CA ASN C 275 90.22 54.96 -40.48
C ASN C 275 91.28 55.86 -41.12
N GLY C 276 92.56 55.62 -40.80
CA GLY C 276 93.65 56.42 -41.30
C GLY C 276 94.48 57.10 -40.23
N THR C 277 93.86 57.45 -39.09
CA THR C 277 94.58 58.06 -37.99
C THR C 277 94.56 57.13 -36.78
N LYS C 278 93.37 56.67 -36.42
CA LYS C 278 93.18 55.74 -35.31
C LYS C 278 92.80 54.36 -35.84
N THR C 279 92.70 53.40 -34.92
CA THR C 279 92.38 52.04 -35.29
C THR C 279 91.81 51.32 -34.07
N ALA C 280 90.82 50.47 -34.33
CA ALA C 280 90.17 49.65 -33.31
C ALA C 280 90.44 48.18 -33.58
N SER C 281 89.99 47.33 -32.66
CA SER C 281 90.19 45.89 -32.77
C SER C 281 88.95 45.17 -32.24
N CYS C 282 88.81 43.91 -32.65
CA CYS C 282 87.70 43.08 -32.20
C CYS C 282 88.13 41.62 -32.14
N GLU C 283 88.54 41.16 -30.96
CA GLU C 283 88.97 39.77 -30.79
C GLU C 283 87.80 38.82 -31.07
N ILE C 284 88.11 37.73 -31.76
CA ILE C 284 87.13 36.71 -32.09
C ILE C 284 87.73 35.34 -31.78
N VAL C 285 86.93 34.48 -31.16
CA VAL C 285 87.35 33.13 -30.78
C VAL C 285 86.32 32.17 -31.34
N SER C 286 86.66 31.50 -32.43
CA SER C 286 85.76 30.52 -33.04
C SER C 286 85.75 29.25 -32.20
N ILE C 287 84.55 28.78 -31.87
CA ILE C 287 84.38 27.60 -31.04
C ILE C 287 83.66 26.53 -31.87
N PRO C 288 84.03 25.26 -31.74
CA PRO C 288 83.32 24.21 -32.48
C PRO C 288 81.83 24.20 -32.13
N GLN C 289 81.05 23.53 -33.00
CA GLN C 289 79.62 23.43 -32.78
C GLN C 289 79.28 22.61 -31.55
N ILE C 290 80.22 21.83 -31.03
CA ILE C 290 79.99 20.96 -29.89
C ILE C 290 80.96 21.31 -28.78
N ASP C 291 80.53 21.07 -27.55
CA ASP C 291 81.37 21.23 -26.37
C ASP C 291 81.61 19.93 -25.62
N SER C 292 80.71 18.95 -25.73
CA SER C 292 80.87 17.67 -25.09
C SER C 292 79.78 16.74 -25.60
N ILE C 293 79.86 15.47 -25.22
CA ILE C 293 78.89 14.45 -25.58
C ILE C 293 78.66 13.56 -24.37
N SER C 294 77.77 12.59 -24.53
CA SER C 294 77.45 11.67 -23.44
C SER C 294 76.75 10.45 -24.01
N LEU C 295 76.88 9.33 -23.31
CA LEU C 295 76.25 8.07 -23.69
C LEU C 295 75.25 7.66 -22.62
N SER C 296 74.52 6.58 -22.91
CA SER C 296 73.51 6.06 -21.99
C SER C 296 74.04 4.96 -21.09
N GLN C 297 75.12 4.28 -21.49
CA GLN C 297 75.68 3.19 -20.71
C GLN C 297 77.20 3.21 -20.82
N SER C 298 77.86 2.73 -19.77
CA SER C 298 79.32 2.66 -19.75
C SER C 298 79.79 1.29 -19.29
N ASP C 299 78.91 0.52 -18.65
CA ASP C 299 79.25 -0.79 -18.12
C ASP C 299 78.38 -1.87 -18.75
N VAL C 300 78.19 -1.80 -20.07
CA VAL C 300 77.33 -2.76 -20.74
C VAL C 300 77.87 -4.18 -20.58
N THR C 301 76.99 -5.16 -20.81
CA THR C 301 77.35 -6.56 -20.73
C THR C 301 76.52 -7.33 -21.76
N VAL C 302 77.20 -8.07 -22.63
CA VAL C 302 76.54 -8.82 -23.70
C VAL C 302 77.00 -10.26 -23.65
N SER C 303 76.52 -11.07 -24.60
CA SER C 303 76.89 -12.48 -24.69
C SER C 303 77.16 -12.81 -26.15
N ARG C 304 77.32 -14.11 -26.43
CA ARG C 304 77.62 -14.55 -27.79
C ARG C 304 76.50 -14.16 -28.74
N GLY C 305 76.84 -13.39 -29.76
CA GLY C 305 75.90 -13.00 -30.80
C GLY C 305 75.05 -11.79 -30.48
N SER C 306 74.68 -11.63 -29.22
CA SER C 306 73.84 -10.50 -28.82
C SER C 306 74.53 -9.19 -29.16
N GLN C 307 73.76 -8.26 -29.74
CA GLN C 307 74.28 -6.95 -30.13
C GLN C 307 73.35 -5.89 -29.56
N TYR C 308 73.81 -5.19 -28.53
CA TYR C 308 73.02 -4.14 -27.89
C TYR C 308 73.29 -2.80 -28.56
N ILE C 309 72.23 -2.00 -28.69
CA ILE C 309 72.31 -0.71 -29.36
C ILE C 309 72.59 0.37 -28.33
N LEU C 310 73.57 1.22 -28.61
CA LEU C 310 73.91 2.36 -27.79
C LEU C 310 73.52 3.65 -28.50
N THR C 311 73.17 4.65 -27.70
CA THR C 311 72.79 5.96 -28.21
C THR C 311 73.74 7.02 -27.68
N ALA C 312 74.01 8.03 -28.50
CA ALA C 312 74.91 9.13 -28.15
C ALA C 312 74.15 10.44 -28.35
N THR C 313 73.72 11.06 -27.25
CA THR C 313 72.99 12.32 -27.29
C THR C 313 73.99 13.46 -27.17
N LEU C 314 74.16 14.21 -28.27
CA LEU C 314 75.09 15.34 -28.26
C LEU C 314 74.67 16.35 -27.21
N SER C 315 75.65 17.14 -26.75
CA SER C 315 75.37 18.16 -25.74
C SER C 315 74.32 19.16 -26.23
N PRO C 316 74.53 19.88 -27.33
CA PRO C 316 73.48 20.75 -27.84
C PRO C 316 72.34 19.96 -28.45
N ALA C 317 71.13 20.50 -28.31
CA ALA C 317 69.94 19.81 -28.80
C ALA C 317 70.03 19.54 -30.31
N ASN C 318 70.79 20.34 -31.03
CA ASN C 318 70.92 20.18 -32.47
C ASN C 318 72.32 20.59 -32.89
N ALA C 319 72.77 20.05 -34.03
CA ALA C 319 74.07 20.37 -34.59
C ALA C 319 74.02 20.24 -36.11
N PRO C 320 74.17 21.33 -36.85
CA PRO C 320 74.07 21.24 -38.31
C PRO C 320 75.32 20.63 -38.93
N ASN C 321 75.10 19.89 -40.01
CA ASN C 321 76.17 19.22 -40.74
C ASN C 321 76.94 18.24 -39.85
N GLN C 322 76.29 17.77 -38.80
CA GLN C 322 76.94 16.87 -37.86
C GLN C 322 77.00 15.46 -38.42
N ASN C 323 78.04 14.72 -38.03
CA ASN C 323 78.21 13.33 -38.46
C ASN C 323 79.16 12.66 -37.49
N ILE C 324 78.93 11.36 -37.26
CA ILE C 324 79.74 10.57 -36.35
C ILE C 324 80.35 9.41 -37.11
N THR C 325 81.62 9.13 -36.82
CA THR C 325 82.35 8.00 -37.41
C THR C 325 82.94 7.21 -36.25
N TRP C 326 82.16 6.26 -35.74
CA TRP C 326 82.58 5.50 -34.57
C TRP C 326 83.87 4.74 -34.85
N THR C 327 84.75 4.71 -33.86
CA THR C 327 86.04 4.03 -33.97
C THR C 327 86.25 3.15 -32.76
N SER C 328 86.97 2.05 -32.98
CA SER C 328 87.31 1.12 -31.91
C SER C 328 88.60 0.40 -32.30
N SER C 329 89.62 0.52 -31.47
CA SER C 329 90.90 -0.11 -31.76
C SER C 329 90.72 -1.59 -32.04
N ASN C 330 91.42 -2.09 -33.07
CA ASN C 330 91.31 -3.48 -33.48
C ASN C 330 89.85 -3.79 -33.83
N PRO C 331 89.32 -3.23 -34.92
CA PRO C 331 87.91 -3.47 -35.27
C PRO C 331 87.58 -4.92 -35.53
N ASN C 332 88.58 -5.82 -35.57
CA ASN C 332 88.29 -7.23 -35.78
C ASN C 332 87.40 -7.81 -34.70
N ILE C 333 87.34 -7.18 -33.52
CA ILE C 333 86.46 -7.67 -32.47
C ILE C 333 85.03 -7.19 -32.70
N ALA C 334 84.87 -6.00 -33.26
CA ALA C 334 83.54 -5.44 -33.52
C ALA C 334 83.73 -4.19 -34.37
N THR C 335 82.64 -3.77 -35.02
CA THR C 335 82.67 -2.61 -35.89
C THR C 335 81.38 -1.84 -35.73
N VAL C 336 81.49 -0.51 -35.68
CA VAL C 336 80.34 0.38 -35.52
C VAL C 336 80.62 1.66 -36.29
N SER C 337 79.55 2.27 -36.80
CA SER C 337 79.66 3.51 -37.56
C SER C 337 78.24 4.01 -37.81
N GLY C 338 78.14 5.15 -38.50
CA GLY C 338 76.87 5.73 -38.84
C GLY C 338 76.59 7.04 -38.12
N THR C 339 75.70 6.99 -37.14
CA THR C 339 75.26 8.19 -36.42
C THR C 339 75.15 7.83 -34.95
N SER C 340 74.48 8.68 -34.18
CA SER C 340 74.33 8.51 -32.74
C SER C 340 73.97 7.07 -32.38
N THR C 341 73.20 6.40 -33.23
CA THR C 341 72.88 4.99 -33.03
C THR C 341 74.11 4.14 -33.36
N GLN C 342 74.56 3.35 -32.38
CA GLN C 342 75.80 2.59 -32.53
C GLN C 342 75.52 1.17 -33.03
N GLY C 343 74.73 0.41 -32.28
CA GLY C 343 74.48 -0.98 -32.64
C GLY C 343 75.72 -1.83 -32.51
N THR C 344 76.30 -1.88 -31.31
CA THR C 344 77.52 -2.63 -31.10
C THR C 344 77.27 -4.12 -31.31
N ILE C 345 78.15 -4.76 -32.07
CA ILE C 345 78.08 -6.18 -32.34
C ILE C 345 79.18 -6.89 -31.57
N ASN C 346 78.87 -8.07 -31.05
CA ASN C 346 79.81 -8.88 -30.29
C ASN C 346 80.19 -10.11 -31.10
N ALA C 347 81.47 -10.45 -31.10
CA ALA C 347 81.99 -11.61 -31.82
C ALA C 347 82.48 -12.71 -30.88
N LEU C 348 83.28 -12.37 -29.89
CA LEU C 348 83.81 -13.33 -28.94
C LEU C 348 82.98 -13.35 -27.66
N LEU C 349 83.27 -14.32 -26.80
CA LEU C 349 82.61 -14.47 -25.51
C LEU C 349 83.40 -13.85 -24.37
N ALA C 350 84.61 -13.37 -24.63
CA ALA C 350 85.45 -12.77 -23.60
C ALA C 350 86.29 -11.69 -24.26
N GLY C 351 87.04 -10.96 -23.43
CA GLY C 351 87.88 -9.89 -23.93
C GLY C 351 87.21 -8.54 -23.88
N PHE C 352 87.71 -7.65 -23.03
CA PHE C 352 87.12 -6.32 -22.89
C PHE C 352 87.36 -5.51 -24.16
N THR C 353 86.69 -4.37 -24.28
CA THR C 353 86.83 -3.51 -25.45
C THR C 353 86.64 -2.07 -25.00
N GLU C 354 87.09 -1.13 -25.84
CA GLU C 354 87.00 0.29 -25.52
C GLU C 354 86.26 0.97 -26.66
N ILE C 355 84.95 1.11 -26.52
CA ILE C 355 84.11 1.78 -27.52
C ILE C 355 84.19 3.28 -27.25
N THR C 356 84.83 4.01 -28.16
CA THR C 356 85.02 5.44 -28.02
C THR C 356 84.43 6.14 -29.24
N ALA C 357 83.83 7.30 -29.02
CA ALA C 357 83.21 8.08 -30.08
C ALA C 357 84.24 8.93 -30.80
N THR C 358 83.94 9.29 -32.04
CA THR C 358 84.78 10.20 -32.81
C THR C 358 83.87 11.12 -33.60
N THR C 359 83.49 12.25 -32.99
CA THR C 359 82.64 13.22 -33.68
C THR C 359 83.40 13.84 -34.84
N GLU C 360 82.83 13.72 -36.04
CA GLU C 360 83.43 14.30 -37.23
C GLU C 360 83.64 15.80 -37.01
N GLU C 361 82.55 16.52 -36.77
CA GLU C 361 82.63 17.93 -36.45
C GLU C 361 82.70 18.10 -34.93
N GLY C 362 82.60 19.34 -34.46
CA GLY C 362 82.68 19.61 -33.04
C GLY C 362 84.06 19.33 -32.48
N ASN C 363 84.21 19.49 -31.16
CA ASN C 363 85.49 19.27 -30.50
C ASN C 363 85.83 17.78 -30.60
N ARG C 364 87.10 17.49 -30.86
CA ARG C 364 87.56 16.11 -30.97
C ARG C 364 87.30 15.35 -29.68
N VAL C 365 87.12 16.07 -28.58
CA VAL C 365 86.84 15.47 -27.28
C VAL C 365 85.71 14.46 -27.43
N ALA C 366 85.94 13.23 -26.97
CA ALA C 366 84.96 12.16 -27.05
C ALA C 366 84.87 11.46 -25.69
N VAL C 367 84.14 10.35 -25.66
CA VAL C 367 83.93 9.56 -24.45
C VAL C 367 84.51 8.18 -24.68
N CYS C 368 84.43 7.34 -23.64
CA CYS C 368 84.95 5.99 -23.70
C CYS C 368 84.04 5.07 -22.90
N THR C 369 83.80 3.87 -23.42
CA THR C 369 82.99 2.87 -22.75
C THR C 369 83.73 1.55 -22.73
N VAL C 370 83.55 0.80 -21.65
CA VAL C 370 84.25 -0.46 -21.46
C VAL C 370 83.27 -1.62 -21.53
N ARG C 371 83.27 -2.33 -22.65
CA ARG C 371 82.41 -3.50 -22.79
C ARG C 371 82.90 -4.63 -21.87
N VAL C 372 81.96 -5.42 -21.39
CA VAL C 372 82.26 -6.54 -20.50
C VAL C 372 81.49 -7.77 -20.96
N ASP C 373 82.17 -8.66 -21.67
CA ASP C 373 81.54 -9.88 -22.17
C ASP C 373 81.48 -10.94 -21.07
N LEU C 374 82.07 -10.65 -19.91
CA LEU C 374 82.08 -11.59 -18.79
C LEU C 374 82.25 -10.84 -17.47
N THR C 451 12.20 67.43 10.66
CA THR C 451 12.08 68.51 9.70
C THR C 451 12.39 68.01 8.28
N PRO C 452 11.68 68.51 7.27
CA PRO C 452 11.94 68.09 5.90
C PRO C 452 13.26 68.65 5.40
N LEU C 453 13.65 68.20 4.21
CA LEU C 453 14.88 68.67 3.60
C LEU C 453 14.80 70.16 3.30
N SER C 454 15.98 70.79 3.21
CA SER C 454 16.07 72.21 2.96
C SER C 454 17.15 72.44 1.92
N SER C 455 17.53 73.71 1.74
CA SER C 455 18.53 74.05 0.74
C SER C 455 19.80 73.24 0.94
N VAL C 456 20.43 72.85 -0.17
CA VAL C 456 21.66 72.07 -0.17
C VAL C 456 22.76 72.90 -0.79
N THR C 457 23.98 72.74 -0.28
CA THR C 457 25.13 73.48 -0.78
C THR C 457 26.35 72.56 -0.80
N LEU C 458 27.31 72.92 -1.65
CA LEU C 458 28.56 72.19 -1.77
C LEU C 458 29.72 73.15 -1.62
N ASP C 459 30.77 72.71 -0.91
CA ASP C 459 31.96 73.51 -0.74
C ASP C 459 32.84 73.52 -1.99
N ILE C 460 32.54 72.69 -2.98
CA ILE C 460 33.33 72.58 -4.19
C ILE C 460 32.46 73.01 -5.36
N VAL C 461 33.00 73.90 -6.19
CA VAL C 461 32.28 74.37 -7.38
C VAL C 461 33.11 74.30 -8.65
N SER C 462 34.43 74.18 -8.56
CA SER C 462 35.27 74.10 -9.75
C SER C 462 36.52 73.28 -9.41
N ALA C 463 37.11 72.69 -10.44
CA ALA C 463 38.29 71.87 -10.25
C ALA C 463 39.02 71.72 -11.58
N SER C 464 40.33 71.56 -11.50
CA SER C 464 41.18 71.36 -12.67
C SER C 464 41.83 69.99 -12.56
N LEU C 465 41.61 69.16 -13.58
CA LEU C 465 42.11 67.80 -13.58
C LEU C 465 42.89 67.51 -14.86
N ASP C 466 43.62 66.40 -14.84
CA ASP C 466 44.32 65.88 -15.99
C ASP C 466 43.94 64.41 -16.17
N VAL C 467 43.92 63.97 -17.42
CA VAL C 467 43.55 62.59 -17.71
C VAL C 467 44.47 61.66 -16.92
N GLY C 468 43.88 60.81 -16.10
CA GLY C 468 44.61 59.91 -15.23
C GLY C 468 44.59 60.28 -13.76
N GLU C 469 44.24 61.52 -13.44
CA GLU C 469 44.15 61.94 -12.05
C GLU C 469 42.76 61.67 -11.49
N GLU C 470 42.70 61.54 -10.17
CA GLU C 470 41.47 61.21 -9.47
C GLU C 470 41.03 62.39 -8.60
N ILE C 471 39.78 62.32 -8.15
CA ILE C 471 39.22 63.33 -7.25
C ILE C 471 37.97 62.73 -6.62
N VAL C 472 37.63 63.22 -5.43
CA VAL C 472 36.48 62.74 -4.68
C VAL C 472 35.73 63.95 -4.16
N ILE C 473 34.42 63.97 -4.37
CA ILE C 473 33.55 65.04 -3.88
C ILE C 473 32.59 64.44 -2.86
N THR C 474 32.18 65.27 -1.90
CA THR C 474 31.28 64.86 -0.84
C THR C 474 30.07 65.78 -0.80
N ALA C 475 28.88 65.20 -0.69
CA ALA C 475 27.64 65.94 -0.63
C ALA C 475 27.15 65.99 0.81
N THR C 476 26.65 67.16 1.21
CA THR C 476 26.17 67.36 2.57
C THR C 476 25.01 68.33 2.54
N ALA C 477 23.82 67.85 2.90
CA ALA C 477 22.65 68.71 2.96
C ALA C 477 22.66 69.55 4.24
N SER C 478 21.79 70.56 4.28
CA SER C 478 21.68 71.40 5.47
C SER C 478 21.25 70.59 6.68
N PRO C 479 20.11 69.92 6.67
CA PRO C 479 19.74 69.07 7.80
C PRO C 479 20.57 67.80 7.85
N GLU C 480 20.63 67.19 9.03
CA GLU C 480 21.40 65.98 9.26
C GLU C 480 20.59 64.72 9.04
N GLY C 481 19.40 64.82 8.46
CA GLY C 481 18.56 63.67 8.25
C GLY C 481 19.17 62.67 7.27
N GLU C 482 18.42 61.61 7.03
CA GLU C 482 18.83 60.54 6.11
C GLU C 482 18.05 60.70 4.81
N TYR C 483 18.78 60.77 3.70
CA TYR C 483 18.18 60.95 2.39
C TYR C 483 18.92 60.08 1.38
N SER C 484 18.37 59.98 0.18
CA SER C 484 18.95 59.22 -0.91
C SER C 484 19.64 60.16 -1.89
N TYR C 485 20.70 59.66 -2.52
CA TYR C 485 21.49 60.43 -3.46
C TYR C 485 21.54 59.73 -4.81
N GLN C 486 21.58 60.55 -5.87
CA GLN C 486 21.70 60.04 -7.23
C GLN C 486 22.47 61.05 -8.05
N TRP C 487 23.72 60.74 -8.37
CA TRP C 487 24.56 61.65 -9.12
C TRP C 487 24.21 61.61 -10.60
N SER C 488 24.41 62.74 -11.27
CA SER C 488 24.13 62.87 -12.69
C SER C 488 25.30 63.55 -13.37
N VAL C 489 25.33 63.44 -14.70
CA VAL C 489 26.37 64.03 -15.53
C VAL C 489 25.73 64.61 -16.77
N ASP C 490 26.18 65.80 -17.16
CA ASP C 490 25.57 66.47 -18.31
C ASP C 490 26.02 65.85 -19.63
N LYS C 491 27.33 65.62 -19.78
CA LYS C 491 27.89 65.04 -21.00
C LYS C 491 28.41 63.64 -20.67
N THR C 492 27.85 62.63 -21.34
CA THR C 492 28.24 61.26 -21.08
C THR C 492 29.73 61.08 -21.29
N GLY C 493 30.32 60.18 -20.50
CA GLY C 493 31.73 59.91 -20.60
C GLY C 493 32.58 60.96 -19.90
N TYR C 494 33.88 60.90 -20.20
CA TYR C 494 34.87 61.84 -19.66
C TYR C 494 35.17 61.56 -18.19
N VAL C 495 34.44 60.64 -17.56
CA VAL C 495 34.60 60.37 -16.14
C VAL C 495 34.10 58.96 -15.87
N SER C 496 34.50 58.40 -14.73
CA SER C 496 34.06 57.09 -14.29
C SER C 496 33.59 57.21 -12.84
N THR C 497 32.42 56.67 -12.55
CA THR C 497 31.80 56.77 -11.23
C THR C 497 31.71 55.40 -10.59
N THR C 498 31.61 55.41 -9.25
CA THR C 498 31.48 54.19 -8.48
C THR C 498 30.62 54.47 -7.26
N SER C 499 29.61 53.62 -7.03
CA SER C 499 28.69 53.77 -5.90
C SER C 499 28.02 55.14 -5.93
N VAL C 500 27.25 55.37 -6.99
CA VAL C 500 26.55 56.64 -7.16
C VAL C 500 25.58 56.93 -6.04
N THR C 501 25.14 55.91 -5.32
CA THR C 501 24.20 56.08 -4.21
C THR C 501 24.88 56.46 -2.91
N GLY C 502 26.17 56.75 -2.93
CA GLY C 502 26.90 57.15 -1.75
C GLY C 502 27.24 58.63 -1.76
N LYS C 503 27.26 59.23 -0.57
CA LYS C 503 27.52 60.66 -0.45
C LYS C 503 28.93 61.05 -0.86
N SER C 504 29.79 60.08 -1.16
CA SER C 504 31.17 60.35 -1.58
C SER C 504 31.43 59.58 -2.87
N ILE C 505 31.58 60.29 -3.98
CA ILE C 505 31.81 59.70 -5.28
C ILE C 505 33.26 59.93 -5.69
N LYS C 506 33.82 58.95 -6.40
CA LYS C 506 35.18 59.02 -6.90
C LYS C 506 35.14 59.13 -8.42
N LEU C 507 35.79 60.15 -8.96
CA LEU C 507 35.81 60.40 -10.39
C LEU C 507 37.22 60.21 -10.93
N VAL C 508 37.31 59.88 -12.21
CA VAL C 508 38.58 59.62 -12.89
C VAL C 508 38.51 60.26 -14.26
N ALA C 509 39.32 61.30 -14.48
CA ALA C 509 39.36 61.94 -15.79
C ALA C 509 39.76 60.93 -16.86
N LEU C 510 39.05 60.96 -17.98
CA LEU C 510 39.26 60.01 -19.06
C LEU C 510 39.48 60.66 -20.41
N ARG C 511 38.91 61.84 -20.64
CA ARG C 511 39.03 62.51 -21.93
C ARG C 511 38.95 64.02 -21.73
N LYS C 512 39.27 64.74 -22.80
CA LYS C 512 39.26 66.20 -22.77
C LYS C 512 37.83 66.72 -22.87
N GLY C 513 37.61 67.91 -22.32
CA GLY C 513 36.32 68.57 -22.41
C GLY C 513 35.80 69.05 -21.08
N GLU C 514 34.97 70.09 -21.10
CA GLU C 514 34.36 70.61 -19.89
C GLU C 514 33.22 69.69 -19.46
N ILE C 515 32.73 69.92 -18.23
CA ILE C 515 31.69 69.07 -17.67
C ILE C 515 31.10 69.76 -16.44
N ASN C 516 29.85 69.44 -16.13
CA ASN C 516 29.15 70.01 -14.98
C ASN C 516 28.42 68.88 -14.26
N VAL C 517 28.97 68.46 -13.12
CA VAL C 517 28.39 67.37 -12.35
C VAL C 517 27.35 67.92 -11.39
N THR C 518 26.36 67.10 -11.05
CA THR C 518 25.33 67.47 -10.11
C THR C 518 24.97 66.27 -9.25
N CYS C 519 24.46 66.54 -8.06
CA CYS C 519 24.04 65.52 -7.12
C CYS C 519 22.60 65.81 -6.70
N THR C 520 21.70 64.87 -6.94
CA THR C 520 20.29 65.04 -6.65
C THR C 520 19.96 64.32 -5.35
N VAL C 521 19.66 65.08 -4.31
CA VAL C 521 19.25 64.53 -3.02
C VAL C 521 17.73 64.40 -3.02
N SER C 522 17.25 63.30 -2.44
CA SER C 522 15.83 63.00 -2.45
C SER C 522 15.44 62.40 -1.10
N GLN C 523 14.29 62.83 -0.58
CA GLN C 523 13.75 62.32 0.67
C GLN C 523 12.69 61.28 0.31
N MET C 524 13.15 60.03 0.10
CA MET C 524 12.24 58.96 -0.26
C MET C 524 11.23 58.70 0.86
N THR C 525 10.01 58.35 0.46
CA THR C 525 8.95 58.06 1.41
C THR C 525 8.16 56.85 0.91
N GLN C 526 7.29 56.34 1.78
CA GLN C 526 6.50 55.17 1.45
C GLN C 526 5.40 55.55 0.45
N LYS C 527 5.02 54.58 -0.37
CA LYS C 527 3.97 54.77 -1.36
C LYS C 527 3.32 53.42 -1.64
N ASP C 528 1.98 53.40 -1.60
CA ASP C 528 1.22 52.18 -1.82
C ASP C 528 0.69 52.14 -3.24
N TYR C 529 0.74 50.97 -3.85
CA TYR C 529 0.24 50.77 -5.20
C TYR C 529 -1.23 50.37 -5.16
N ASP C 530 -1.79 50.09 -6.34
CA ASP C 530 -3.18 49.69 -6.48
C ASP C 530 -3.31 48.53 -7.46
N ALA C 531 -2.42 47.55 -7.34
CA ALA C 531 -2.44 46.37 -8.22
C ALA C 531 -3.45 45.38 -7.66
N PHE C 532 -4.69 45.49 -8.11
CA PHE C 532 -5.74 44.61 -7.63
C PHE C 532 -5.52 43.19 -8.16
N ASP C 533 -6.44 42.29 -7.80
CA ASP C 533 -6.30 40.90 -8.21
C ASP C 533 -6.53 40.75 -9.71
N ASP C 534 -7.45 41.54 -10.27
CA ASP C 534 -7.73 41.49 -11.70
C ASP C 534 -6.67 42.20 -12.55
N TYR C 535 -5.68 42.83 -11.92
CA TYR C 535 -4.60 43.51 -12.63
C TYR C 535 -3.29 43.19 -11.92
N PRO C 536 -2.88 41.92 -11.90
CA PRO C 536 -1.68 41.54 -11.15
C PRO C 536 -0.39 41.89 -11.87
N TRP C 537 0.73 41.48 -11.28
CA TRP C 537 2.04 41.69 -11.87
C TRP C 537 2.35 40.57 -12.86
N TYR C 538 3.27 40.85 -13.78
CA TYR C 538 3.64 39.90 -14.82
C TYR C 538 5.12 39.50 -14.80
N HIS C 539 6.00 40.39 -14.35
CA HIS C 539 7.36 40.03 -13.97
C HIS C 539 8.13 39.39 -15.14
N ALA C 540 8.34 40.21 -16.17
CA ALA C 540 9.27 39.84 -17.22
C ALA C 540 10.70 39.82 -16.68
N VAL C 541 11.66 39.46 -17.53
CA VAL C 541 13.06 39.37 -17.14
C VAL C 541 13.92 39.84 -18.30
N ILE C 542 14.93 40.65 -17.99
CA ILE C 542 15.87 41.16 -18.98
C ILE C 542 17.17 41.47 -18.28
N SER C 543 18.29 40.99 -18.84
CA SER C 543 19.63 41.28 -18.32
C SER C 543 19.69 41.06 -16.81
N ASN C 544 19.06 39.97 -16.35
CA ASN C 544 18.95 39.61 -14.94
C ASN C 544 18.12 40.61 -14.14
N CYS C 545 17.54 41.61 -14.78
CA CYS C 545 16.71 42.60 -14.11
C CYS C 545 15.23 42.24 -14.27
N ALA C 546 14.45 42.50 -13.23
CA ALA C 546 13.03 42.19 -13.21
C ALA C 546 12.20 43.44 -13.42
N VAL C 547 10.92 43.23 -13.74
CA VAL C 547 9.98 44.31 -14.01
C VAL C 547 8.67 43.99 -13.31
N ALA C 548 7.88 45.03 -13.07
CA ALA C 548 6.61 44.86 -12.36
C ALA C 548 5.41 44.84 -13.32
N THR C 549 5.21 45.94 -14.06
CA THR C 549 4.26 46.00 -15.16
C THR C 549 2.84 45.62 -14.72
N THR C 550 2.27 46.47 -13.85
CA THR C 550 0.86 46.39 -13.53
C THR C 550 0.09 47.51 -14.21
N HIS C 551 -1.24 47.42 -14.13
CA HIS C 551 -2.12 48.44 -14.65
C HIS C 551 -2.22 49.61 -13.67
N TYR C 552 -2.42 50.81 -14.22
CA TYR C 552 -2.52 52.07 -13.50
C TYR C 552 -1.16 52.57 -13.03
N GLU C 553 -0.08 51.80 -13.22
CA GLU C 553 1.24 52.19 -12.75
C GLU C 553 2.27 51.89 -13.82
N THR C 554 3.50 52.30 -13.57
CA THR C 554 4.58 52.11 -14.51
C THR C 554 5.23 50.74 -14.31
N PRO C 555 5.98 50.26 -15.30
CA PRO C 555 6.57 48.91 -15.18
C PRO C 555 7.46 48.75 -13.96
N GLN C 556 8.16 49.80 -13.53
CA GLN C 556 8.95 49.76 -12.29
C GLN C 556 9.99 48.64 -12.33
N VAL C 557 10.96 48.82 -13.23
CA VAL C 557 12.05 47.86 -13.35
C VAL C 557 12.93 47.90 -12.09
N LYS C 558 13.66 46.81 -11.87
CA LYS C 558 14.64 46.70 -10.80
C LYS C 558 15.99 46.40 -11.42
N GLU C 559 16.92 47.35 -11.33
CA GLU C 559 18.23 47.16 -11.93
C GLU C 559 18.95 45.98 -11.29
N PHE C 560 19.99 45.51 -11.99
CA PHE C 560 20.77 44.39 -11.48
C PHE C 560 21.69 44.83 -10.34
N GLU C 561 22.25 46.03 -10.44
CA GLU C 561 23.14 46.58 -9.41
C GLU C 561 22.39 47.46 -8.42
N SER C 562 21.12 47.17 -8.18
CA SER C 562 20.30 47.97 -7.28
C SER C 562 19.55 47.05 -6.33
N GLU C 563 19.10 47.62 -5.22
CA GLU C 563 18.34 46.90 -4.20
C GLU C 563 16.96 47.47 -3.99
N TYR C 564 16.51 48.36 -4.86
CA TYR C 564 15.18 48.95 -4.77
C TYR C 564 14.58 49.05 -6.16
N PHE C 565 13.25 49.08 -6.21
CA PHE C 565 12.55 49.22 -7.48
C PHE C 565 12.47 50.68 -7.89
N VAL C 566 12.56 50.92 -9.19
CA VAL C 566 12.54 52.26 -9.74
C VAL C 566 11.87 52.23 -11.11
N ASP C 567 11.23 53.34 -11.47
CA ASP C 567 10.60 53.43 -12.78
C ASP C 567 11.63 53.22 -13.88
N LEU C 568 11.15 52.83 -15.05
CA LEU C 568 12.05 52.58 -16.16
C LEU C 568 12.69 53.89 -16.64
N PRO C 569 13.94 53.86 -17.06
CA PRO C 569 14.55 55.09 -17.61
C PRO C 569 14.08 55.35 -19.02
N GLY C 570 13.82 56.62 -19.31
CA GLY C 570 13.31 57.03 -20.60
C GLY C 570 11.84 56.77 -20.82
N TRP C 571 11.15 56.14 -19.86
CA TRP C 571 9.73 55.87 -20.00
C TRP C 571 8.95 57.18 -20.09
N GLY C 572 8.38 57.45 -21.25
CA GLY C 572 7.66 58.68 -21.50
C GLY C 572 8.45 59.71 -22.29
N GLU C 573 9.75 59.50 -22.48
CA GLU C 573 10.57 60.46 -23.21
C GLU C 573 10.11 60.56 -24.66
N GLN C 574 9.96 61.79 -25.14
CA GLN C 574 9.59 62.04 -26.52
C GLN C 574 10.33 63.28 -26.99
N THR C 575 11.00 63.18 -28.14
CA THR C 575 11.79 64.28 -28.66
C THR C 575 10.88 65.28 -29.36
N VAL C 576 11.02 66.56 -28.98
CA VAL C 576 10.26 67.64 -29.57
C VAL C 576 11.24 68.62 -30.20
N VAL C 577 10.89 69.14 -31.37
CA VAL C 577 11.72 70.11 -32.09
C VAL C 577 10.92 71.39 -32.22
N ASP C 578 11.47 72.47 -31.67
CA ASP C 578 10.80 73.77 -31.68
C ASP C 578 11.12 74.51 -32.97
N ASN C 579 10.75 75.78 -33.04
CA ASN C 579 11.01 76.58 -34.23
C ASN C 579 12.50 76.63 -34.53
N ASP C 580 12.83 76.64 -35.82
CA ASP C 580 14.19 76.68 -36.36
C ASP C 580 14.90 75.34 -36.18
N GLY C 581 14.23 74.31 -35.68
CA GLY C 581 14.87 73.02 -35.49
C GLY C 581 15.66 72.93 -34.21
N ASN C 582 15.05 73.36 -33.09
CA ASN C 582 15.70 73.28 -31.80
C ASN C 582 15.16 72.08 -31.04
N PRO C 583 15.93 71.01 -30.89
CA PRO C 583 15.39 69.80 -30.24
C PRO C 583 15.33 69.95 -28.73
N SER C 584 14.45 69.13 -28.14
CA SER C 584 14.28 69.07 -26.70
C SER C 584 13.49 67.80 -26.38
N VAL C 585 13.57 67.38 -25.13
CA VAL C 585 12.95 66.14 -24.68
C VAL C 585 11.96 66.47 -23.57
N LYS C 586 10.87 65.70 -23.52
CA LYS C 586 9.86 65.86 -22.48
C LYS C 586 9.27 64.50 -22.14
N LYS C 587 8.88 64.34 -20.89
CA LYS C 587 8.32 63.09 -20.39
C LYS C 587 6.82 63.23 -20.22
N PHE C 588 6.08 62.24 -20.71
CA PHE C 588 4.63 62.21 -20.62
C PHE C 588 4.18 60.99 -19.85
N ASN C 589 2.94 61.04 -19.36
CA ASN C 589 2.39 59.96 -18.56
C ASN C 589 2.05 58.75 -19.42
N TRP C 590 2.98 57.81 -19.52
CA TRP C 590 2.76 56.57 -20.26
C TRP C 590 2.39 55.46 -19.29
N LYS C 591 1.33 54.72 -19.61
CA LYS C 591 0.88 53.60 -18.81
C LYS C 591 0.66 52.42 -19.73
N CYS C 592 1.15 51.26 -19.31
CA CYS C 592 1.12 50.04 -20.10
C CYS C 592 0.32 48.97 -19.37
N GLU C 593 0.14 47.83 -20.04
CA GLU C 593 -0.57 46.70 -19.49
C GLU C 593 0.27 45.43 -19.42
N ARG C 594 1.27 45.29 -20.28
CA ARG C 594 2.13 44.11 -20.28
C ARG C 594 3.45 44.47 -20.94
N VAL C 595 4.52 43.87 -20.43
CA VAL C 595 5.87 44.15 -20.92
C VAL C 595 6.65 42.84 -20.92
N ARG C 596 7.37 42.57 -22.01
CA ARG C 596 8.15 41.35 -22.16
C ARG C 596 9.48 41.70 -22.80
N SER C 597 10.34 40.68 -22.93
CA SER C 597 11.67 40.83 -23.49
C SER C 597 11.79 40.03 -24.77
N PHE C 598 12.49 40.57 -25.75
CA PHE C 598 12.69 39.89 -27.02
C PHE C 598 13.75 40.61 -27.82
N ASN C 599 14.67 39.84 -28.40
CA ASN C 599 15.74 40.38 -29.23
C ASN C 599 16.49 41.50 -28.50
N ASN C 600 16.80 41.24 -27.22
CA ASN C 600 17.51 42.21 -26.38
C ASN C 600 16.75 43.51 -26.23
N ARG C 601 15.45 43.50 -26.50
CA ARG C 601 14.61 44.67 -26.43
C ARG C 601 13.48 44.44 -25.44
N LEU C 602 12.74 45.51 -25.15
CA LEU C 602 11.55 45.46 -24.32
C LEU C 602 10.37 46.00 -25.11
N PHE C 603 9.19 45.43 -24.85
CA PHE C 603 7.99 45.74 -25.59
C PHE C 603 6.91 46.28 -24.65
N ALA C 604 5.77 46.65 -25.24
CA ALA C 604 4.66 47.19 -24.49
C ALA C 604 3.38 46.95 -25.27
N LEU C 605 2.28 46.77 -24.55
CA LEU C 605 0.98 46.47 -25.15
C LEU C 605 -0.09 47.37 -24.56
N ASN C 606 -0.99 47.84 -25.41
CA ASN C 606 -2.12 48.69 -24.99
C ASN C 606 -1.62 49.89 -24.19
N MET C 607 -0.79 50.69 -24.86
CA MET C 607 -0.20 51.86 -24.23
C MET C 607 -1.24 52.97 -24.10
N ARG C 608 -1.31 53.56 -22.89
CA ARG C 608 -2.16 54.73 -22.66
C ARG C 608 -1.27 55.97 -22.79
N GLU C 609 -0.87 56.24 -24.03
CA GLU C 609 0.08 57.32 -24.32
C GLU C 609 -0.61 58.66 -24.17
N ALA C 610 -0.15 59.47 -23.23
CA ALA C 610 -0.65 60.81 -23.03
C ALA C 610 0.20 61.81 -23.82
N ASN C 611 -0.06 63.09 -23.60
CA ASN C 611 0.63 64.16 -24.33
C ASN C 611 0.28 65.48 -23.67
N ALA C 612 0.84 66.57 -24.20
CA ALA C 612 0.40 67.89 -23.80
C ALA C 612 -1.10 68.01 -24.01
N SER C 613 -1.76 68.78 -23.16
CA SER C 613 -3.23 68.74 -23.08
C SER C 613 -3.67 67.32 -22.74
N GLY C 614 -3.35 66.93 -21.52
CA GLY C 614 -3.21 65.52 -21.16
C GLY C 614 -4.49 64.73 -21.04
N VAL C 615 -5.49 65.06 -21.85
CA VAL C 615 -6.65 64.18 -21.99
C VAL C 615 -6.15 62.92 -22.72
N THR C 616 -6.04 61.82 -21.99
CA THR C 616 -5.38 60.63 -22.51
C THR C 616 -6.17 60.02 -23.65
N THR C 617 -5.46 59.57 -24.67
CA THR C 617 -6.04 58.86 -25.81
C THR C 617 -5.50 57.44 -25.82
N ASN C 618 -6.38 56.47 -25.59
CA ASN C 618 -5.97 55.07 -25.56
C ASN C 618 -5.72 54.56 -26.96
N TYR C 619 -4.58 53.88 -27.14
CA TYR C 619 -4.20 53.27 -28.41
C TYR C 619 -4.02 51.77 -28.17
N PRO C 620 -5.12 51.02 -28.13
CA PRO C 620 -5.03 49.58 -27.79
C PRO C 620 -4.23 48.76 -28.79
N LEU C 621 -3.86 49.32 -29.93
CA LEU C 621 -3.06 48.62 -30.93
C LEU C 621 -1.63 49.13 -31.01
N ARG C 622 -1.26 50.09 -30.18
CA ARG C 622 0.10 50.59 -30.18
C ARG C 622 1.03 49.57 -29.53
N LEU C 623 2.27 49.54 -30.01
CA LEU C 623 3.25 48.58 -29.54
C LEU C 623 4.63 49.19 -29.76
N ARG C 624 5.28 49.60 -28.67
CA ARG C 624 6.60 50.22 -28.74
C ARG C 624 7.67 49.19 -28.38
N TRP C 625 8.87 49.43 -28.90
CA TRP C 625 10.02 48.60 -28.61
C TRP C 625 11.22 49.50 -28.34
N SER C 626 12.04 49.10 -27.38
CA SER C 626 13.15 49.92 -26.92
C SER C 626 14.43 49.54 -27.65
N ASN C 627 15.54 50.15 -27.27
CA ASN C 627 16.83 49.86 -27.86
C ASN C 627 17.36 48.54 -27.30
N PHE C 628 18.60 48.19 -27.64
CA PHE C 628 19.20 46.96 -27.17
C PHE C 628 19.65 47.13 -25.72
N ALA C 629 19.92 45.99 -25.08
CA ALA C 629 20.33 45.98 -23.68
C ALA C 629 21.77 46.49 -23.55
N ASN C 630 22.24 46.48 -22.31
CA ASN C 630 23.59 46.93 -21.98
C ASN C 630 24.20 45.90 -21.03
N GLU C 631 25.36 46.24 -20.46
CA GLU C 631 26.04 45.35 -19.54
C GLU C 631 25.35 45.41 -18.18
N ASN C 632 24.56 44.37 -17.89
CA ASN C 632 23.91 44.23 -16.58
C ASN C 632 23.00 45.43 -16.30
N LYS C 633 22.33 45.92 -17.33
CA LYS C 633 21.40 47.03 -17.19
C LYS C 633 20.25 46.84 -18.17
N ALA C 634 19.19 47.61 -17.95
CA ALA C 634 18.02 47.58 -18.81
C ALA C 634 18.09 48.66 -19.87
N PRO C 635 17.27 48.58 -20.91
CA PRO C 635 17.27 49.63 -21.94
C PRO C 635 17.10 51.02 -21.35
N THR C 636 17.51 52.04 -22.10
CA THR C 636 17.50 53.42 -21.61
C THR C 636 16.86 54.39 -22.59
N LEU C 637 16.18 53.91 -23.64
CA LEU C 637 15.56 54.80 -24.61
C LEU C 637 14.28 54.15 -25.13
N TRP C 638 13.17 54.86 -24.99
CA TRP C 638 11.89 54.44 -25.54
C TRP C 638 11.33 55.40 -26.57
N ASP C 639 11.97 56.55 -26.78
CA ASP C 639 11.44 57.57 -27.68
C ASP C 639 11.56 57.14 -29.13
N ASP C 640 10.46 57.26 -29.88
CA ASP C 640 10.49 56.93 -31.31
C ASP C 640 11.03 58.08 -32.15
N PHE C 641 11.03 59.30 -31.63
CA PHE C 641 11.37 60.49 -32.40
C PHE C 641 12.82 60.92 -32.18
N ALA C 642 13.70 59.96 -31.94
CA ALA C 642 15.12 60.25 -31.81
C ALA C 642 15.70 60.56 -33.19
N TYR C 643 17.02 60.68 -33.27
CA TYR C 643 17.72 61.03 -34.52
C TYR C 643 17.08 62.22 -35.22
N ASP C 644 16.40 63.09 -34.45
CA ASP C 644 15.78 64.29 -34.98
C ASP C 644 16.47 65.55 -34.51
N ARG C 645 17.60 65.41 -33.79
CA ARG C 645 18.35 66.55 -33.29
C ARG C 645 19.34 67.10 -34.32
N VAL C 646 19.47 66.46 -35.48
CA VAL C 646 20.34 66.93 -36.53
C VAL C 646 21.77 67.06 -36.01
N GLU C 663 23.85 55.77 -35.31
CA GLU C 663 23.18 55.21 -36.47
C GLU C 663 22.23 54.09 -36.04
N ASN C 664 22.63 53.32 -35.04
CA ASN C 664 21.87 52.17 -34.57
C ASN C 664 21.12 52.52 -33.29
N GLY C 665 20.27 51.58 -32.86
CA GLY C 665 19.51 51.76 -31.64
C GLY C 665 18.18 52.46 -31.88
N TYR C 666 17.36 51.90 -32.76
CA TYR C 666 16.10 52.52 -33.17
C TYR C 666 14.94 51.93 -32.38
N ALA C 667 14.03 52.81 -31.97
CA ALA C 667 12.81 52.43 -31.29
C ALA C 667 11.60 52.96 -32.06
N GLY C 668 10.52 52.19 -32.04
CA GLY C 668 9.34 52.63 -32.76
C GLY C 668 8.15 51.72 -32.52
N TYR C 669 7.16 51.86 -33.38
CA TYR C 669 5.89 51.17 -33.25
C TYR C 669 5.30 50.99 -34.64
N ILE C 670 4.22 50.20 -34.70
CA ILE C 670 3.56 49.91 -35.97
C ILE C 670 2.08 50.25 -35.98
N ASP C 671 1.40 50.27 -34.83
CA ASP C 671 -0.02 50.61 -34.76
C ASP C 671 -0.84 49.66 -35.63
N LEU C 672 -0.83 48.39 -35.21
CA LEU C 672 -1.49 47.32 -35.95
C LEU C 672 -2.95 47.64 -36.25
N ALA C 673 -3.54 46.91 -37.19
CA ALA C 673 -4.93 47.06 -37.57
C ALA C 673 -5.58 45.69 -37.58
N ASP C 674 -6.43 45.43 -36.60
CA ASP C 674 -7.05 44.11 -36.43
C ASP C 674 -8.44 44.30 -35.82
N SER C 675 -9.06 43.18 -35.47
CA SER C 675 -10.42 43.17 -34.95
C SER C 675 -10.42 42.92 -33.45
N ASN C 676 -11.27 43.66 -32.73
CA ASN C 676 -11.47 43.52 -31.29
C ASN C 676 -10.27 44.04 -30.50
N GLY C 677 -9.19 44.38 -31.18
CA GLY C 677 -8.03 45.00 -30.56
C GLY C 677 -7.64 44.45 -29.20
N SER C 678 -7.24 45.35 -28.32
CA SER C 678 -6.89 45.05 -26.94
C SER C 678 -5.51 44.41 -26.82
N LEU C 679 -4.92 44.00 -27.95
CA LEU C 679 -3.50 43.64 -28.02
C LEU C 679 -3.00 43.01 -26.72
N ILE C 680 -3.72 42.00 -26.23
CA ILE C 680 -3.56 41.56 -24.85
C ILE C 680 -2.17 40.96 -24.62
N ASP C 681 -1.79 39.98 -25.41
CA ASP C 681 -0.64 39.15 -25.10
C ASP C 681 0.45 39.29 -26.16
N ILE C 682 1.60 38.70 -25.85
CA ILE C 682 2.75 38.70 -26.75
C ILE C 682 3.69 37.62 -26.25
N LEU C 683 4.41 36.98 -27.18
CA LEU C 683 5.38 35.97 -26.80
C LEU C 683 6.30 35.69 -27.96
N PRO C 684 7.60 35.48 -27.72
CA PRO C 684 8.52 35.16 -28.81
C PRO C 684 8.58 33.66 -29.10
N LEU C 685 9.11 33.34 -30.29
CA LEU C 685 9.29 31.95 -30.70
C LEU C 685 10.40 31.92 -31.74
N LYS C 686 11.59 31.49 -31.32
CA LYS C 686 12.69 31.23 -32.24
C LYS C 686 12.98 32.44 -33.13
N ASP C 687 13.19 33.58 -32.47
CA ASP C 687 13.51 34.87 -33.10
C ASP C 687 12.30 35.51 -33.76
N TYR C 688 11.14 34.85 -33.78
CA TYR C 688 9.94 35.38 -34.43
C TYR C 688 8.88 35.62 -33.35
N LEU C 689 8.49 36.87 -33.17
CA LEU C 689 7.42 37.18 -32.25
C LEU C 689 6.10 36.60 -32.75
N PHE C 690 5.13 36.51 -31.82
CA PHE C 690 3.79 36.02 -32.13
C PHE C 690 2.81 36.80 -31.28
N VAL C 691 2.27 37.87 -31.84
CA VAL C 691 1.32 38.72 -31.13
C VAL C 691 -0.06 38.07 -31.16
N TYR C 692 -0.77 38.16 -30.04
CA TYR C 692 -2.13 37.65 -29.91
C TYR C 692 -3.03 38.72 -29.33
N THR C 693 -4.20 38.90 -29.94
CA THR C 693 -5.18 39.86 -29.46
C THR C 693 -6.59 39.29 -29.52
N GLU C 694 -6.72 37.98 -29.29
CA GLU C 694 -8.02 37.30 -29.28
C GLU C 694 -8.54 37.07 -30.70
N PHE C 695 -7.85 37.63 -31.69
CA PHE C 695 -8.19 37.47 -33.10
C PHE C 695 -7.05 38.08 -33.92
N GLU C 696 -6.84 37.53 -35.11
CA GLU C 696 -5.89 38.10 -36.06
C GLU C 696 -4.48 38.18 -35.48
N THR C 697 -3.92 37.00 -35.21
CA THR C 697 -2.56 36.92 -34.73
C THR C 697 -1.59 37.49 -35.76
N TYR C 698 -0.33 37.66 -35.35
CA TYR C 698 0.69 38.27 -36.18
C TYR C 698 2.01 37.54 -35.97
N ILE C 699 3.03 37.99 -36.71
CA ILE C 699 4.37 37.45 -36.60
C ILE C 699 5.36 38.62 -36.68
N GLY C 700 6.44 38.52 -35.92
CA GLY C 700 7.45 39.55 -35.91
C GLY C 700 8.75 39.12 -36.56
N SER C 701 9.16 39.86 -37.59
CA SER C 701 10.40 39.55 -38.31
C SER C 701 11.42 40.64 -38.04
N PRO C 702 12.36 40.44 -37.12
CA PRO C 702 13.36 41.48 -36.83
C PRO C 702 14.50 41.45 -37.84
N THR C 703 14.83 42.61 -38.37
CA THR C 703 15.97 42.78 -39.27
C THR C 703 17.18 43.29 -38.50
N ASN C 704 18.34 43.22 -39.15
CA ASN C 704 19.57 43.66 -38.50
C ASN C 704 19.48 45.14 -38.11
N ASN C 705 19.40 46.01 -39.11
CA ASN C 705 19.25 47.44 -38.85
C ASN C 705 18.87 48.16 -40.14
N THR C 706 17.77 48.90 -40.13
CA THR C 706 17.29 49.61 -41.30
C THR C 706 16.11 50.47 -40.88
N TYR C 707 15.47 51.12 -41.87
CA TYR C 707 14.32 51.96 -41.55
C TYR C 707 13.23 51.17 -40.86
N GLN C 708 12.92 49.97 -41.36
CA GLN C 708 11.90 49.10 -40.80
C GLN C 708 12.57 47.95 -40.07
N PRO C 709 12.89 48.10 -38.79
CA PRO C 709 13.59 47.01 -38.08
C PRO C 709 12.72 45.77 -37.91
N LEU C 710 11.42 45.94 -37.72
CA LEU C 710 10.50 44.81 -37.58
C LEU C 710 9.33 45.00 -38.54
N MET C 711 9.07 43.97 -39.36
CA MET C 711 7.96 43.98 -40.30
C MET C 711 6.98 42.90 -39.87
N PHE C 712 5.79 43.31 -39.45
CA PHE C 712 4.77 42.38 -38.96
C PHE C 712 3.85 41.98 -40.09
N LYS C 713 3.67 40.67 -40.27
CA LYS C 713 2.83 40.12 -41.30
C LYS C 713 1.70 39.31 -40.67
N LYS C 714 0.49 39.50 -41.18
CA LYS C 714 -0.66 38.75 -40.70
C LYS C 714 -0.44 37.26 -40.89
N LEU C 715 -0.94 36.47 -39.94
CA LEU C 715 -0.81 35.02 -39.97
C LEU C 715 -2.14 34.31 -40.06
N PHE C 716 -3.08 34.63 -39.18
CA PHE C 716 -4.37 33.97 -39.12
C PHE C 716 -5.49 34.99 -39.06
N ASN C 717 -6.71 34.52 -39.30
CA ASN C 717 -7.90 35.35 -39.24
C ASN C 717 -8.85 34.96 -38.12
N ASP C 718 -8.77 33.73 -37.64
CA ASP C 718 -9.60 33.24 -36.55
C ASP C 718 -8.83 32.94 -35.28
N SER C 719 -7.53 32.64 -35.38
CA SER C 719 -6.74 32.33 -34.21
C SER C 719 -6.60 33.55 -33.30
N GLY C 720 -6.45 33.30 -32.01
CA GLY C 720 -6.27 34.38 -31.05
C GLY C 720 -6.29 33.89 -29.61
N ILE C 721 -5.38 34.39 -28.79
CA ILE C 721 -5.26 33.90 -27.42
C ILE C 721 -6.47 34.32 -26.62
N LEU C 722 -6.74 33.57 -25.55
CA LEU C 722 -7.88 33.87 -24.68
C LEU C 722 -7.54 34.94 -23.66
N ALA C 723 -6.55 34.67 -22.79
CA ALA C 723 -6.18 35.59 -21.74
C ALA C 723 -4.75 36.05 -21.93
N PRO C 724 -4.28 37.04 -21.17
CA PRO C 724 -2.93 37.58 -21.40
C PRO C 724 -1.80 36.60 -21.10
N GLU C 725 -2.08 35.46 -20.47
CA GLU C 725 -1.04 34.49 -20.13
C GLU C 725 -1.53 33.07 -20.36
N CYS C 726 -2.16 32.84 -21.51
CA CYS C 726 -2.61 31.51 -21.91
C CYS C 726 -1.77 30.93 -23.04
N VAL C 727 -0.49 31.28 -23.10
CA VAL C 727 0.40 30.82 -24.15
C VAL C 727 1.78 30.59 -23.56
N VAL C 728 2.48 29.58 -24.08
CA VAL C 728 3.81 29.23 -23.60
C VAL C 728 4.46 28.32 -24.63
N GLU C 729 5.77 28.49 -24.79
CA GLU C 729 6.53 27.66 -25.72
C GLU C 729 6.87 26.33 -25.08
N VAL C 730 6.72 25.25 -25.85
CA VAL C 730 7.01 23.90 -25.39
C VAL C 730 8.11 23.23 -26.23
N GLU C 731 7.90 23.17 -27.55
CA GLU C 731 8.90 22.61 -28.45
C GLU C 731 8.77 23.33 -29.79
N GLY C 732 9.55 24.38 -29.98
CA GLY C 732 9.52 25.15 -31.20
C GLY C 732 8.11 25.46 -31.67
N SER C 733 7.19 25.63 -30.73
CA SER C 733 5.79 25.89 -31.05
C SER C 733 5.16 26.65 -29.91
N HIS C 734 3.86 26.90 -30.01
CA HIS C 734 3.11 27.65 -29.01
C HIS C 734 1.86 26.89 -28.63
N PHE C 735 1.50 26.97 -27.35
CA PHE C 735 0.33 26.30 -26.79
C PHE C 735 -0.72 27.37 -26.50
N VAL C 736 -1.62 27.58 -27.45
CA VAL C 736 -2.56 28.70 -27.42
C VAL C 736 -3.97 28.17 -27.29
N VAL C 737 -4.85 29.04 -26.79
CA VAL C 737 -6.27 28.74 -26.61
C VAL C 737 -7.04 29.72 -27.49
N THR C 738 -7.56 29.24 -28.62
CA THR C 738 -8.17 30.09 -29.62
C THR C 738 -9.67 30.28 -29.40
N GLN C 739 -10.06 30.58 -28.16
CA GLN C 739 -11.45 30.90 -27.82
C GLN C 739 -12.38 29.71 -27.98
N ASN C 740 -11.89 28.61 -28.56
CA ASN C 740 -12.72 27.44 -28.80
C ASN C 740 -12.03 26.12 -28.48
N ASP C 741 -10.71 26.06 -28.50
CA ASP C 741 -9.97 24.83 -28.25
C ASP C 741 -8.49 25.20 -28.12
N VAL C 742 -7.66 24.17 -27.98
CA VAL C 742 -6.22 24.32 -27.88
C VAL C 742 -5.62 24.13 -29.25
N ILE C 743 -4.58 24.92 -29.56
CA ILE C 743 -3.87 24.81 -30.82
C ILE C 743 -2.38 24.75 -30.54
N LEU C 744 -1.65 24.09 -31.44
CA LEU C 744 -0.21 23.90 -31.28
C LEU C 744 0.41 24.10 -32.67
N HIS C 745 0.86 25.33 -32.93
CA HIS C 745 1.38 25.70 -34.24
C HIS C 745 2.88 25.92 -34.16
N ASN C 746 3.62 25.29 -35.08
CA ASN C 746 5.05 25.49 -35.19
C ASN C 746 5.40 26.74 -36.00
N GLY C 747 4.40 27.36 -36.63
CA GLY C 747 4.63 28.49 -37.52
C GLY C 747 4.12 28.19 -38.92
N ALA C 748 3.13 28.97 -39.35
CA ALA C 748 2.45 28.87 -40.64
C ALA C 748 1.47 27.70 -40.68
N THR C 749 1.41 26.86 -39.66
CA THR C 749 0.46 25.76 -39.62
C THR C 749 0.06 25.49 -38.17
N LYS C 750 -1.23 25.37 -37.93
CA LYS C 750 -1.77 25.14 -36.60
C LYS C 750 -2.59 23.85 -36.59
N LYS C 751 -2.72 23.27 -35.41
CA LYS C 751 -3.45 22.04 -35.19
C LYS C 751 -4.45 22.23 -34.06
N SER C 752 -5.09 21.15 -33.65
CA SER C 752 -6.05 21.15 -32.54
C SER C 752 -5.72 19.98 -31.63
N ILE C 753 -5.24 20.28 -30.43
CA ILE C 753 -4.89 19.23 -29.48
C ILE C 753 -6.12 18.68 -28.77
N ALA C 754 -7.24 19.39 -28.81
CA ALA C 754 -8.48 18.98 -28.17
C ALA C 754 -9.64 19.08 -29.14
N SER C 755 -9.46 18.52 -30.33
CA SER C 755 -10.47 18.64 -31.38
C SER C 755 -11.81 18.10 -30.94
N ASN C 756 -11.88 16.80 -30.67
CA ASN C 756 -13.12 16.14 -30.28
C ASN C 756 -12.89 15.22 -29.10
N ARG C 757 -12.06 15.66 -28.15
CA ARG C 757 -11.79 14.88 -26.95
C ARG C 757 -12.23 15.61 -25.68
N VAL C 758 -11.81 16.86 -25.48
CA VAL C 758 -12.12 17.57 -24.25
C VAL C 758 -12.62 18.99 -24.55
N LYS C 759 -12.85 19.29 -25.83
CA LYS C 759 -13.27 20.63 -26.22
C LYS C 759 -14.54 21.06 -25.47
N ASN C 760 -15.61 20.29 -25.64
CA ASN C 760 -16.88 20.63 -25.00
C ASN C 760 -16.79 20.58 -23.49
N MET C 761 -15.77 19.93 -22.93
CA MET C 761 -15.58 19.91 -21.49
C MET C 761 -14.86 21.16 -20.99
N LEU C 762 -13.75 21.51 -21.64
CA LEU C 762 -13.01 22.71 -21.21
C LEU C 762 -13.82 23.97 -21.46
N ILE C 763 -14.44 24.10 -22.62
CA ILE C 763 -15.23 25.30 -22.89
C ILE C 763 -16.33 25.44 -21.84
N ASN C 764 -16.98 24.33 -21.49
CA ASN C 764 -18.04 24.38 -20.49
C ASN C 764 -17.51 24.75 -19.12
N GLU C 765 -16.41 24.12 -18.71
CA GLU C 765 -15.88 24.35 -17.36
C GLU C 765 -15.27 25.73 -17.19
N VAL C 766 -14.81 26.35 -18.27
CA VAL C 766 -14.12 27.64 -18.16
C VAL C 766 -15.09 28.78 -18.45
N CYS C 767 -16.13 28.51 -19.23
CA CYS C 767 -17.07 29.55 -19.61
C CYS C 767 -18.10 29.88 -18.53
N LEU C 768 -17.99 29.26 -17.35
CA LEU C 768 -19.02 29.43 -16.33
C LEU C 768 -18.69 30.58 -15.37
N VAL C 769 -17.53 30.52 -14.73
CA VAL C 769 -17.22 31.43 -13.62
C VAL C 769 -16.38 32.60 -14.11
N ASN C 770 -15.18 32.32 -14.61
CA ASN C 770 -14.27 33.38 -14.99
C ASN C 770 -13.25 32.87 -16.00
N PRO C 771 -13.50 33.03 -17.30
CA PRO C 771 -12.53 32.53 -18.29
C PRO C 771 -11.25 33.33 -18.33
N LEU C 772 -11.31 34.65 -18.07
CA LEU C 772 -10.12 35.49 -18.17
C LEU C 772 -9.05 35.09 -17.16
N ALA C 773 -9.40 34.33 -16.12
CA ALA C 773 -8.42 33.88 -15.15
C ALA C 773 -7.63 32.67 -15.62
N THR C 774 -7.92 32.16 -16.82
CA THR C 774 -7.20 31.00 -17.32
C THR C 774 -5.72 31.32 -17.47
N ARG C 775 -4.87 30.34 -17.14
CA ARG C 775 -3.44 30.50 -17.19
C ARG C 775 -2.82 29.21 -17.72
N VAL C 776 -1.49 29.24 -17.88
CA VAL C 776 -0.74 28.07 -18.34
C VAL C 776 0.61 28.07 -17.65
N HIS C 777 1.27 26.90 -17.68
CA HIS C 777 2.60 26.77 -17.12
C HIS C 777 3.27 25.58 -17.78
N LEU C 778 4.55 25.75 -18.12
CA LEU C 778 5.33 24.70 -18.77
C LEU C 778 5.98 23.85 -17.70
N HIS C 779 5.37 22.71 -17.40
CA HIS C 779 5.90 21.77 -16.40
C HIS C 779 6.96 20.90 -17.07
N GLN C 780 8.03 21.56 -17.51
CA GLN C 780 9.11 20.87 -18.21
C GLN C 780 9.73 19.79 -17.34
N ASP C 781 9.58 19.89 -16.02
CA ASP C 781 10.15 18.88 -15.13
C ASP C 781 9.62 17.50 -15.44
N LYS C 782 8.41 17.41 -16.00
CA LYS C 782 7.82 16.12 -16.32
C LYS C 782 7.11 16.10 -17.67
N LYS C 783 7.40 17.06 -18.55
CA LYS C 783 6.84 17.10 -19.90
C LYS C 783 5.32 17.19 -19.85
N GLU C 784 4.84 18.27 -19.24
CA GLU C 784 3.41 18.51 -19.07
C GLU C 784 3.15 20.01 -19.15
N VAL C 785 2.08 20.37 -19.85
CA VAL C 785 1.67 21.77 -20.03
C VAL C 785 0.19 21.83 -19.68
N TRP C 786 -0.12 22.26 -18.47
CA TRP C 786 -1.49 22.36 -18.01
C TRP C 786 -2.00 23.79 -18.17
N VAL C 787 -3.32 23.91 -18.30
CA VAL C 787 -3.99 25.19 -18.49
C VAL C 787 -4.86 25.42 -17.26
N LEU C 788 -4.36 26.21 -16.32
CA LEU C 788 -5.10 26.48 -15.10
C LEU C 788 -6.37 27.28 -15.40
N TYR C 789 -7.41 27.03 -14.61
CA TYR C 789 -8.65 27.78 -14.73
C TYR C 789 -9.42 27.64 -13.44
N VAL C 790 -10.40 28.53 -13.26
CA VAL C 790 -11.20 28.55 -12.05
C VAL C 790 -12.17 27.38 -12.06
N GLY C 791 -12.40 26.79 -10.89
CA GLY C 791 -13.27 25.66 -10.75
C GLY C 791 -14.69 25.99 -11.18
N PRO C 792 -15.55 24.97 -11.25
CA PRO C 792 -16.92 25.19 -11.68
C PRO C 792 -17.72 26.02 -10.67
N GLY C 793 -17.67 25.62 -9.40
CA GLY C 793 -18.39 26.35 -8.36
C GLY C 793 -17.49 27.26 -7.56
N GLU C 794 -17.53 28.55 -7.87
CA GLU C 794 -16.73 29.55 -7.18
C GLU C 794 -17.38 30.91 -7.40
N PRO C 795 -17.00 31.92 -6.61
CA PRO C 795 -17.57 33.26 -6.83
C PRO C 795 -17.14 33.82 -8.17
N LYS C 796 -18.03 34.61 -8.79
CA LYS C 796 -17.73 35.24 -10.06
C LYS C 796 -16.64 36.29 -9.94
N GLU C 797 -16.28 36.71 -8.73
CA GLU C 797 -15.25 37.70 -8.50
C GLU C 797 -13.91 37.08 -8.11
N SER C 798 -13.80 35.76 -8.18
CA SER C 798 -12.59 35.06 -7.78
C SER C 798 -11.69 34.82 -8.98
N PHE C 799 -10.38 34.88 -8.74
CA PHE C 799 -9.38 34.63 -9.78
C PHE C 799 -8.44 33.50 -9.39
N ALA C 800 -8.69 32.82 -8.28
CA ALA C 800 -7.84 31.74 -7.80
C ALA C 800 -8.17 30.48 -8.59
N CYS C 801 -7.31 30.13 -9.55
CA CYS C 801 -7.51 28.90 -10.32
C CYS C 801 -7.54 27.71 -9.38
N THR C 802 -8.51 26.82 -9.60
CA THR C 802 -8.71 25.66 -8.75
C THR C 802 -8.39 24.34 -9.45
N LYS C 803 -8.80 24.19 -10.71
CA LYS C 803 -8.58 22.97 -11.47
C LYS C 803 -7.58 23.24 -12.58
N ALA C 804 -7.08 22.15 -13.17
CA ALA C 804 -6.08 22.25 -14.23
C ALA C 804 -6.21 21.06 -15.15
N ALA C 805 -6.06 21.32 -16.45
CA ALA C 805 -6.11 20.28 -17.48
C ALA C 805 -4.69 20.11 -18.02
N VAL C 806 -4.03 19.05 -17.60
CA VAL C 806 -2.63 18.82 -17.93
C VAL C 806 -2.54 17.96 -19.17
N TRP C 807 -1.64 18.35 -20.08
CA TRP C 807 -1.42 17.65 -21.33
C TRP C 807 0.06 17.31 -21.47
N ASN C 808 0.34 16.06 -21.84
CA ASN C 808 1.71 15.58 -22.02
C ASN C 808 2.05 15.68 -23.50
N TYR C 809 3.00 16.54 -23.84
CA TYR C 809 3.40 16.74 -25.23
C TYR C 809 4.32 15.64 -25.75
N GLU C 810 4.64 14.64 -24.92
CA GLU C 810 5.47 13.52 -25.37
C GLU C 810 4.65 12.34 -25.85
N PHE C 811 3.42 12.19 -25.36
CA PHE C 811 2.57 11.08 -25.76
C PHE C 811 1.15 11.52 -26.11
N ASP C 812 0.86 12.82 -26.07
CA ASP C 812 -0.44 13.36 -26.51
C ASP C 812 -1.59 12.71 -25.74
N THR C 813 -1.61 12.99 -24.43
CA THR C 813 -2.66 12.50 -23.55
C THR C 813 -3.15 13.64 -22.67
N TRP C 814 -4.44 13.65 -22.39
CA TRP C 814 -5.07 14.69 -21.59
C TRP C 814 -5.44 14.15 -20.21
N SER C 815 -5.27 14.98 -19.20
CA SER C 815 -5.64 14.62 -17.84
C SER C 815 -5.91 15.90 -17.06
N PHE C 816 -6.62 15.75 -15.94
CA PHE C 816 -7.01 16.87 -15.10
C PHE C 816 -6.49 16.65 -13.68
N ARG C 817 -6.58 17.69 -12.87
CA ARG C 817 -6.15 17.63 -11.49
C ARG C 817 -6.67 18.88 -10.77
N THR C 818 -6.30 18.99 -9.49
CA THR C 818 -6.71 20.11 -8.65
C THR C 818 -5.47 20.83 -8.12
N ILE C 819 -5.61 22.13 -7.93
CA ILE C 819 -4.52 22.96 -7.40
C ILE C 819 -5.04 23.73 -6.20
N PRO C 820 -4.16 24.19 -5.32
CA PRO C 820 -4.58 24.88 -4.09
C PRO C 820 -4.80 26.38 -4.29
N TYR C 821 -5.76 26.72 -5.15
CA TYR C 821 -6.19 28.10 -5.33
C TYR C 821 -5.01 28.99 -5.75
N ALA C 822 -4.46 28.69 -6.91
CA ALA C 822 -3.27 29.37 -7.40
C ALA C 822 -3.64 30.69 -8.06
N GLN C 823 -3.15 31.80 -7.49
CA GLN C 823 -3.24 33.09 -8.17
C GLN C 823 -2.11 33.25 -9.19
N CYS C 824 -0.99 32.58 -8.95
CA CYS C 824 0.15 32.59 -9.87
C CYS C 824 0.85 31.25 -9.77
N ILE C 825 1.96 31.12 -10.49
CA ILE C 825 2.74 29.88 -10.49
C ILE C 825 4.13 30.20 -11.02
N GLY C 826 5.10 29.38 -10.67
CA GLY C 826 6.45 29.57 -11.13
C GLY C 826 7.35 28.50 -10.56
N LEU C 827 8.60 28.51 -11.03
CA LEU C 827 9.63 27.58 -10.60
C LEU C 827 10.69 28.33 -9.80
N VAL C 828 11.16 27.70 -8.72
CA VAL C 828 12.16 28.31 -7.85
C VAL C 828 12.80 27.21 -7.01
N ASP C 829 14.01 27.47 -6.52
CA ASP C 829 14.66 26.54 -5.62
C ASP C 829 13.96 26.55 -4.26
N PRO C 830 14.04 25.44 -3.52
CA PRO C 830 13.31 25.36 -2.25
C PRO C 830 14.12 25.95 -1.11
N PRO C 831 13.54 26.02 0.08
CA PRO C 831 14.30 26.52 1.24
C PRO C 831 15.52 25.66 1.53
N VAL C 832 16.36 26.15 2.43
CA VAL C 832 17.58 25.43 2.78
C VAL C 832 17.25 24.07 3.38
N LEU C 833 16.14 23.96 4.11
CA LEU C 833 15.76 22.68 4.70
C LEU C 833 15.35 21.67 3.64
N GLU C 834 15.04 22.11 2.42
CA GLU C 834 14.67 21.21 1.34
C GLU C 834 15.60 21.33 0.14
N ARG C 835 16.50 22.32 0.12
CA ARG C 835 17.52 22.46 -0.91
C ARG C 835 18.70 21.54 -0.66
N GLY C 836 18.59 20.61 0.27
CA GLY C 836 19.69 19.77 0.67
C GLY C 836 20.27 20.25 1.98
N PRO C 837 19.84 19.67 3.10
CA PRO C 837 20.34 20.10 4.41
C PRO C 837 21.55 19.30 4.85
N ILE C 838 22.11 19.65 6.00
CA ILE C 838 23.31 19.02 6.52
C ILE C 838 23.09 18.70 8.00
N TRP C 839 23.70 17.61 8.46
CA TRP C 839 23.57 17.23 9.86
C TRP C 839 23.91 18.39 10.78
N SER C 840 25.04 19.05 10.53
CA SER C 840 25.45 20.18 11.35
C SER C 840 24.80 21.47 10.89
N ASP C 841 23.47 21.43 10.74
CA ASP C 841 22.69 22.63 10.46
C ASP C 841 21.52 22.70 11.44
N PHE C 842 21.06 21.54 11.89
CA PHE C 842 19.96 21.45 12.85
C PHE C 842 20.48 21.60 14.28
N GLN C 843 21.22 22.69 14.50
CA GLN C 843 21.73 23.01 15.84
C GLN C 843 20.66 23.59 16.74
N GLU C 844 19.58 24.13 16.15
CA GLU C 844 18.46 24.66 16.91
C GLU C 844 17.19 23.83 16.76
N ILE C 845 17.18 22.84 15.86
CA ILE C 845 16.01 22.02 15.62
C ILE C 845 16.14 20.73 16.44
N THR C 846 14.99 20.16 16.80
CA THR C 846 14.94 18.96 17.62
C THR C 846 13.85 18.04 17.08
N TRP C 847 13.72 16.88 17.69
CA TRP C 847 12.75 15.88 17.25
C TRP C 847 11.31 16.25 17.61
N ASP C 848 11.09 17.39 18.26
CA ASP C 848 9.76 17.84 18.64
C ASP C 848 9.06 18.61 17.54
N ASP C 849 9.45 18.38 16.28
CA ASP C 849 8.86 18.96 15.08
C ASP C 849 8.34 20.37 15.33
N PRO C 850 9.22 21.33 15.63
CA PRO C 850 8.76 22.69 15.91
C PRO C 850 8.20 23.38 14.67
N SER C 851 6.98 23.01 14.30
CA SER C 851 6.25 23.55 13.15
C SER C 851 6.77 22.99 11.83
N ILE C 852 7.51 21.88 11.86
CA ILE C 852 8.05 21.26 10.65
C ILE C 852 7.99 19.75 10.83
N LYS C 853 7.12 19.10 10.06
CA LYS C 853 6.95 17.64 10.15
C LYS C 853 7.12 17.00 8.79
N GLU C 854 6.71 17.70 7.73
CA GLU C 854 6.74 17.16 6.37
C GLU C 854 8.17 17.22 5.84
N LEU C 855 9.03 16.42 6.45
CA LEU C 855 10.43 16.30 6.06
C LEU C 855 10.73 14.85 5.72
N VAL C 856 11.56 14.65 4.69
CA VAL C 856 11.91 13.32 4.21
C VAL C 856 13.40 13.28 3.95
N TRP C 857 13.99 12.08 4.12
CA TRP C 857 15.41 11.90 3.88
C TRP C 857 15.76 12.26 2.44
N ARG C 858 15.20 11.52 1.48
CA ARG C 858 15.49 11.73 0.06
C ARG C 858 14.16 11.76 -0.68
N LYS C 859 13.71 12.95 -1.03
CA LYS C 859 12.48 13.11 -1.80
C LYS C 859 12.78 12.98 -3.29
N ASP C 860 11.83 12.39 -4.02
CA ASP C 860 12.01 12.20 -5.45
C ASP C 860 12.23 13.55 -6.14
N ALA C 861 13.19 13.58 -7.05
CA ALA C 861 13.59 14.80 -7.74
C ALA C 861 13.23 14.73 -9.21
N THR C 862 12.94 15.88 -9.80
CA THR C 862 12.64 16.00 -11.22
C THR C 862 13.61 16.92 -11.95
N ASN C 863 14.75 17.21 -11.35
CA ASN C 863 15.72 18.13 -11.92
C ASN C 863 17.07 17.90 -11.27
N PHE C 864 18.14 18.22 -12.01
CA PHE C 864 19.48 18.04 -11.47
C PHE C 864 19.74 19.04 -10.35
N ARG C 865 19.32 20.29 -10.53
CA ARG C 865 19.47 21.32 -9.51
C ARG C 865 18.43 21.21 -8.41
N GLN C 866 17.51 20.25 -8.49
CA GLN C 866 16.47 20.05 -7.49
C GLN C 866 15.67 21.33 -7.27
N ARG C 867 14.99 21.76 -8.34
CA ARG C 867 14.11 22.90 -8.29
C ARG C 867 12.67 22.43 -8.12
N VAL C 868 11.89 23.19 -7.36
CA VAL C 868 10.52 22.84 -7.02
C VAL C 868 9.58 23.90 -7.57
N THR C 869 8.42 23.46 -8.03
CA THR C 869 7.38 24.37 -8.52
C THR C 869 6.55 24.84 -7.34
N ILE C 870 6.47 26.16 -7.17
CA ILE C 870 5.75 26.76 -6.05
C ILE C 870 4.56 27.52 -6.59
N VAL C 871 3.59 27.76 -5.70
CA VAL C 871 2.33 28.39 -6.06
C VAL C 871 2.06 29.53 -5.09
N GLY C 872 1.55 30.64 -5.64
CA GLY C 872 1.06 31.73 -4.80
C GLY C 872 -0.42 31.56 -4.53
N SER C 873 -0.74 31.02 -3.36
CA SER C 873 -2.11 30.58 -3.09
C SER C 873 -2.95 31.73 -2.55
N PHE C 874 -4.27 31.58 -2.72
CA PHE C 874 -5.25 32.49 -2.15
C PHE C 874 -5.43 32.28 -0.65
N LEU C 875 -4.85 31.22 -0.09
CA LEU C 875 -4.99 30.88 1.32
C LEU C 875 -3.92 31.54 2.18
N LYS C 876 -3.40 32.69 1.78
CA LYS C 876 -2.41 33.44 2.54
C LYS C 876 -1.16 32.61 2.77
N GLY C 877 -0.48 32.30 1.69
CA GLY C 877 0.77 31.57 1.76
C GLY C 877 1.10 30.91 0.44
N PHE C 878 2.30 30.34 0.40
CA PHE C 878 2.76 29.58 -0.75
C PHE C 878 2.38 28.12 -0.62
N TYR C 879 2.45 27.39 -1.74
CA TYR C 879 2.10 25.99 -1.75
C TYR C 879 2.85 25.30 -2.89
N GLN C 880 3.29 24.07 -2.62
CA GLN C 880 3.89 23.23 -3.64
C GLN C 880 2.79 22.48 -4.38
N VAL C 881 2.97 22.30 -5.68
CA VAL C 881 1.91 21.79 -6.55
C VAL C 881 2.05 20.28 -6.77
N ASP C 882 3.28 19.76 -6.82
CA ASP C 882 3.54 18.36 -7.09
C ASP C 882 4.38 17.80 -5.96
N VAL C 883 3.73 17.22 -4.96
CA VAL C 883 4.37 16.68 -3.78
C VAL C 883 3.57 15.47 -3.30
N GLY C 884 3.97 14.91 -2.16
CA GLY C 884 3.32 13.76 -1.60
C GLY C 884 1.82 13.90 -1.48
N ALA C 885 1.13 12.78 -1.28
CA ALA C 885 -0.33 12.77 -1.31
C ALA C 885 -0.91 13.62 -0.20
N LEU C 886 -1.42 14.80 -0.56
CA LEU C 886 -2.09 15.69 0.37
C LEU C 886 -2.76 16.80 -0.43
N ASP C 887 -4.01 17.11 -0.08
CA ASP C 887 -4.78 18.12 -0.79
C ASP C 887 -5.40 19.06 0.24
N TYR C 888 -5.25 20.36 0.01
CA TYR C 888 -5.73 21.38 0.93
C TYR C 888 -6.98 22.02 0.32
N PHE C 889 -8.14 21.61 0.83
CA PHE C 889 -9.43 22.10 0.35
C PHE C 889 -9.95 23.15 1.33
N TYR C 890 -10.38 24.29 0.80
CA TYR C 890 -10.84 25.40 1.62
C TYR C 890 -12.34 25.30 1.85
N ASP C 891 -12.77 25.73 3.03
CA ASP C 891 -14.18 25.72 3.42
C ASP C 891 -14.60 27.12 3.82
N ARG C 892 -15.69 27.60 3.21
CA ARG C 892 -16.21 28.92 3.51
C ARG C 892 -17.06 28.96 4.78
N LEU C 893 -17.56 27.81 5.23
CA LEU C 893 -18.42 27.80 6.40
C LEU C 893 -17.68 28.32 7.63
N ASN C 894 -16.61 27.62 8.03
CA ASN C 894 -15.84 28.00 9.20
C ASN C 894 -14.63 28.87 8.86
N ASP C 895 -14.40 29.16 7.58
CA ASP C 895 -13.27 29.98 7.16
C ASP C 895 -11.96 29.41 7.69
N VAL C 896 -11.70 28.16 7.35
CA VAL C 896 -10.51 27.45 7.80
C VAL C 896 -10.00 26.57 6.67
N VAL C 897 -8.68 26.38 6.65
CA VAL C 897 -8.06 25.50 5.67
C VAL C 897 -8.13 24.06 6.18
N ILE C 898 -8.39 23.13 5.27
CA ILE C 898 -8.53 21.72 5.62
C ILE C 898 -7.64 20.90 4.70
N GLU C 899 -6.88 19.97 5.29
CA GLU C 899 -6.02 19.07 4.54
C GLU C 899 -6.60 17.67 4.59
N LYS C 900 -6.60 17.00 3.44
CA LYS C 900 -7.13 15.65 3.32
C LYS C 900 -6.35 14.91 2.26
N PRO C 901 -6.42 13.58 2.25
CA PRO C 901 -5.69 12.82 1.22
C PRO C 901 -6.13 13.21 -0.18
N LEU C 902 -5.19 13.07 -1.12
CA LEU C 902 -5.46 13.37 -2.52
C LEU C 902 -6.31 12.24 -3.11
N GLU C 903 -7.45 12.60 -3.68
CA GLU C 903 -8.42 11.63 -4.19
C GLU C 903 -8.30 11.56 -5.71
N MET C 904 -7.81 10.43 -6.21
CA MET C 904 -7.80 10.16 -7.63
C MET C 904 -9.05 9.40 -8.03
N ARG C 905 -9.47 9.60 -9.28
CA ARG C 905 -10.65 8.91 -9.80
C ARG C 905 -10.48 8.70 -11.29
N LEU C 906 -10.52 7.43 -11.71
CA LEU C 906 -10.59 7.06 -13.11
C LEU C 906 -11.99 6.56 -13.40
N GLU C 907 -12.44 6.79 -14.63
CA GLU C 907 -13.82 6.47 -14.99
C GLU C 907 -13.90 6.21 -16.49
N ARG C 908 -14.40 5.04 -16.86
CA ARG C 908 -14.71 4.73 -18.25
C ARG C 908 -16.05 4.01 -18.30
N THR C 909 -16.94 4.50 -19.14
CA THR C 909 -18.28 3.94 -19.30
C THR C 909 -18.41 3.28 -20.65
N GLY C 910 -19.51 2.55 -20.82
CA GLY C 910 -19.82 1.92 -22.08
C GLY C 910 -18.73 1.00 -22.59
N ILE C 911 -18.50 -0.09 -21.88
CA ILE C 911 -17.58 -1.13 -22.30
C ILE C 911 -18.43 -2.23 -22.92
N ASP C 912 -18.63 -2.16 -24.23
CA ASP C 912 -19.54 -3.06 -24.94
C ASP C 912 -18.86 -4.31 -25.45
N PHE C 913 -17.54 -4.40 -25.37
CA PHE C 913 -16.79 -5.55 -25.88
C PHE C 913 -17.09 -5.79 -27.36
N ASP C 914 -17.45 -4.72 -28.08
CA ASP C 914 -17.78 -4.87 -29.50
C ASP C 914 -16.63 -5.48 -30.28
N ASN C 915 -15.40 -5.27 -29.83
CA ASN C 915 -14.23 -5.83 -30.51
C ASN C 915 -14.04 -7.30 -30.21
N VAL C 916 -14.87 -7.90 -29.36
CA VAL C 916 -14.76 -9.31 -29.00
C VAL C 916 -16.07 -10.02 -29.32
N THR C 917 -17.16 -9.56 -28.70
CA THR C 917 -18.48 -10.13 -28.92
C THR C 917 -19.49 -9.03 -29.22
N ASN C 918 -20.77 -9.39 -29.31
CA ASN C 918 -21.81 -8.44 -29.64
C ASN C 918 -22.13 -7.57 -28.45
N GLU C 919 -22.49 -6.31 -28.73
CA GLU C 919 -22.78 -5.35 -27.68
C GLU C 919 -24.00 -5.77 -26.86
N TRP C 920 -25.14 -5.91 -27.53
CA TRP C 920 -26.39 -6.19 -26.84
C TRP C 920 -26.34 -7.46 -26.00
N ASN C 921 -25.36 -8.34 -26.25
CA ASN C 921 -25.29 -9.58 -25.51
C ASN C 921 -24.87 -9.32 -24.06
N GLN C 922 -25.56 -9.97 -23.13
CA GLN C 922 -25.21 -9.84 -21.72
C GLN C 922 -23.92 -10.58 -21.43
N LYS C 923 -23.11 -10.01 -20.55
CA LYS C 923 -21.77 -10.52 -20.26
C LYS C 923 -21.56 -10.57 -18.76
N HIS C 924 -21.36 -11.77 -18.23
CA HIS C 924 -21.15 -11.95 -16.80
C HIS C 924 -19.72 -11.60 -16.45
N ILE C 925 -19.54 -10.56 -15.63
CA ILE C 925 -18.23 -10.09 -15.22
C ILE C 925 -17.88 -10.74 -13.89
N ASN C 926 -16.66 -11.28 -13.80
CA ASN C 926 -16.21 -11.99 -12.62
C ASN C 926 -14.98 -11.38 -11.97
N ARG C 927 -13.95 -11.05 -12.74
CA ARG C 927 -12.67 -10.65 -12.17
C ARG C 927 -11.99 -9.61 -13.05
N PHE C 928 -11.15 -8.79 -12.40
CA PHE C 928 -10.18 -7.95 -13.07
C PHE C 928 -8.80 -8.36 -12.59
N ARG C 929 -7.91 -8.70 -13.51
CA ARG C 929 -6.57 -9.15 -13.18
C ARG C 929 -5.54 -8.09 -13.56
N PRO C 930 -5.32 -7.08 -12.73
CA PRO C 930 -4.38 -6.01 -13.08
C PRO C 930 -2.94 -6.44 -12.87
N GLN C 931 -2.03 -5.61 -13.38
CA GLN C 931 -0.59 -5.78 -13.23
C GLN C 931 -0.04 -4.45 -12.74
N THR C 932 -0.04 -4.26 -11.43
CA THR C 932 0.35 -2.99 -10.83
C THR C 932 1.86 -2.98 -10.55
N THR C 933 2.33 -1.84 -10.05
CA THR C 933 3.73 -1.66 -9.70
C THR C 933 3.82 -0.76 -8.48
N GLY C 934 4.71 -1.10 -7.56
CA GLY C 934 4.86 -0.34 -6.34
C GLY C 934 3.92 -0.80 -5.26
N SER C 935 3.88 -0.02 -4.19
CA SER C 935 3.04 -0.29 -3.03
C SER C 935 1.88 0.71 -2.98
N GLY C 936 0.75 0.24 -2.47
CA GLY C 936 -0.42 1.10 -2.37
C GLY C 936 -1.64 0.29 -1.97
N THR C 937 -2.79 0.95 -2.03
CA THR C 937 -4.06 0.32 -1.69
C THR C 937 -5.16 1.05 -2.47
N TYR C 938 -5.58 0.47 -3.58
CA TYR C 938 -6.62 1.07 -4.40
C TYR C 938 -8.00 0.69 -3.87
N ILE C 939 -9.01 1.37 -4.41
CA ILE C 939 -10.41 1.12 -4.06
C ILE C 939 -11.16 1.00 -5.39
N PHE C 940 -11.33 -0.21 -5.87
CA PHE C 940 -11.99 -0.45 -7.15
C PHE C 940 -13.50 -0.35 -7.00
N GLU C 941 -14.16 0.19 -8.03
CA GLU C 941 -15.60 0.24 -8.11
C GLU C 941 -16.03 -0.18 -9.50
N ALA C 942 -17.20 -0.81 -9.59
CA ALA C 942 -17.69 -1.32 -10.85
C ALA C 942 -19.21 -1.34 -10.84
N GLY C 943 -19.78 -1.33 -12.04
CA GLY C 943 -21.22 -1.35 -12.20
C GLY C 943 -21.61 -1.59 -13.64
N GLY C 944 -22.77 -1.10 -14.03
CA GLY C 944 -23.22 -1.27 -15.41
C GLY C 944 -24.64 -0.79 -15.57
N SER C 945 -25.20 -1.10 -16.74
CA SER C 945 -26.57 -0.75 -17.05
C SER C 945 -27.01 -1.58 -18.25
N GLN C 946 -28.32 -1.85 -18.30
CA GLN C 946 -28.89 -2.62 -19.40
C GLN C 946 -28.95 -1.82 -20.69
N PHE C 947 -28.57 -0.55 -20.68
CA PHE C 947 -28.58 0.32 -21.84
C PHE C 947 -27.17 0.81 -22.13
N SER C 948 -27.06 1.68 -23.14
CA SER C 948 -25.78 2.23 -23.57
C SER C 948 -25.64 3.71 -23.29
N ASN C 949 -26.74 4.42 -23.07
CA ASN C 949 -26.69 5.86 -22.89
C ASN C 949 -26.48 6.26 -21.43
N GLU C 950 -26.93 5.45 -20.50
CA GLU C 950 -26.91 5.80 -19.08
C GLU C 950 -25.57 5.47 -18.44
N TYR C 951 -25.11 6.36 -17.56
CA TYR C 951 -23.97 6.07 -16.71
C TYR C 951 -24.40 5.08 -15.64
N GLY C 952 -24.02 3.82 -15.82
CA GLY C 952 -24.53 2.75 -14.98
C GLY C 952 -24.41 3.00 -13.50
N HIS C 953 -25.26 2.33 -12.72
CA HIS C 953 -25.21 2.46 -11.28
C HIS C 953 -24.20 1.47 -10.69
N PRO C 954 -23.53 1.81 -9.59
CA PRO C 954 -22.55 0.88 -9.02
C PRO C 954 -23.21 -0.39 -8.53
N HIS C 955 -22.41 -1.45 -8.44
CA HIS C 955 -22.85 -2.74 -7.94
C HIS C 955 -22.03 -3.26 -6.77
N THR C 956 -20.79 -2.84 -6.62
CA THR C 956 -19.92 -3.33 -5.56
C THR C 956 -18.70 -2.43 -5.49
N SER C 957 -17.76 -2.80 -4.62
CA SER C 957 -16.52 -2.07 -4.45
C SER C 957 -15.57 -2.91 -3.62
N LYS C 958 -14.30 -2.95 -4.05
CA LYS C 958 -13.29 -3.76 -3.38
C LYS C 958 -11.97 -3.01 -3.35
N THR C 959 -11.15 -3.34 -2.36
CA THR C 959 -9.82 -2.74 -2.21
C THR C 959 -8.77 -3.75 -2.65
N TYR C 960 -7.90 -3.33 -3.57
CA TYR C 960 -6.84 -4.17 -4.10
C TYR C 960 -5.52 -3.70 -3.48
N THR C 961 -5.21 -4.23 -2.30
CA THR C 961 -3.93 -3.95 -1.67
C THR C 961 -2.84 -4.77 -2.34
N ILE C 962 -1.75 -4.11 -2.69
CA ILE C 962 -0.68 -4.75 -3.44
C ILE C 962 0.22 -5.52 -2.48
N GLY C 963 0.73 -6.65 -2.94
CA GLY C 963 1.54 -7.52 -2.12
C GLY C 963 0.76 -8.63 -1.43
N VAL C 964 -0.57 -8.59 -1.48
CA VAL C 964 -1.41 -9.61 -0.85
C VAL C 964 -2.37 -10.17 -1.89
N ASP C 965 -3.17 -9.29 -2.49
CA ASP C 965 -4.18 -9.69 -3.45
C ASP C 965 -3.60 -9.68 -4.87
N ARG C 966 -4.08 -10.61 -5.69
CA ARG C 966 -3.70 -10.70 -7.08
C ARG C 966 -4.83 -10.35 -8.04
N HIS C 967 -5.98 -9.91 -7.52
CA HIS C 967 -7.12 -9.58 -8.37
C HIS C 967 -8.25 -8.99 -7.55
N VAL C 968 -9.33 -8.59 -8.22
CA VAL C 968 -10.53 -8.09 -7.56
C VAL C 968 -11.73 -8.87 -8.09
N SER C 969 -12.58 -9.32 -7.19
CA SER C 969 -13.72 -10.16 -7.53
C SER C 969 -14.99 -9.32 -7.52
N VAL C 970 -15.64 -9.22 -8.68
CA VAL C 970 -16.91 -8.51 -8.83
C VAL C 970 -17.86 -9.38 -9.63
N ARG C 971 -19.16 -9.26 -9.34
CA ARG C 971 -20.18 -10.08 -9.98
C ARG C 971 -21.19 -9.17 -10.66
N LEU C 972 -21.16 -9.14 -11.99
CA LEU C 972 -22.11 -8.37 -12.78
C LEU C 972 -22.52 -9.21 -13.98
N ASN C 973 -23.68 -8.87 -14.55
CA ASN C 973 -24.07 -9.44 -15.84
C ASN C 973 -24.71 -8.41 -16.76
N HIS C 974 -24.62 -7.12 -16.45
CA HIS C 974 -25.11 -6.11 -17.35
C HIS C 974 -24.28 -6.11 -18.63
N PRO C 975 -24.89 -5.80 -19.78
CA PRO C 975 -24.13 -5.83 -21.03
C PRO C 975 -23.15 -4.69 -21.18
N TYR C 976 -23.39 -3.55 -20.53
CA TYR C 976 -22.53 -2.37 -20.64
C TYR C 976 -21.90 -2.12 -19.29
N LEU C 977 -20.63 -2.50 -19.17
CA LEU C 977 -19.89 -2.40 -17.91
C LEU C 977 -19.18 -1.06 -17.82
N PHE C 978 -18.91 -0.63 -16.59
CA PHE C 978 -18.09 0.53 -16.32
C PHE C 978 -17.33 0.30 -15.02
N TYR C 979 -16.06 0.65 -15.01
CA TYR C 979 -15.20 0.46 -13.84
C TYR C 979 -14.56 1.78 -13.47
N ASN C 980 -14.40 2.00 -12.16
CA ASN C 980 -13.75 3.19 -11.63
C ASN C 980 -12.65 2.78 -10.67
N VAL C 981 -11.61 3.61 -10.60
CA VAL C 981 -10.46 3.37 -9.73
C VAL C 981 -10.28 4.59 -8.85
N ILE C 982 -10.12 4.35 -7.54
CA ILE C 982 -9.95 5.41 -6.57
C ILE C 982 -8.76 5.09 -5.69
N ASP C 983 -7.99 6.12 -5.34
CA ASP C 983 -6.81 5.97 -4.48
C ASP C 983 -6.80 7.15 -3.51
N ASN C 984 -7.37 6.93 -2.32
CA ASN C 984 -7.45 7.97 -1.30
C ASN C 984 -6.41 7.79 -0.20
N ASP C 985 -5.54 6.79 -0.32
CA ASP C 985 -4.54 6.55 0.70
C ASP C 985 -3.43 7.60 0.64
N VAL C 986 -2.78 7.82 1.76
CA VAL C 986 -1.74 8.84 1.89
C VAL C 986 -0.37 8.21 1.69
N ASN C 987 -0.24 6.94 2.06
CA ASN C 987 1.03 6.22 2.00
C ASN C 987 1.07 5.24 0.83
N SER C 988 0.52 5.63 -0.32
CA SER C 988 0.46 4.79 -1.50
C SER C 988 1.12 5.48 -2.67
N ASN C 989 2.01 4.76 -3.35
CA ASN C 989 2.66 5.23 -4.57
C ASN C 989 2.63 4.13 -5.63
N ALA C 990 1.46 3.51 -5.80
CA ALA C 990 1.31 2.38 -6.69
C ALA C 990 1.16 2.87 -8.13
N ALA C 991 0.86 1.94 -9.04
CA ALA C 991 0.65 2.27 -10.44
C ALA C 991 -0.09 1.12 -11.10
N ILE C 992 -0.68 1.42 -12.25
CA ILE C 992 -1.53 0.47 -12.97
C ILE C 992 -1.06 0.45 -14.43
N ASN C 993 -0.44 -0.65 -14.84
CA ASN C 993 0.02 -0.77 -16.22
C ASN C 993 -1.09 -1.25 -17.14
N GLY C 994 -1.87 -2.23 -16.70
CA GLY C 994 -2.94 -2.77 -17.52
C GLY C 994 -3.78 -3.74 -16.73
N LEU C 995 -4.93 -4.08 -17.31
CA LEU C 995 -5.89 -4.99 -16.71
C LEU C 995 -6.14 -6.18 -17.63
N THR C 996 -6.90 -7.14 -17.12
CA THR C 996 -7.31 -8.31 -17.89
C THR C 996 -8.60 -8.82 -17.26
N ILE C 997 -9.73 -8.49 -17.89
CA ILE C 997 -11.04 -8.81 -17.35
C ILE C 997 -11.42 -10.23 -17.77
N GLU C 998 -11.93 -11.01 -16.82
CA GLU C 998 -12.50 -12.32 -17.08
C GLU C 998 -14.01 -12.18 -17.17
N PHE C 999 -14.59 -12.67 -18.26
CA PHE C 999 -16.01 -12.49 -18.51
C PHE C 999 -16.53 -13.63 -19.38
N ALA C 1000 -17.82 -13.88 -19.26
CA ALA C 1000 -18.53 -14.85 -20.08
C ALA C 1000 -19.60 -14.11 -20.89
N VAL C 1001 -20.44 -14.88 -21.57
CA VAL C 1001 -21.48 -14.33 -22.43
C VAL C 1001 -22.78 -15.07 -22.15
N GLY C 1002 -23.82 -14.32 -21.80
CA GLY C 1002 -25.13 -14.90 -21.58
C GLY C 1002 -25.99 -14.86 -22.82
N GLY C 1003 -27.07 -14.08 -22.79
CA GLY C 1003 -27.96 -13.97 -23.93
C GLY C 1003 -28.43 -12.55 -24.18
N ARG C 1004 -29.59 -12.42 -24.80
CA ARG C 1004 -30.17 -11.12 -25.10
C ARG C 1004 -31.68 -11.24 -25.15
N ARG C 1005 -32.37 -10.17 -24.75
CA ARG C 1005 -33.82 -10.13 -24.78
C ARG C 1005 -34.42 -11.26 -23.95
N ILE D 2 -32.60 -47.93 22.23
CA ILE D 2 -31.55 -47.31 23.03
C ILE D 2 -32.03 -45.97 23.58
N VAL D 3 -32.92 -45.32 22.84
CA VAL D 3 -33.47 -44.02 23.22
C VAL D 3 -34.96 -43.99 22.87
N TYR D 4 -35.63 -42.91 23.25
CA TYR D 4 -37.02 -42.68 22.93
C TYR D 4 -37.17 -41.34 22.22
N ASN D 5 -38.23 -41.23 21.44
CA ASN D 5 -38.54 -40.00 20.72
C ASN D 5 -39.56 -39.18 21.52
N ASN D 6 -39.07 -38.63 22.64
CA ASN D 6 -39.89 -37.83 23.54
C ASN D 6 -39.48 -36.37 23.59
N GLN D 7 -38.33 -36.01 23.01
CA GLN D 7 -37.90 -34.62 23.01
C GLN D 7 -38.90 -33.77 22.22
N ALA D 8 -38.71 -32.47 22.28
CA ALA D 8 -39.64 -31.53 21.66
C ALA D 8 -39.17 -31.13 20.27
N PRO D 9 -40.07 -30.67 19.42
CA PRO D 9 -39.66 -30.23 18.08
C PRO D 9 -38.82 -28.96 18.16
N ASP D 10 -37.70 -28.96 17.43
CA ASP D 10 -36.79 -27.82 17.40
C ASP D 10 -36.46 -27.33 16.00
N ALA D 11 -36.46 -28.22 15.00
CA ALA D 11 -36.10 -27.84 13.64
C ALA D 11 -37.04 -28.57 12.67
N VAL D 12 -36.81 -28.32 11.38
CA VAL D 12 -37.61 -28.92 10.32
C VAL D 12 -36.73 -29.88 9.54
N ASN D 13 -37.38 -30.77 8.80
CA ASN D 13 -36.69 -31.77 7.98
C ASN D 13 -36.21 -31.09 6.70
N ASN D 14 -35.02 -30.48 6.77
CA ASN D 14 -34.42 -29.92 5.56
C ASN D 14 -34.06 -31.00 4.56
N VAL D 15 -34.01 -32.26 4.99
CA VAL D 15 -33.83 -33.41 4.11
C VAL D 15 -34.64 -34.56 4.69
N GLY D 16 -35.58 -35.09 3.89
CA GLY D 16 -36.47 -36.12 4.37
C GLY D 16 -37.89 -35.90 3.91
N GLN D 17 -38.51 -36.93 3.34
CA GLN D 17 -39.84 -36.80 2.75
C GLN D 17 -40.96 -36.99 3.78
N PHE D 18 -40.62 -37.27 5.04
CA PHE D 18 -41.60 -37.38 6.10
C PHE D 18 -41.25 -36.38 7.21
N GLY D 19 -42.26 -36.01 7.99
CA GLY D 19 -42.03 -35.15 9.13
C GLY D 19 -42.72 -33.81 9.05
N ALA D 20 -41.98 -32.75 9.35
CA ALA D 20 -42.51 -31.40 9.45
C ALA D 20 -41.91 -30.52 8.36
N THR D 21 -42.43 -29.30 8.27
CA THR D 21 -41.96 -28.31 7.33
C THR D 21 -42.01 -26.94 7.99
N GLU D 22 -41.45 -25.94 7.30
CA GLU D 22 -41.44 -24.59 7.82
C GLU D 22 -42.86 -24.07 8.04
N GLY D 23 -43.81 -24.58 7.27
CA GLY D 23 -45.21 -24.21 7.42
C GLY D 23 -46.01 -25.12 8.32
N SER D 24 -45.35 -26.05 9.02
CA SER D 24 -46.03 -26.98 9.90
C SER D 24 -45.37 -27.14 11.27
N ILE D 25 -44.14 -26.66 11.44
CA ILE D 25 -43.45 -26.82 12.73
C ILE D 25 -44.25 -26.15 13.83
N GLY D 26 -44.88 -25.02 13.53
CA GLY D 26 -45.70 -24.35 14.52
C GLY D 26 -46.79 -25.25 15.07
N ALA D 27 -47.38 -26.07 14.21
CA ALA D 27 -48.42 -27.01 14.66
C ALA D 27 -47.84 -28.03 15.62
N TYR D 28 -46.67 -28.59 15.28
CA TYR D 28 -46.02 -29.53 16.18
C TYR D 28 -45.76 -28.90 17.55
N LYS D 29 -45.22 -27.69 17.55
CA LYS D 29 -44.88 -27.04 18.82
C LYS D 29 -46.13 -26.72 19.63
N GLN D 30 -47.19 -26.25 18.97
CA GLN D 30 -48.43 -25.95 19.68
C GLN D 30 -49.04 -27.22 20.25
N ALA D 31 -49.00 -28.31 19.49
CA ALA D 31 -49.52 -29.58 20.00
C ALA D 31 -48.73 -30.05 21.22
N ALA D 32 -47.40 -29.94 21.16
CA ALA D 32 -46.59 -30.32 22.31
C ALA D 32 -46.92 -29.46 23.52
N GLU D 33 -47.05 -28.15 23.32
CA GLU D 33 -47.37 -27.26 24.44
C GLU D 33 -48.72 -27.61 25.05
N TYR D 34 -49.73 -27.85 24.21
CA TYR D 34 -51.06 -28.18 24.73
C TYR D 34 -51.06 -29.51 25.46
N ALA D 35 -50.30 -30.50 24.95
CA ALA D 35 -50.21 -31.77 25.64
C ALA D 35 -49.53 -31.62 26.99
N ALA D 36 -48.46 -30.83 27.05
CA ALA D 36 -47.79 -30.60 28.34
C ALA D 36 -48.72 -29.89 29.31
N ASP D 37 -49.50 -28.92 28.82
CA ASP D 37 -50.44 -28.23 29.69
C ASP D 37 -51.52 -29.17 30.19
N SER D 38 -52.01 -30.07 29.33
CA SER D 38 -53.01 -31.04 29.75
C SER D 38 -52.45 -31.98 30.81
N LYS D 39 -51.20 -32.41 30.64
CA LYS D 39 -50.59 -33.27 31.65
C LYS D 39 -50.41 -32.53 32.96
N TYR D 40 -50.00 -31.26 32.90
CA TYR D 40 -49.89 -30.47 34.12
C TYR D 40 -51.23 -30.37 34.82
N TRP D 41 -52.29 -30.11 34.06
CA TRP D 41 -53.62 -30.05 34.65
C TRP D 41 -54.01 -31.39 35.28
N ALA D 42 -53.74 -32.49 34.59
CA ALA D 42 -54.09 -33.80 35.12
C ALA D 42 -53.35 -34.08 36.42
N LEU D 43 -52.06 -33.74 36.47
CA LEU D 43 -51.29 -33.97 37.68
C LEU D 43 -51.76 -33.08 38.82
N LEU D 44 -52.10 -31.82 38.52
CA LEU D 44 -52.63 -30.94 39.55
C LEU D 44 -53.95 -31.47 40.10
N ALA D 45 -54.81 -31.98 39.22
CA ALA D 45 -56.08 -32.54 39.67
C ALA D 45 -55.85 -33.79 40.52
N GLU D 46 -54.91 -34.64 40.10
CA GLU D 46 -54.60 -35.84 40.88
C GLU D 46 -54.09 -35.46 42.26
N SER D 47 -53.21 -34.46 42.35
CA SER D 47 -52.69 -34.03 43.64
C SER D 47 -53.80 -33.45 44.50
N LYS D 48 -54.66 -32.62 43.91
CA LYS D 48 -55.77 -32.04 44.67
C LYS D 48 -56.67 -33.13 45.23
N PHE D 49 -57.02 -34.11 44.40
CA PHE D 49 -57.93 -35.17 44.83
C PHE D 49 -57.27 -36.05 45.88
N GLY D 50 -55.98 -36.36 45.71
CA GLY D 50 -55.28 -37.12 46.73
C GLY D 50 -55.28 -36.39 48.07
N THR D 51 -54.91 -35.11 48.05
CA THR D 51 -54.95 -34.30 49.26
C THR D 51 -56.34 -34.37 49.90
N ILE D 52 -57.37 -34.05 49.14
CA ILE D 52 -58.73 -34.02 49.67
C ILE D 52 -59.08 -35.35 50.30
N ASP D 53 -59.01 -36.42 49.51
CA ASP D 53 -59.41 -37.74 49.99
C ASP D 53 -58.63 -38.14 51.23
N ASP D 54 -57.30 -38.13 51.14
CA ASP D 54 -56.47 -38.54 52.26
C ASP D 54 -56.78 -37.73 53.51
N LEU D 55 -56.67 -36.41 53.42
CA LEU D 55 -56.87 -35.56 54.59
C LEU D 55 -58.26 -35.79 55.19
N ILE D 56 -59.29 -35.73 54.36
CA ILE D 56 -60.66 -35.85 54.88
C ILE D 56 -60.85 -37.19 55.55
N ALA D 57 -60.54 -38.28 54.86
CA ALA D 57 -60.75 -39.61 55.43
C ALA D 57 -59.96 -39.79 56.71
N GLU D 58 -58.69 -39.38 56.71
CA GLU D 58 -57.83 -39.58 57.87
C GLU D 58 -58.35 -38.81 59.07
N VAL D 59 -58.58 -37.50 58.90
CA VAL D 59 -59.03 -36.69 60.02
C VAL D 59 -60.41 -37.16 60.49
N GLU D 60 -61.29 -37.52 59.56
CA GLU D 60 -62.60 -38.02 59.92
C GLU D 60 -62.48 -39.24 60.82
N ARG D 61 -61.78 -40.26 60.35
CA ARG D 61 -61.61 -41.46 61.16
C ARG D 61 -60.98 -41.12 62.50
N LEU D 62 -59.94 -40.27 62.50
CA LEU D 62 -59.22 -39.96 63.73
C LEU D 62 -60.16 -39.36 64.76
N TYR D 63 -60.75 -38.20 64.45
CA TYR D 63 -61.58 -37.54 65.45
C TYR D 63 -62.89 -38.29 65.68
N GLN D 64 -63.32 -39.14 64.76
CA GLN D 64 -64.51 -39.94 64.99
C GLN D 64 -64.25 -40.99 66.05
N GLN D 65 -63.17 -41.75 65.92
CA GLN D 65 -62.79 -42.69 66.97
C GLN D 65 -62.53 -41.96 68.28
N GLY D 66 -61.89 -40.79 68.20
CA GLY D 66 -61.62 -40.03 69.41
C GLY D 66 -62.89 -39.65 70.15
N VAL D 67 -63.84 -39.03 69.45
CA VAL D 67 -65.08 -38.60 70.09
C VAL D 67 -65.91 -39.81 70.50
N LEU D 68 -65.83 -40.90 69.75
CA LEU D 68 -66.58 -42.10 70.14
C LEU D 68 -66.09 -42.65 71.46
N MET D 69 -64.78 -42.86 71.59
CA MET D 69 -64.24 -43.38 72.84
C MET D 69 -64.45 -42.40 73.97
N LYS D 70 -64.32 -41.09 73.69
CA LYS D 70 -64.56 -40.09 74.72
C LYS D 70 -66.00 -40.15 75.22
N GLN D 71 -66.96 -40.24 74.31
CA GLN D 71 -68.36 -40.33 74.69
C GLN D 71 -68.64 -41.62 75.46
N ASP D 72 -68.04 -42.73 75.03
CA ASP D 72 -68.22 -43.98 75.77
C ASP D 72 -67.74 -43.84 77.20
N ILE D 73 -66.51 -43.35 77.40
CA ILE D 73 -65.99 -43.23 78.76
C ILE D 73 -66.81 -42.22 79.55
N GLU D 74 -67.29 -41.15 78.91
CA GLU D 74 -68.06 -40.14 79.63
C GLU D 74 -69.41 -40.70 80.07
N ASP D 75 -70.11 -41.42 79.20
CA ASP D 75 -71.38 -42.02 79.60
C ASP D 75 -71.18 -43.07 80.67
N LEU D 76 -70.10 -43.87 80.57
CA LEU D 76 -69.85 -44.87 81.60
C LEU D 76 -69.58 -44.20 82.95
N LYS D 77 -68.77 -43.14 82.96
CA LYS D 77 -68.50 -42.41 84.20
C LYS D 77 -69.77 -41.77 84.74
N GLN D 78 -70.63 -41.26 83.85
CA GLN D 78 -71.90 -40.69 84.29
C GLN D 78 -72.78 -41.75 84.93
N ASP D 79 -72.84 -42.94 84.33
CA ASP D 79 -73.62 -44.02 84.93
C ASP D 79 -73.06 -44.42 86.29
N PHE D 80 -71.74 -44.55 86.40
CA PHE D 80 -71.15 -44.88 87.69
C PHE D 80 -71.49 -43.82 88.73
N LYS D 81 -71.37 -42.55 88.38
CA LYS D 81 -71.68 -41.48 89.32
C LYS D 81 -73.15 -41.51 89.71
N ASP D 82 -74.04 -41.79 88.75
CA ASP D 82 -75.45 -41.86 89.07
C ASP D 82 -75.76 -43.01 90.04
N GLN D 83 -75.15 -44.18 89.80
CA GLN D 83 -75.40 -45.31 90.69
C GLN D 83 -74.83 -45.02 92.09
N ASP D 84 -73.66 -44.39 92.16
CA ASP D 84 -73.11 -44.05 93.47
C ASP D 84 -73.98 -43.03 94.20
N ALA D 85 -74.53 -42.06 93.47
CA ALA D 85 -75.43 -41.10 94.08
C ALA D 85 -76.71 -41.78 94.59
N ARG D 86 -77.34 -42.59 93.73
CA ARG D 86 -78.55 -43.30 94.15
C ARG D 86 -78.27 -44.22 95.32
N LEU D 87 -77.04 -44.71 95.45
CA LEU D 87 -76.71 -45.62 96.55
C LEU D 87 -76.73 -44.90 97.89
N MET D 88 -76.29 -43.65 97.91
CA MET D 88 -76.26 -42.87 99.14
C MET D 88 -77.47 -41.93 99.21
N VAL E 12 -10.63 -39.50 18.25
CA VAL E 12 -11.21 -39.16 16.95
C VAL E 12 -10.94 -40.28 15.96
N ASN E 13 -11.82 -40.39 14.94
CA ASN E 13 -11.62 -41.30 13.80
C ASN E 13 -11.17 -40.53 12.58
N ASN E 14 -10.33 -41.16 11.77
CA ASN E 14 -9.88 -40.56 10.52
C ASN E 14 -10.85 -40.87 9.38
N VAL E 15 -11.09 -42.16 9.13
CA VAL E 15 -12.05 -42.59 8.12
C VAL E 15 -13.03 -43.58 8.75
N GLY E 16 -12.76 -43.98 10.00
CA GLY E 16 -13.64 -44.90 10.68
C GLY E 16 -15.06 -44.40 10.77
N GLN E 17 -16.01 -45.26 10.37
CA GLN E 17 -17.42 -44.90 10.40
C GLN E 17 -18.08 -45.14 11.74
N PHE E 18 -17.52 -46.03 12.57
CA PHE E 18 -18.07 -46.32 13.89
C PHE E 18 -17.51 -45.41 14.97
N GLY E 19 -16.53 -44.57 14.64
CA GLY E 19 -15.93 -43.69 15.62
C GLY E 19 -16.84 -42.62 16.17
N ALA E 20 -18.08 -42.53 15.69
CA ALA E 20 -19.02 -41.52 16.15
C ALA E 20 -20.37 -41.77 15.48
N THR E 21 -21.35 -40.94 15.81
CA THR E 21 -22.69 -41.07 15.25
C THR E 21 -23.38 -39.72 15.35
N GLU E 22 -23.56 -39.06 14.22
CA GLU E 22 -24.17 -37.73 14.21
C GLU E 22 -25.64 -37.83 14.56
N GLY E 23 -26.09 -36.95 15.46
CA GLY E 23 -27.48 -36.92 15.86
C GLY E 23 -28.42 -36.68 14.70
N SER E 24 -29.73 -36.67 14.97
CA SER E 24 -30.74 -36.42 13.97
C SER E 24 -31.26 -34.99 14.09
N ILE E 25 -32.28 -34.68 13.28
CA ILE E 25 -32.92 -33.37 13.37
C ILE E 25 -33.41 -33.14 14.80
N GLY E 26 -34.29 -34.02 15.27
CA GLY E 26 -34.83 -33.94 16.60
C GLY E 26 -35.69 -35.15 16.92
N ALA E 27 -35.54 -35.69 18.13
CA ALA E 27 -36.30 -36.87 18.54
C ALA E 27 -37.70 -36.46 19.00
N TYR E 28 -38.45 -35.89 18.06
CA TYR E 28 -39.81 -35.44 18.29
C TYR E 28 -40.78 -36.25 17.45
N LYS E 29 -41.96 -36.50 18.02
CA LYS E 29 -42.96 -37.32 17.35
C LYS E 29 -43.76 -36.46 16.38
N GLN E 30 -44.82 -37.03 15.81
CA GLN E 30 -45.74 -36.30 14.96
C GLN E 30 -46.81 -35.62 15.81
N ALA E 31 -47.61 -34.77 15.16
CA ALA E 31 -48.70 -34.11 15.86
C ALA E 31 -49.74 -35.11 16.35
N ALA E 32 -49.88 -36.24 15.65
CA ALA E 32 -50.88 -37.22 16.04
C ALA E 32 -50.54 -37.84 17.39
N GLU E 33 -49.26 -38.13 17.63
CA GLU E 33 -48.87 -38.70 18.92
C GLU E 33 -49.08 -37.71 20.05
N TYR E 34 -48.77 -36.44 19.82
CA TYR E 34 -49.02 -35.43 20.84
C TYR E 34 -50.51 -35.29 21.13
N ALA E 35 -51.33 -35.33 20.08
CA ALA E 35 -52.78 -35.26 20.28
C ALA E 35 -53.27 -36.46 21.07
N ALA E 36 -52.75 -37.66 20.77
CA ALA E 36 -53.17 -38.84 21.49
C ALA E 36 -52.75 -38.77 22.95
N ASP E 37 -51.54 -38.28 23.23
CA ASP E 37 -51.11 -38.13 24.61
C ASP E 37 -51.99 -37.12 25.36
N SER E 38 -52.30 -36.00 24.72
CA SER E 38 -53.19 -35.02 25.34
C SER E 38 -54.55 -35.63 25.62
N LYS E 39 -55.10 -36.38 24.66
CA LYS E 39 -56.41 -37.00 24.85
C LYS E 39 -56.38 -38.02 25.97
N TYR E 40 -55.28 -38.77 26.10
CA TYR E 40 -55.18 -39.75 27.17
C TYR E 40 -55.13 -39.05 28.53
N TRP E 41 -54.28 -38.04 28.66
CA TRP E 41 -54.22 -37.28 29.91
C TRP E 41 -55.57 -36.68 30.24
N ALA E 42 -56.29 -36.18 29.22
CA ALA E 42 -57.57 -35.54 29.47
C ALA E 42 -58.62 -36.55 29.91
N LEU E 43 -58.64 -37.73 29.28
CA LEU E 43 -59.58 -38.77 29.70
C LEU E 43 -59.30 -39.21 31.12
N LEU E 44 -58.03 -39.40 31.46
CA LEU E 44 -57.67 -39.76 32.83
C LEU E 44 -58.16 -38.69 33.81
N ALA E 45 -57.84 -37.42 33.53
CA ALA E 45 -58.22 -36.35 34.43
C ALA E 45 -59.73 -36.22 34.53
N GLU E 46 -60.45 -36.46 33.44
CA GLU E 46 -61.90 -36.32 33.46
C GLU E 46 -62.55 -37.45 34.26
N SER E 47 -62.07 -38.69 34.07
CA SER E 47 -62.58 -39.79 34.88
C SER E 47 -62.33 -39.51 36.36
N LYS E 48 -61.11 -39.09 36.70
CA LYS E 48 -60.81 -38.75 38.09
C LYS E 48 -61.74 -37.65 38.59
N PHE E 49 -61.86 -36.57 37.83
CA PHE E 49 -62.74 -35.47 38.22
C PHE E 49 -64.13 -35.97 38.52
N GLY E 50 -64.78 -36.62 37.55
CA GLY E 50 -66.13 -37.10 37.73
C GLY E 50 -66.29 -37.99 38.95
N THR E 51 -65.51 -39.07 39.00
CA THR E 51 -65.69 -40.06 40.07
C THR E 51 -65.39 -39.45 41.43
N ILE E 52 -64.21 -38.85 41.58
CA ILE E 52 -63.81 -38.31 42.88
C ILE E 52 -64.68 -37.13 43.27
N ASP E 53 -65.30 -36.43 42.31
CA ASP E 53 -66.19 -35.32 42.64
C ASP E 53 -67.53 -35.83 43.15
N ASP E 54 -68.09 -36.86 42.51
CA ASP E 54 -69.28 -37.49 43.07
C ASP E 54 -68.99 -37.99 44.48
N LEU E 55 -67.84 -38.65 44.66
CA LEU E 55 -67.47 -39.15 45.99
C LEU E 55 -67.34 -38.02 46.99
N ILE E 56 -66.70 -36.92 46.60
CA ILE E 56 -66.47 -35.82 47.53
C ILE E 56 -67.79 -35.13 47.87
N ALA E 57 -68.70 -35.05 46.91
CA ALA E 57 -70.01 -34.46 47.20
C ALA E 57 -70.80 -35.32 48.18
N GLU E 58 -70.84 -36.63 47.93
CA GLU E 58 -71.50 -37.53 48.87
C GLU E 58 -70.88 -37.44 50.25
N VAL E 59 -69.54 -37.42 50.32
CA VAL E 59 -68.86 -37.35 51.61
C VAL E 59 -69.13 -36.02 52.29
N GLU E 60 -69.21 -34.94 51.52
CA GLU E 60 -69.49 -33.64 52.10
C GLU E 60 -70.89 -33.61 52.71
N ARG E 61 -71.89 -34.11 51.97
CA ARG E 61 -73.23 -34.19 52.53
C ARG E 61 -73.24 -35.03 53.81
N LEU E 62 -72.66 -36.23 53.74
CA LEU E 62 -72.67 -37.13 54.90
C LEU E 62 -72.00 -36.48 56.10
N TYR E 63 -70.82 -35.89 55.90
CA TYR E 63 -70.07 -35.33 57.02
C TYR E 63 -70.70 -34.04 57.53
N GLN E 64 -71.38 -33.28 56.66
CA GLN E 64 -72.12 -32.11 57.14
C GLN E 64 -73.25 -32.54 58.07
N GLN E 65 -74.06 -33.50 57.63
CA GLN E 65 -75.11 -34.01 58.50
C GLN E 65 -74.52 -34.58 59.78
N GLY E 66 -73.40 -35.30 59.67
CA GLY E 66 -72.78 -35.90 60.84
C GLY E 66 -72.29 -34.87 61.83
N VAL E 67 -71.65 -33.80 61.35
CA VAL E 67 -71.11 -32.80 62.26
C VAL E 67 -72.23 -31.95 62.84
N LEU E 68 -73.33 -31.76 62.10
CA LEU E 68 -74.49 -31.11 62.69
C LEU E 68 -75.05 -31.93 63.84
N MET E 69 -75.28 -33.23 63.59
CA MET E 69 -75.74 -34.10 64.67
C MET E 69 -74.75 -34.10 65.82
N LYS E 70 -73.45 -34.06 65.51
CA LYS E 70 -72.43 -34.11 66.55
C LYS E 70 -72.47 -32.87 67.43
N GLN E 71 -72.52 -31.69 66.83
CA GLN E 71 -72.58 -30.47 67.63
C GLN E 71 -73.90 -30.39 68.40
N ASP E 72 -75.00 -30.85 67.82
CA ASP E 72 -76.25 -30.86 68.57
C ASP E 72 -76.16 -31.76 69.79
N ILE E 73 -75.74 -33.02 69.60
CA ILE E 73 -75.64 -33.94 70.73
C ILE E 73 -74.58 -33.45 71.71
N GLU E 74 -73.59 -32.69 71.25
CA GLU E 74 -72.60 -32.12 72.16
C GLU E 74 -73.23 -31.05 73.03
N ASP E 75 -74.06 -30.19 72.45
CA ASP E 75 -74.80 -29.23 73.27
C ASP E 75 -75.67 -29.95 74.29
N LEU E 76 -76.38 -31.00 73.87
CA LEU E 76 -77.18 -31.77 74.82
C LEU E 76 -76.32 -32.32 75.95
N LYS E 77 -75.19 -32.95 75.61
CA LYS E 77 -74.34 -33.54 76.62
C LYS E 77 -73.80 -32.50 77.57
N GLN E 78 -73.41 -31.33 77.06
CA GLN E 78 -72.83 -30.30 77.93
C GLN E 78 -73.88 -29.70 78.85
N ASP E 79 -75.09 -29.45 78.34
CA ASP E 79 -76.12 -28.90 79.21
C ASP E 79 -76.53 -29.91 80.28
N PHE E 80 -76.66 -31.19 79.90
CA PHE E 80 -76.94 -32.22 80.90
C PHE E 80 -75.81 -32.31 81.92
N LYS E 81 -74.57 -32.19 81.47
CA LYS E 81 -73.43 -32.27 82.36
C LYS E 81 -73.47 -31.16 83.40
N ASP E 82 -73.64 -29.92 82.95
CA ASP E 82 -73.68 -28.83 83.93
C ASP E 82 -74.92 -28.91 84.80
N GLN E 83 -76.05 -29.37 84.27
CA GLN E 83 -77.24 -29.55 85.09
C GLN E 83 -76.96 -30.52 86.24
N ASP E 84 -76.46 -31.71 85.93
CA ASP E 84 -76.18 -32.67 86.98
C ASP E 84 -75.07 -32.18 87.91
N ALA E 85 -74.11 -31.42 87.37
CA ALA E 85 -73.04 -30.89 88.21
C ALA E 85 -73.59 -29.94 89.27
N ARG E 86 -74.39 -28.96 88.86
CA ARG E 86 -74.96 -28.03 89.83
C ARG E 86 -75.97 -28.73 90.73
N LEU E 87 -76.66 -29.76 90.22
CA LEU E 87 -77.59 -30.51 91.06
C LEU E 87 -76.86 -31.23 92.18
N MET E 88 -75.71 -31.83 91.87
CA MET E 88 -74.93 -32.50 92.90
C MET E 88 -74.24 -31.50 93.82
N SER E 89 -73.89 -30.32 93.30
CA SER E 89 -73.30 -29.28 94.14
C SER E 89 -74.31 -28.78 95.16
N LEU E 90 -75.58 -28.59 94.74
CA LEU E 90 -76.61 -28.16 95.67
C LEU E 90 -76.96 -29.28 96.65
N ILE E 91 -77.16 -30.49 96.14
CA ILE E 91 -77.51 -31.67 96.94
C ILE E 91 -78.47 -31.31 98.06
N SER F 24 -61.32 -49.91 12.99
CA SER F 24 -61.01 -48.81 13.90
C SER F 24 -59.71 -48.12 13.49
N ILE F 25 -59.74 -47.49 12.32
CA ILE F 25 -58.58 -46.79 11.77
C ILE F 25 -59.05 -45.50 11.13
N GLY F 26 -58.37 -44.40 11.43
CA GLY F 26 -58.71 -43.10 10.90
C GLY F 26 -57.71 -42.60 9.87
N ALA F 27 -58.04 -41.46 9.28
CA ALA F 27 -57.19 -40.83 8.30
C ALA F 27 -56.11 -40.00 8.99
N TYR F 28 -55.18 -39.49 8.18
CA TYR F 28 -54.06 -38.68 8.66
C TYR F 28 -54.37 -37.22 8.36
N LYS F 29 -54.84 -36.50 9.37
CA LYS F 29 -55.12 -35.08 9.22
C LYS F 29 -53.80 -34.29 9.18
N GLN F 30 -53.92 -33.03 8.78
CA GLN F 30 -52.76 -32.15 8.79
C GLN F 30 -52.40 -31.76 10.21
N ALA F 31 -51.17 -31.25 10.38
CA ALA F 31 -50.67 -30.94 11.71
C ALA F 31 -51.55 -29.92 12.41
N ALA F 32 -52.07 -28.93 11.66
CA ALA F 32 -52.91 -27.91 12.27
C ALA F 32 -54.18 -28.53 12.85
N GLU F 33 -54.75 -29.52 12.17
CA GLU F 33 -55.95 -30.17 12.67
C GLU F 33 -55.67 -30.91 13.97
N TYR F 34 -54.55 -31.65 14.03
CA TYR F 34 -54.19 -32.33 15.26
C TYR F 34 -53.94 -31.34 16.39
N ALA F 35 -53.31 -30.21 16.07
CA ALA F 35 -53.09 -29.17 17.08
C ALA F 35 -54.42 -28.66 17.63
N ALA F 36 -55.34 -28.31 16.74
CA ALA F 36 -56.64 -27.83 17.18
C ALA F 36 -57.36 -28.89 18.02
N ASP F 37 -57.19 -30.17 17.65
CA ASP F 37 -57.81 -31.24 18.42
C ASP F 37 -57.20 -31.33 19.82
N SER F 38 -55.90 -31.09 19.93
CA SER F 38 -55.25 -31.16 21.24
C SER F 38 -55.79 -30.09 22.17
N LYS F 39 -55.96 -28.86 21.68
CA LYS F 39 -56.45 -27.78 22.52
C LYS F 39 -57.87 -28.01 23.01
N TYR F 40 -58.62 -28.91 22.35
CA TYR F 40 -59.99 -29.19 22.78
C TYR F 40 -60.05 -29.72 24.21
N TRP F 41 -58.92 -30.23 24.73
CA TRP F 41 -58.88 -30.85 26.05
C TRP F 41 -58.47 -29.87 27.14
N ALA F 42 -58.81 -28.60 27.01
CA ALA F 42 -58.43 -27.57 27.98
C ALA F 42 -59.62 -26.94 28.70
N LEU F 43 -60.70 -26.63 27.97
CA LEU F 43 -61.83 -25.93 28.57
C LEU F 43 -62.48 -26.78 29.67
N LEU F 44 -62.71 -28.06 29.38
CA LEU F 44 -63.28 -28.96 30.38
C LEU F 44 -62.44 -28.96 31.65
N ALA F 45 -61.11 -29.03 31.49
CA ALA F 45 -60.24 -28.98 32.66
C ALA F 45 -60.37 -27.65 33.38
N GLU F 46 -60.41 -26.55 32.62
CA GLU F 46 -60.54 -25.25 33.25
C GLU F 46 -61.79 -25.16 34.13
N SER F 47 -62.91 -25.70 33.64
CA SER F 47 -64.14 -25.67 34.43
C SER F 47 -64.04 -26.60 35.63
N LYS F 48 -63.51 -27.82 35.42
CA LYS F 48 -63.39 -28.76 36.52
C LYS F 48 -62.46 -28.23 37.61
N PHE F 49 -61.55 -27.32 37.26
CA PHE F 49 -60.71 -26.68 38.26
C PHE F 49 -61.39 -25.47 38.88
N GLY F 50 -62.14 -24.70 38.10
CA GLY F 50 -62.98 -23.66 38.67
C GLY F 50 -63.98 -24.20 39.68
N THR F 51 -64.24 -25.51 39.62
CA THR F 51 -65.02 -26.18 40.66
C THR F 51 -64.15 -26.70 41.80
N ILE F 52 -62.98 -27.26 41.48
CA ILE F 52 -62.16 -27.86 42.52
C ILE F 52 -61.58 -26.80 43.43
N ASP F 53 -61.48 -25.55 42.95
CA ASP F 53 -61.04 -24.48 43.82
C ASP F 53 -62.04 -24.26 44.96
N ASP F 54 -63.33 -24.20 44.62
CA ASP F 54 -64.35 -24.09 45.65
C ASP F 54 -64.35 -25.34 46.53
N LEU F 55 -64.09 -26.51 45.93
CA LEU F 55 -64.03 -27.73 46.72
C LEU F 55 -62.92 -27.66 47.77
N ILE F 56 -61.75 -27.18 47.37
CA ILE F 56 -60.62 -27.12 48.31
C ILE F 56 -60.87 -26.03 49.34
N ALA F 57 -61.55 -24.96 48.95
CA ALA F 57 -61.95 -23.96 49.94
C ALA F 57 -62.88 -24.57 50.98
N GLU F 58 -63.82 -25.40 50.52
CA GLU F 58 -64.76 -26.05 51.43
C GLU F 58 -64.04 -26.98 52.39
N VAL F 59 -63.12 -27.80 51.86
CA VAL F 59 -62.40 -28.72 52.74
C VAL F 59 -61.45 -27.97 53.67
N GLU F 60 -60.95 -26.80 53.25
CA GLU F 60 -60.15 -25.99 54.17
C GLU F 60 -61.00 -25.44 55.30
N ARG F 61 -62.22 -24.98 54.99
CA ARG F 61 -63.14 -24.59 56.05
C ARG F 61 -63.43 -25.76 56.98
N LEU F 62 -63.62 -26.95 56.43
CA LEU F 62 -63.86 -28.13 57.25
C LEU F 62 -62.66 -28.43 58.15
N TYR F 63 -61.46 -28.28 57.62
CA TYR F 63 -60.26 -28.51 58.42
C TYR F 63 -60.12 -27.47 59.52
N GLN F 64 -60.52 -26.23 59.23
CA GLN F 64 -60.51 -25.20 60.27
C GLN F 64 -61.49 -25.54 61.38
N GLN F 65 -62.70 -25.94 61.01
CA GLN F 65 -63.67 -26.39 62.01
C GLN F 65 -63.12 -27.57 62.80
N GLY F 66 -62.43 -28.49 62.13
CA GLY F 66 -61.90 -29.65 62.80
C GLY F 66 -60.81 -29.31 63.80
N VAL F 67 -59.90 -28.41 63.42
CA VAL F 67 -58.85 -28.02 64.36
C VAL F 67 -59.44 -27.21 65.51
N LEU F 68 -60.48 -26.42 65.26
CA LEU F 68 -61.16 -25.74 66.36
C LEU F 68 -61.78 -26.75 67.32
N MET F 69 -62.48 -27.75 66.80
CA MET F 69 -63.08 -28.77 67.65
C MET F 69 -62.00 -29.56 68.38
N LYS F 70 -60.84 -29.76 67.76
CA LYS F 70 -59.76 -30.47 68.43
C LYS F 70 -59.19 -29.66 69.58
N GLN F 71 -58.98 -28.36 69.37
CA GLN F 71 -58.58 -27.50 70.47
C GLN F 71 -59.61 -27.56 71.60
N ASP F 72 -60.89 -27.51 71.25
CA ASP F 72 -61.94 -27.57 72.26
C ASP F 72 -61.92 -28.89 73.03
N ILE F 73 -61.76 -30.00 72.32
CA ILE F 73 -61.77 -31.32 72.94
C ILE F 73 -60.54 -31.45 73.82
N GLU F 74 -59.43 -30.82 73.43
CA GLU F 74 -58.24 -30.85 74.26
C GLU F 74 -58.44 -30.06 75.55
N ASP F 75 -59.04 -28.87 75.45
CA ASP F 75 -59.37 -28.10 76.64
C ASP F 75 -60.27 -28.92 77.58
N LEU F 76 -61.30 -29.55 77.01
CA LEU F 76 -62.22 -30.36 77.80
C LEU F 76 -61.49 -31.53 78.46
N LYS F 77 -60.60 -32.18 77.72
CA LYS F 77 -59.84 -33.32 78.23
C LYS F 77 -58.97 -32.89 79.41
N GLN F 78 -58.30 -31.75 79.29
CA GLN F 78 -57.46 -31.27 80.38
C GLN F 78 -58.30 -30.89 81.59
N ASP F 79 -59.42 -30.20 81.37
CA ASP F 79 -60.30 -29.85 82.48
C ASP F 79 -60.84 -31.10 83.18
N PHE F 80 -61.15 -32.14 82.41
CA PHE F 80 -61.61 -33.39 83.00
C PHE F 80 -60.51 -34.14 83.72
N LYS F 81 -59.29 -34.14 83.21
CA LYS F 81 -58.16 -34.66 83.97
C LYS F 81 -58.07 -33.97 85.34
N ASP F 82 -58.13 -32.64 85.33
CA ASP F 82 -58.02 -31.90 86.59
C ASP F 82 -59.18 -32.19 87.52
N GLN F 83 -60.41 -32.26 86.99
CA GLN F 83 -61.56 -32.50 87.83
C GLN F 83 -61.55 -33.92 88.41
N ASP F 84 -61.07 -34.89 87.62
CA ASP F 84 -60.97 -36.25 88.13
C ASP F 84 -59.87 -36.36 89.18
N ALA F 85 -58.76 -35.64 89.00
CA ALA F 85 -57.73 -35.61 90.03
C ALA F 85 -58.29 -35.01 91.32
N ARG F 86 -59.03 -33.91 91.20
CA ARG F 86 -59.67 -33.31 92.37
C ARG F 86 -60.62 -34.30 93.04
N LEU F 87 -61.41 -35.02 92.25
CA LEU F 87 -62.35 -36.00 92.79
C LEU F 87 -61.59 -37.08 93.57
N MET F 88 -60.57 -37.68 92.95
CA MET F 88 -59.77 -38.68 93.64
C MET F 88 -59.19 -38.11 94.94
N SER F 89 -58.75 -36.85 94.91
CA SER F 89 -58.18 -36.25 96.11
C SER F 89 -59.22 -36.13 97.21
N LEU F 90 -60.44 -35.70 96.86
CA LEU F 90 -61.48 -35.50 97.85
C LEU F 90 -62.10 -36.81 98.33
N ILE F 91 -62.31 -37.76 97.41
CA ILE F 91 -62.89 -39.05 97.78
C ILE F 91 -62.58 -40.08 96.71
N GLU G 4 32.02 9.71 -4.22
CA GLU G 4 31.91 10.35 -2.92
C GLU G 4 30.88 9.65 -2.05
N THR G 5 29.92 8.99 -2.68
CA THR G 5 28.89 8.26 -1.95
C THR G 5 29.55 7.20 -1.08
N ASN G 6 29.45 7.38 0.25
CA ASN G 6 30.12 6.51 1.21
C ASN G 6 29.15 5.53 1.87
N ALA G 7 27.91 5.46 1.40
CA ALA G 7 26.91 4.58 2.00
C ALA G 7 26.92 3.22 1.32
N VAL G 8 28.11 2.63 1.25
CA VAL G 8 28.28 1.27 0.75
C VAL G 8 29.33 0.56 1.60
N VAL G 9 28.88 -0.28 2.53
CA VAL G 9 29.78 -0.95 3.47
C VAL G 9 29.14 -2.29 3.83
N ILE G 10 29.97 -3.30 4.04
CA ILE G 10 29.50 -4.64 4.37
C ILE G 10 30.54 -5.33 5.26
N THR G 11 30.09 -5.75 6.45
CA THR G 11 30.90 -6.56 7.35
C THR G 11 32.01 -5.75 8.01
N ASP G 12 32.18 -4.49 7.59
CA ASP G 12 33.20 -3.62 8.16
C ASP G 12 32.85 -2.19 7.79
N LEU G 13 32.70 -1.34 8.80
CA LEU G 13 32.21 0.01 8.64
C LEU G 13 33.33 1.01 8.97
N ASN G 14 33.03 2.29 8.78
CA ASN G 14 33.95 3.37 9.11
C ASN G 14 33.32 4.55 9.83
N PRO G 15 33.69 4.81 11.09
CA PRO G 15 32.96 5.82 11.86
C PRO G 15 33.17 7.24 11.37
N LEU G 16 34.32 7.55 10.78
CA LEU G 16 34.65 8.92 10.39
C LEU G 16 34.36 9.20 8.91
N TYR G 17 33.82 8.24 8.18
CA TYR G 17 33.46 8.45 6.79
C TYR G 17 32.21 9.32 6.67
N PRO G 18 31.20 9.16 7.55
CA PRO G 18 30.01 10.01 7.45
C PRO G 18 30.31 11.49 7.27
N ARG G 19 31.37 12.00 7.88
CA ARG G 19 31.77 13.40 7.73
C ARG G 19 30.56 14.32 7.92
N ASP G 20 30.10 14.35 9.17
CA ASP G 20 28.80 14.91 9.55
C ASP G 20 28.39 16.10 8.68
N ARG G 21 29.32 16.99 8.37
CA ARG G 21 29.01 18.13 7.50
C ARG G 21 28.82 17.59 6.10
N ASP G 22 27.68 16.95 5.89
CA ASP G 22 27.35 16.32 4.61
C ASP G 22 25.84 16.35 4.44
N TYR G 23 25.40 16.05 3.22
CA TYR G 23 23.98 16.08 2.89
C TYR G 23 23.20 15.09 3.75
N ILE G 24 21.88 15.17 3.69
CA ILE G 24 21.03 14.41 4.62
C ILE G 24 20.75 13.00 4.10
N TYR G 25 20.97 12.76 2.80
CA TYR G 25 20.79 11.39 2.30
C TYR G 25 21.54 10.40 3.17
N GLU G 26 22.71 10.79 3.68
CA GLU G 26 23.35 10.05 4.74
C GLU G 26 22.44 10.04 5.96
N GLY G 27 22.05 8.85 6.39
CA GLY G 27 20.96 8.72 7.35
C GLY G 27 20.33 7.36 7.28
N ALA G 28 19.01 7.32 7.06
CA ALA G 28 18.30 6.06 6.89
C ALA G 28 19.07 5.10 6.00
N ALA G 29 19.84 5.63 5.06
CA ALA G 29 20.72 4.77 4.25
C ALA G 29 21.74 4.06 5.13
N GLN G 30 22.46 4.82 5.96
CA GLN G 30 23.41 4.20 6.87
C GLN G 30 22.73 3.26 7.85
N ILE G 31 21.51 3.59 8.25
CA ILE G 31 20.77 2.72 9.18
C ILE G 31 20.46 1.39 8.50
N ARG G 32 20.00 1.43 7.26
CA ARG G 32 19.76 0.21 6.50
C ARG G 32 21.05 -0.59 6.34
N LEU G 33 22.16 0.11 6.09
CA LEU G 33 23.44 -0.59 5.96
C LEU G 33 23.82 -1.30 7.25
N ILE G 34 23.65 -0.62 8.38
CA ILE G 34 23.98 -1.22 9.68
C ILE G 34 23.09 -2.43 9.92
N LYS G 35 21.79 -2.31 9.61
CA LYS G 35 20.88 -3.43 9.82
C LYS G 35 21.26 -4.62 8.94
N GLN G 36 21.59 -4.35 7.67
CA GLN G 36 21.98 -5.43 6.77
C GLN G 36 23.26 -6.11 7.25
N THR G 37 24.23 -5.32 7.70
CA THR G 37 25.47 -5.90 8.20
C THR G 37 25.22 -6.76 9.43
N LEU G 38 24.39 -6.26 10.37
CA LEU G 38 24.10 -7.04 11.56
C LEU G 38 23.36 -8.33 11.22
N GLN G 39 22.44 -8.27 10.26
CA GLN G 39 21.70 -9.47 9.87
C GLN G 39 22.62 -10.48 9.20
N ASN G 40 23.49 -10.02 8.30
CA ASN G 40 24.37 -10.93 7.59
C ASN G 40 25.38 -11.57 8.53
N THR G 41 25.96 -10.77 9.44
CA THR G 41 26.96 -11.31 10.35
C THR G 41 26.40 -12.46 11.18
N PHE G 42 25.19 -12.29 11.69
CA PHE G 42 24.54 -13.31 12.53
C PHE G 42 23.05 -13.34 12.23
N PRO G 43 22.65 -14.03 11.15
CA PRO G 43 21.23 -14.13 10.83
C PRO G 43 20.54 -15.25 11.61
N ASN G 44 20.87 -15.39 12.89
CA ASN G 44 20.15 -16.31 13.78
C ASN G 44 20.43 -15.82 15.20
N VAL G 45 19.46 -15.13 15.79
CA VAL G 45 19.66 -14.51 17.10
C VAL G 45 18.36 -14.56 17.90
N THR G 46 18.37 -15.33 18.99
CA THR G 46 17.27 -15.34 19.95
C THR G 46 17.69 -14.79 21.30
N GLU G 47 18.73 -15.35 21.91
CA GLU G 47 19.27 -14.85 23.17
C GLU G 47 20.70 -15.32 23.36
N PRO G 48 21.67 -14.77 22.60
CA PRO G 48 23.06 -15.18 22.79
C PRO G 48 23.66 -14.63 24.08
N VAL G 49 23.35 -15.29 25.20
CA VAL G 49 23.84 -14.87 26.51
C VAL G 49 25.01 -15.74 26.97
N ASP G 50 25.75 -16.32 26.03
CA ASP G 50 26.85 -17.21 26.39
C ASP G 50 28.09 -16.43 26.80
N ILE G 51 27.94 -15.52 27.77
CA ILE G 51 29.06 -14.78 28.34
C ILE G 51 29.09 -14.91 29.86
N ASP G 52 27.95 -14.74 30.53
CA ASP G 52 27.83 -14.90 31.96
C ASP G 52 28.77 -13.93 32.70
N SER G 53 28.54 -12.63 32.46
CA SER G 53 29.30 -11.58 33.13
C SER G 53 30.78 -11.64 32.76
N ASP G 54 31.06 -11.56 31.46
CA ASP G 54 32.43 -11.47 30.95
C ASP G 54 33.27 -12.66 31.42
N THR G 55 32.87 -13.86 30.97
CA THR G 55 33.65 -15.05 31.28
C THR G 55 34.85 -15.19 30.35
N PHE G 56 34.84 -14.50 29.21
CA PHE G 56 35.94 -14.57 28.25
C PHE G 56 37.27 -14.23 28.90
N LYS G 57 37.24 -13.40 29.96
CA LYS G 57 38.48 -13.00 30.61
C LYS G 57 39.15 -14.20 31.29
N ILE G 58 38.43 -14.90 32.15
CA ILE G 58 38.98 -16.09 32.79
C ILE G 58 38.98 -17.29 31.87
N MET G 59 38.04 -17.36 30.93
CA MET G 59 37.98 -18.46 29.96
C MET G 59 38.77 -18.16 28.70
N SER G 60 39.76 -17.27 28.75
CA SER G 60 40.57 -16.97 27.58
C SER G 60 41.53 -18.11 27.29
N GLU G 61 40.98 -19.28 26.95
CA GLU G 61 41.77 -20.45 26.62
C GLU G 61 41.35 -21.00 25.26
N LYS G 62 40.47 -20.26 24.58
CA LYS G 62 39.92 -20.74 23.32
C LYS G 62 40.95 -20.73 22.20
N LEU G 63 41.95 -19.86 22.27
CA LEU G 63 42.92 -19.73 21.19
C LEU G 63 44.08 -20.71 21.29
N LYS G 64 44.20 -21.44 22.41
CA LYS G 64 45.40 -22.21 22.72
C LYS G 64 45.05 -23.66 23.05
N PHE G 65 44.31 -24.32 22.16
CA PHE G 65 43.84 -25.68 22.41
C PHE G 65 45.00 -26.67 22.36
N THR G 66 45.92 -26.50 23.31
CA THR G 66 46.97 -27.48 23.57
C THR G 66 47.09 -27.74 25.06
N GLY G 67 46.84 -26.70 25.86
CA GLY G 67 47.00 -26.77 27.31
C GLY G 67 45.72 -26.51 28.07
N ASP G 68 44.60 -27.06 27.59
CA ASP G 68 43.30 -26.83 28.20
C ASP G 68 43.39 -26.94 29.71
N ALA G 69 42.52 -26.19 30.39
CA ALA G 69 42.51 -26.17 31.85
C ALA G 69 42.60 -27.58 32.41
N MET G 70 41.65 -28.44 32.05
CA MET G 70 41.64 -29.84 32.47
C MET G 70 41.70 -29.93 34.00
N ASP G 71 40.65 -29.40 34.62
CA ASP G 71 40.55 -29.39 36.08
C ASP G 71 40.89 -30.76 36.65
N VAL G 72 41.58 -30.75 37.80
CA VAL G 72 42.03 -32.01 38.41
C VAL G 72 40.86 -32.95 38.69
N GLY G 73 39.64 -32.43 38.73
CA GLY G 73 38.47 -33.26 38.93
C GLY G 73 38.45 -34.45 37.98
N GLY G 74 38.04 -35.61 38.49
CA GLY G 74 38.06 -36.82 37.68
C GLY G 74 37.13 -36.80 36.49
N LEU G 75 36.19 -35.86 36.45
CA LEU G 75 35.20 -35.80 35.38
C LEU G 75 34.50 -37.15 35.24
N MET G 76 33.79 -37.53 36.30
CA MET G 76 33.15 -38.85 36.38
C MET G 76 31.82 -38.83 35.61
N ILE G 77 31.90 -38.40 34.36
CA ILE G 77 30.79 -38.45 33.42
C ILE G 77 31.31 -38.96 32.09
N LYS G 78 31.18 -40.27 31.85
CA LYS G 78 31.67 -40.89 30.63
C LYS G 78 30.71 -41.99 30.22
N ASN G 79 30.41 -42.04 28.93
CA ASN G 79 29.54 -43.07 28.35
C ASN G 79 30.35 -44.14 27.63
N VAL G 80 31.20 -43.72 26.69
CA VAL G 80 32.07 -44.66 25.97
C VAL G 80 33.25 -43.86 25.43
N THR G 81 34.45 -44.40 25.62
CA THR G 81 35.68 -43.78 25.15
C THR G 81 36.72 -44.86 24.95
N PRO G 82 37.76 -44.61 24.15
CA PRO G 82 38.83 -45.60 24.00
C PRO G 82 39.86 -45.53 25.12
N GLY G 83 39.52 -44.81 26.19
CA GLY G 83 40.43 -44.61 27.30
C GLY G 83 40.19 -45.56 28.45
N THR G 84 39.59 -45.05 29.53
CA THR G 84 39.32 -45.85 30.72
C THR G 84 38.68 -47.18 30.36
N GLY G 85 39.35 -48.26 30.73
CA GLY G 85 38.89 -49.61 30.44
C GLY G 85 38.41 -50.29 31.70
N ASP G 86 37.52 -51.28 31.53
CA ASP G 86 36.98 -52.02 32.66
C ASP G 86 37.88 -53.22 32.99
N LYS G 87 37.68 -53.77 34.17
CA LYS G 87 38.45 -54.91 34.64
C LYS G 87 37.91 -56.24 34.13
N ASP G 88 36.92 -56.21 33.25
CA ASP G 88 36.42 -57.45 32.67
C ASP G 88 37.51 -58.20 31.91
N VAL G 89 38.44 -57.47 31.29
CA VAL G 89 39.55 -58.11 30.61
C VAL G 89 40.42 -58.86 31.61
N VAL G 90 40.55 -58.34 32.83
CA VAL G 90 41.33 -59.02 33.85
C VAL G 90 40.64 -60.32 34.24
N THR G 91 39.34 -60.27 34.52
CA THR G 91 38.61 -61.48 34.89
C THR G 91 38.55 -62.47 33.73
N LYS G 92 38.25 -61.98 32.52
CA LYS G 92 38.20 -62.86 31.36
C LYS G 92 39.55 -63.50 31.09
N GLY G 93 40.63 -62.71 31.17
CA GLY G 93 41.95 -63.27 30.96
C GLY G 93 42.33 -64.28 32.01
N GLN G 94 42.01 -63.99 33.27
CA GLN G 94 42.31 -64.93 34.35
C GLN G 94 41.54 -66.23 34.15
N MET G 95 40.28 -66.15 33.71
CA MET G 95 39.48 -67.35 33.50
C MET G 95 40.00 -68.14 32.31
N GLU G 96 40.38 -67.46 31.23
CA GLU G 96 40.89 -68.15 30.04
C GLU G 96 42.27 -68.74 30.25
N ALA G 97 43.06 -68.18 31.16
CA ALA G 97 44.40 -68.69 31.43
C ALA G 97 44.86 -68.28 32.82
N GLU H 4 6.30 2.10 14.77
CA GLU H 4 6.17 1.71 13.37
C GLU H 4 4.75 1.22 13.09
N THR H 5 4.61 0.13 12.32
CA THR H 5 3.29 -0.37 11.99
C THR H 5 2.65 -1.07 13.19
N ASN H 6 3.39 -1.93 13.86
CA ASN H 6 2.87 -2.70 14.99
C ASN H 6 4.00 -3.24 15.85
N ALA H 7 3.65 -3.94 16.93
CA ALA H 7 4.68 -4.47 17.82
C ALA H 7 5.32 -5.73 17.25
N VAL H 8 5.86 -5.64 16.04
CA VAL H 8 6.54 -6.76 15.42
C VAL H 8 7.98 -6.80 15.91
N VAL H 9 8.32 -5.92 16.85
CA VAL H 9 9.70 -5.76 17.33
C VAL H 9 10.30 -7.12 17.68
N ILE H 10 11.45 -7.41 17.07
CA ILE H 10 12.19 -8.65 17.29
C ILE H 10 13.59 -8.44 16.74
N THR H 11 14.55 -9.26 17.17
CA THR H 11 15.94 -9.10 16.73
C THR H 11 16.13 -9.66 15.32
N ASP H 12 15.23 -9.23 14.42
CA ASP H 12 15.31 -9.47 12.98
C ASP H 12 14.65 -8.26 12.32
N LEU H 13 15.47 -7.28 11.96
CA LEU H 13 14.95 -5.95 11.62
C LEU H 13 14.55 -5.84 10.17
N ASN H 14 14.01 -4.69 9.78
CA ASN H 14 13.50 -4.45 8.43
C ASN H 14 14.15 -3.19 7.89
N PRO H 15 15.36 -3.29 7.33
CA PRO H 15 16.05 -2.09 6.85
C PRO H 15 15.25 -1.30 5.82
N LEU H 16 14.81 -1.99 4.77
CA LEU H 16 14.11 -1.33 3.67
C LEU H 16 12.94 -0.49 4.19
N TYR H 17 12.82 0.72 3.65
CA TYR H 17 11.73 1.63 3.96
C TYR H 17 10.95 1.95 2.70
N PRO H 18 9.73 2.47 2.83
CA PRO H 18 9.00 2.94 1.63
C PRO H 18 9.85 3.85 0.76
N ARG H 19 10.69 4.67 1.41
CA ARG H 19 11.68 5.54 0.80
C ARG H 19 11.06 6.78 0.15
N ASP H 20 9.73 6.88 0.08
CA ASP H 20 9.09 8.08 -0.46
C ASP H 20 8.76 9.11 0.61
N ARG H 21 8.40 8.66 1.81
CA ARG H 21 8.16 9.55 2.95
C ARG H 21 8.62 8.81 4.20
N ASP H 22 9.52 9.42 4.96
CA ASP H 22 10.11 8.77 6.12
C ASP H 22 9.99 9.58 7.41
N TYR H 23 9.71 10.88 7.35
CA TYR H 23 9.53 11.69 8.54
C TYR H 23 10.77 11.63 9.43
N ILE H 24 11.84 12.22 8.90
CA ILE H 24 13.19 12.08 9.44
C ILE H 24 13.22 12.28 10.95
N TYR H 25 12.25 13.02 11.50
CA TYR H 25 12.21 13.20 12.94
C TYR H 25 12.05 11.87 13.67
N GLU H 26 11.61 10.83 12.99
CA GLU H 26 11.50 9.49 13.58
C GLU H 26 12.83 8.75 13.61
N GLY H 27 13.92 9.37 13.14
CA GLY H 27 15.20 8.69 13.14
C GLY H 27 15.64 8.28 14.54
N ALA H 28 15.37 9.15 15.52
CA ALA H 28 15.73 8.82 16.89
C ALA H 28 15.03 7.55 17.35
N ALA H 29 13.79 7.31 16.90
CA ALA H 29 13.11 6.08 17.24
C ALA H 29 13.86 4.87 16.71
N GLN H 30 14.32 4.94 15.47
CA GLN H 30 15.07 3.82 14.90
C GLN H 30 16.39 3.63 15.63
N ILE H 31 17.05 4.72 16.00
CA ILE H 31 18.34 4.61 16.69
C ILE H 31 18.15 3.97 18.06
N ARG H 32 17.14 4.42 18.81
CA ARG H 32 16.89 3.83 20.12
C ARG H 32 16.46 2.38 20.00
N LEU H 33 15.69 2.04 18.95
CA LEU H 33 15.33 0.65 18.73
C LEU H 33 16.55 -0.21 18.46
N ILE H 34 17.46 0.28 17.62
CA ILE H 34 18.69 -0.47 17.33
C ILE H 34 19.50 -0.65 18.61
N LYS H 35 19.60 0.40 19.42
CA LYS H 35 20.35 0.31 20.67
C LYS H 35 19.73 -0.74 21.58
N GLN H 36 18.40 -0.72 21.70
CA GLN H 36 17.73 -1.69 22.58
C GLN H 36 17.93 -3.11 22.08
N THR H 37 17.81 -3.33 20.77
CA THR H 37 18.00 -4.66 20.23
C THR H 37 19.43 -5.15 20.44
N LEU H 38 20.41 -4.26 20.25
CA LEU H 38 21.80 -4.65 20.43
C LEU H 38 22.09 -4.94 21.90
N GLN H 39 21.42 -4.24 22.81
CA GLN H 39 21.61 -4.52 24.22
C GLN H 39 20.90 -5.81 24.64
N ASN H 40 19.80 -6.15 23.97
CA ASN H 40 19.08 -7.37 24.30
C ASN H 40 19.80 -8.60 23.78
N THR H 41 20.30 -8.55 22.54
CA THR H 41 21.00 -9.70 21.98
C THR H 41 22.24 -10.06 22.79
N PHE H 42 22.94 -9.06 23.31
CA PHE H 42 24.15 -9.25 24.10
C PHE H 42 24.02 -8.49 25.40
N PRO H 43 23.25 -9.02 26.37
CA PRO H 43 23.09 -8.29 27.63
C PRO H 43 24.39 -8.12 28.41
N ASN H 44 25.14 -9.21 28.59
CA ASN H 44 26.37 -9.21 29.37
C ASN H 44 27.55 -9.31 28.41
N VAL H 45 28.11 -8.16 28.05
CA VAL H 45 29.25 -8.11 27.15
C VAL H 45 29.96 -6.78 27.36
N THR H 46 31.29 -6.81 27.42
CA THR H 46 32.11 -5.62 27.58
C THR H 46 33.03 -5.41 26.40
N GLU H 47 33.83 -6.41 26.04
CA GLU H 47 34.78 -6.28 24.94
C GLU H 47 35.18 -7.65 24.41
N PRO H 48 34.41 -8.22 23.47
CA PRO H 48 34.76 -9.54 22.94
C PRO H 48 36.08 -9.54 22.18
N VAL H 49 37.08 -10.22 22.73
CA VAL H 49 38.41 -10.34 22.14
C VAL H 49 38.98 -11.71 22.47
N ASP H 50 40.17 -11.99 21.95
CA ASP H 50 40.91 -13.23 22.15
C ASP H 50 40.35 -14.38 21.32
N ILE H 51 39.25 -14.17 20.60
CA ILE H 51 38.69 -15.24 19.78
C ILE H 51 39.68 -15.69 18.71
N ASP H 52 40.49 -14.76 18.19
CA ASP H 52 41.50 -15.05 17.19
C ASP H 52 40.86 -15.38 15.84
N SER H 53 39.53 -15.29 15.76
CA SER H 53 38.80 -15.59 14.53
C SER H 53 39.20 -16.94 13.94
N ASP H 54 39.62 -17.86 14.80
CA ASP H 54 39.98 -19.21 14.38
C ASP H 54 39.03 -20.26 14.93
N THR H 55 38.60 -20.12 16.19
CA THR H 55 37.62 -21.05 16.74
C THR H 55 36.26 -20.89 16.08
N PHE H 56 35.99 -19.71 15.52
CA PHE H 56 34.71 -19.50 14.85
C PHE H 56 34.53 -20.48 13.69
N LYS H 57 35.59 -20.67 12.89
CA LYS H 57 35.48 -21.57 11.74
C LYS H 57 35.31 -23.02 12.19
N ILE H 58 36.08 -23.44 13.19
CA ILE H 58 35.96 -24.81 13.68
C ILE H 58 34.58 -25.04 14.27
N MET H 59 34.00 -24.03 14.92
CA MET H 59 32.67 -24.16 15.48
C MET H 59 31.60 -24.20 14.40
N SER H 60 31.79 -23.43 13.32
CA SER H 60 30.83 -23.43 12.23
C SER H 60 30.88 -24.73 11.44
N GLU H 61 32.06 -25.33 11.32
CA GLU H 61 32.17 -26.62 10.64
C GLU H 61 31.87 -27.78 11.58
N LYS H 62 32.30 -27.66 12.84
CA LYS H 62 32.02 -28.68 13.85
C LYS H 62 30.81 -28.25 14.68
N LEU H 63 29.66 -28.28 14.02
CA LEU H 63 28.40 -27.91 14.65
C LEU H 63 27.75 -29.16 15.24
N LYS H 64 26.48 -29.07 15.63
CA LYS H 64 25.72 -30.21 16.10
C LYS H 64 26.24 -30.72 17.45
N PHE H 65 26.44 -29.80 18.40
CA PHE H 65 26.86 -30.18 19.75
C PHE H 65 25.64 -30.74 20.47
N THR H 66 25.28 -31.98 20.12
CA THR H 66 24.15 -32.68 20.73
C THR H 66 24.59 -34.09 21.07
N GLY H 67 25.14 -34.27 22.26
CA GLY H 67 25.50 -35.58 22.74
C GLY H 67 26.80 -36.11 22.16
N ASP H 68 26.76 -36.52 20.89
CA ASP H 68 27.91 -37.12 20.21
C ASP H 68 28.33 -36.19 19.08
N ALA H 69 29.25 -35.27 19.39
CA ALA H 69 29.76 -34.32 18.42
C ALA H 69 31.19 -34.68 18.01
N MET H 70 31.66 -34.05 16.94
CA MET H 70 33.02 -34.17 16.46
C MET H 70 33.71 -32.84 16.70
N ASP H 71 34.80 -32.87 17.47
CA ASP H 71 35.46 -31.63 17.88
C ASP H 71 36.97 -31.80 17.77
N VAL H 72 37.66 -30.67 17.60
CA VAL H 72 39.11 -30.60 17.62
C VAL H 72 39.52 -29.71 18.78
N GLY H 73 40.66 -30.04 19.38
CA GLY H 73 41.11 -29.33 20.56
C GLY H 73 42.51 -29.73 20.98
N GLY H 74 42.71 -29.94 22.29
CA GLY H 74 44.00 -30.29 22.81
C GLY H 74 44.42 -31.72 22.49
N LEU H 75 44.34 -32.09 21.22
CA LEU H 75 44.78 -33.41 20.78
C LEU H 75 46.30 -33.50 20.90
N MET H 76 46.78 -34.21 21.91
CA MET H 76 48.20 -34.33 22.17
C MET H 76 48.49 -35.78 22.56
N ILE H 77 49.72 -36.04 23.01
CA ILE H 77 50.10 -37.38 23.44
C ILE H 77 49.13 -37.90 24.48
N LYS H 78 48.68 -37.02 25.38
CA LYS H 78 47.66 -37.35 26.38
C LYS H 78 48.09 -38.54 27.23
N ASN H 79 49.18 -38.34 27.99
CA ASN H 79 49.70 -39.40 28.84
C ASN H 79 48.93 -39.49 30.15
N VAL H 80 48.96 -38.43 30.95
CA VAL H 80 48.41 -38.49 32.29
C VAL H 80 46.93 -38.11 32.27
N THR H 81 46.63 -36.88 31.88
CA THR H 81 45.25 -36.37 31.91
C THR H 81 44.60 -36.75 33.24
N PRO H 82 44.97 -36.08 34.34
CA PRO H 82 44.44 -36.48 35.67
C PRO H 82 42.98 -36.87 35.66
N GLY H 83 42.67 -38.03 36.23
CA GLY H 83 41.31 -38.54 36.21
C GLY H 83 41.00 -39.41 35.01
N THR H 84 42.00 -40.11 34.48
CA THR H 84 41.83 -40.95 33.31
C THR H 84 42.73 -42.16 33.43
N GLY H 85 42.74 -42.99 32.38
CA GLY H 85 43.56 -44.17 32.33
C GLY H 85 44.93 -43.92 31.73
N ASP H 86 45.24 -44.61 30.64
CA ASP H 86 46.53 -44.47 29.95
C ASP H 86 47.68 -44.81 30.89
N LYS H 87 47.74 -46.09 31.27
CA LYS H 87 48.78 -46.61 32.15
C LYS H 87 48.68 -46.00 33.54
N ASP H 88 47.45 -45.94 34.06
CA ASP H 88 47.20 -45.56 35.44
C ASP H 88 46.52 -46.66 36.24
N VAL H 89 45.90 -47.65 35.58
CA VAL H 89 45.32 -48.78 36.27
C VAL H 89 46.03 -50.09 35.92
N VAL H 90 46.73 -50.16 34.79
CA VAL H 90 47.49 -51.36 34.44
C VAL H 90 48.62 -51.57 35.45
N THR H 91 49.32 -50.48 35.79
CA THR H 91 50.41 -50.57 36.77
C THR H 91 49.91 -51.13 38.09
N LYS H 92 48.65 -50.86 38.44
CA LYS H 92 48.10 -51.41 39.68
C LYS H 92 48.11 -52.92 39.65
N GLY H 93 47.55 -53.50 38.58
CA GLY H 93 47.57 -54.95 38.45
C GLY H 93 48.97 -55.51 38.33
N GLN H 94 49.86 -54.75 37.70
CA GLN H 94 51.24 -55.19 37.56
C GLN H 94 51.93 -55.31 38.92
N MET H 95 51.81 -54.27 39.75
CA MET H 95 52.50 -54.26 41.03
C MET H 95 51.78 -55.14 42.05
N GLU H 96 50.52 -54.83 42.34
CA GLU H 96 49.77 -55.59 43.34
C GLU H 96 49.69 -57.06 42.95
N ALA H 97 49.15 -57.35 41.77
CA ALA H 97 49.02 -58.72 41.28
C ALA H 97 48.22 -59.57 42.28
N GLU I 4 25.08 13.36 25.24
CA GLU I 4 25.68 12.24 24.52
C GLU I 4 26.87 11.67 25.28
N THR I 5 26.85 10.36 25.50
CA THR I 5 27.92 9.68 26.23
C THR I 5 29.27 9.91 25.57
N ASN I 6 30.36 9.72 26.32
CA ASN I 6 31.71 9.77 25.78
C ASN I 6 32.40 8.42 25.87
N ALA I 7 31.62 7.34 25.90
CA ALA I 7 32.16 5.99 26.01
C ALA I 7 32.37 5.41 24.60
N VAL I 8 33.00 4.24 24.54
CA VAL I 8 33.34 3.63 23.25
C VAL I 8 32.95 2.16 23.22
N VAL I 9 32.25 1.70 24.26
CA VAL I 9 31.92 0.28 24.37
C VAL I 9 30.41 0.09 24.50
N ILE I 10 29.98 -1.17 24.60
CA ILE I 10 28.57 -1.52 24.68
C ILE I 10 28.07 -1.27 26.09
N THR I 11 26.75 -1.23 26.26
CA THR I 11 26.12 -1.00 27.56
C THR I 11 26.71 0.25 28.21
N ASP I 12 26.74 1.33 27.43
CA ASP I 12 27.34 2.58 27.87
C ASP I 12 26.39 3.77 27.87
N LEU I 13 25.31 3.72 27.09
CA LEU I 13 24.38 4.84 26.97
C LEU I 13 22.96 4.32 26.94
N ASN I 14 22.09 4.97 27.69
CA ASN I 14 20.68 4.61 27.73
C ASN I 14 20.06 4.83 26.35
N PRO I 15 19.46 3.80 25.73
CA PRO I 15 18.76 4.03 24.46
C PRO I 15 17.77 5.18 24.52
N LEU I 16 17.25 5.50 25.71
CA LEU I 16 16.31 6.60 25.88
C LEU I 16 16.99 7.94 26.10
N TYR I 17 18.32 8.02 26.00
CA TYR I 17 19.03 9.26 26.29
C TYR I 17 18.67 10.37 25.31
N PRO I 18 18.40 10.07 24.03
CA PRO I 18 17.92 11.13 23.13
C PRO I 18 16.70 11.87 23.66
N ARG I 19 15.87 11.23 24.47
CA ARG I 19 14.75 11.87 25.14
C ARG I 19 13.62 12.23 24.18
N ASP I 20 13.83 12.02 22.88
CA ASP I 20 12.95 12.49 21.81
C ASP I 20 12.87 14.01 21.82
N ARG I 21 13.77 14.69 22.54
CA ARG I 21 13.75 16.14 22.65
C ARG I 21 15.12 16.75 22.35
N ASP I 22 16.17 15.95 22.36
CA ASP I 22 17.51 16.44 22.04
C ASP I 22 17.55 17.00 20.63
N TYR I 23 18.55 17.83 20.37
CA TYR I 23 18.71 18.40 19.04
C TYR I 23 19.12 17.33 18.04
N ILE I 24 18.77 17.56 16.77
CA ILE I 24 19.00 16.56 15.74
C ILE I 24 20.46 16.51 15.31
N TYR I 25 21.24 17.55 15.57
CA TYR I 25 22.64 17.56 15.15
C TYR I 25 23.46 16.48 15.85
N GLU I 26 22.90 15.78 16.83
CA GLU I 26 23.60 14.71 17.53
C GLU I 26 23.44 13.35 16.88
N GLY I 27 22.59 13.24 15.85
CA GLY I 27 22.37 11.95 15.22
C GLY I 27 23.64 11.39 14.60
N ALA I 28 24.42 12.25 13.95
CA ALA I 28 25.68 11.79 13.36
C ALA I 28 26.62 11.26 14.42
N ALA I 29 26.71 11.95 15.57
CA ALA I 29 27.57 11.49 16.65
C ALA I 29 27.08 10.17 17.25
N GLN I 30 25.77 9.92 17.21
CA GLN I 30 25.23 8.66 17.69
C GLN I 30 25.53 7.52 16.72
N ILE I 31 25.35 7.76 15.42
CA ILE I 31 25.66 6.73 14.43
C ILE I 31 27.14 6.41 14.44
N ARG I 32 27.99 7.44 14.54
CA ARG I 32 29.44 7.20 14.60
C ARG I 32 29.80 6.41 15.84
N LEU I 33 29.20 6.75 16.99
CA LEU I 33 29.46 6.01 18.21
C LEU I 33 29.06 4.55 18.06
N ILE I 34 27.86 4.31 17.52
CA ILE I 34 27.40 2.93 17.33
C ILE I 34 28.35 2.17 16.42
N LYS I 35 28.80 2.80 15.33
CA LYS I 35 29.65 2.10 14.38
C LYS I 35 31.01 1.79 14.99
N GLN I 36 31.60 2.75 15.71
CA GLN I 36 32.89 2.50 16.33
C GLN I 36 32.78 1.44 17.43
N THR I 37 31.64 1.41 18.14
CA THR I 37 31.43 0.36 19.13
C THR I 37 31.35 -1.00 18.47
N LEU I 38 30.55 -1.12 17.41
CA LEU I 38 30.45 -2.39 16.69
C LEU I 38 31.79 -2.81 16.13
N GLN I 39 32.64 -1.85 15.75
CA GLN I 39 33.93 -2.19 15.17
C GLN I 39 34.91 -2.65 16.24
N ASN I 40 34.95 -1.97 17.38
CA ASN I 40 35.91 -2.30 18.43
C ASN I 40 35.49 -3.50 19.26
N THR I 41 34.19 -3.82 19.30
CA THR I 41 33.74 -5.00 20.03
C THR I 41 33.96 -6.28 19.25
N PHE I 42 34.13 -6.20 17.94
CA PHE I 42 34.42 -7.36 17.10
C PHE I 42 35.43 -6.94 16.03
N PRO I 43 36.67 -6.62 16.44
CA PRO I 43 37.66 -6.18 15.45
C PRO I 43 38.20 -7.31 14.58
N ASN I 44 37.96 -8.56 14.95
CA ASN I 44 38.50 -9.70 14.23
C ASN I 44 37.55 -10.26 13.18
N VAL I 45 36.33 -9.73 13.08
CA VAL I 45 35.35 -10.25 12.13
C VAL I 45 35.70 -9.70 10.75
N THR I 46 36.46 -10.48 9.99
CA THR I 46 36.78 -10.15 8.60
C THR I 46 36.55 -11.30 7.64
N GLU I 47 36.61 -12.54 8.12
CA GLU I 47 36.27 -13.71 7.33
C GLU I 47 34.77 -13.72 7.08
N PRO I 48 34.23 -14.71 6.34
CA PRO I 48 32.77 -14.73 6.13
C PRO I 48 31.99 -14.63 7.42
N VAL I 49 30.69 -14.39 7.31
CA VAL I 49 29.83 -14.13 8.47
C VAL I 49 30.08 -15.17 9.55
N ASP I 50 30.28 -16.42 9.14
CA ASP I 50 30.59 -17.51 10.07
C ASP I 50 29.56 -17.57 11.21
N ILE I 51 28.32 -17.86 10.81
CA ILE I 51 27.23 -17.90 11.78
C ILE I 51 27.41 -19.10 12.71
N ASP I 52 27.35 -18.85 14.01
CA ASP I 52 27.42 -19.89 15.03
C ASP I 52 26.20 -19.91 15.92
N SER I 53 25.71 -18.74 16.35
CA SER I 53 24.47 -18.61 17.11
C SER I 53 24.47 -19.48 18.37
N ASP I 54 25.64 -19.88 18.86
CA ASP I 54 25.74 -20.65 20.09
C ASP I 54 25.00 -21.98 19.97
N THR I 55 25.33 -22.73 18.91
CA THR I 55 24.82 -24.08 18.69
C THR I 55 23.35 -24.08 18.27
N PHE I 56 22.71 -22.91 18.31
CA PHE I 56 21.36 -22.70 17.79
C PHE I 56 20.26 -23.34 18.63
N LYS I 57 20.60 -24.21 19.58
CA LYS I 57 19.57 -24.95 20.30
C LYS I 57 19.55 -24.69 21.80
N ILE I 58 20.60 -25.04 22.54
CA ILE I 58 20.51 -25.04 24.00
C ILE I 58 21.76 -24.47 24.67
N MET I 59 22.86 -24.35 23.93
CA MET I 59 24.12 -24.05 24.57
C MET I 59 24.17 -22.67 25.20
N SER I 60 23.14 -21.84 25.01
CA SER I 60 23.12 -20.52 25.63
C SER I 60 23.03 -20.59 27.14
N GLU I 61 22.56 -21.70 27.69
CA GLU I 61 22.45 -21.88 29.14
C GLU I 61 23.23 -23.07 29.67
N LYS I 62 23.37 -24.14 28.88
CA LYS I 62 24.06 -25.33 29.37
C LYS I 62 25.58 -25.16 29.35
N LEU I 63 26.09 -24.25 28.54
CA LEU I 63 27.53 -24.04 28.42
C LEU I 63 28.02 -23.31 29.66
N LYS I 64 28.30 -24.08 30.71
CA LYS I 64 28.73 -23.54 31.99
C LYS I 64 30.10 -24.12 32.37
N PHE I 65 30.95 -23.27 32.94
CA PHE I 65 32.25 -23.71 33.45
C PHE I 65 32.59 -22.84 34.66
N THR I 66 32.28 -23.36 35.85
CA THR I 66 32.55 -22.66 37.10
C THR I 66 33.55 -23.40 37.97
N GLY I 67 33.32 -24.69 38.22
CA GLY I 67 34.23 -25.50 39.02
C GLY I 67 34.49 -26.85 38.42
N ASP I 68 33.80 -27.17 37.32
CA ASP I 68 33.98 -28.45 36.65
C ASP I 68 33.38 -28.35 35.25
N ALA I 69 34.06 -28.98 34.29
CA ALA I 69 33.62 -28.93 32.91
C ALA I 69 32.60 -30.03 32.64
N MET I 70 31.81 -29.82 31.59
CA MET I 70 30.77 -30.78 31.20
C MET I 70 30.81 -30.93 29.68
N ASP I 71 29.85 -31.69 29.15
CA ASP I 71 29.75 -31.93 27.72
C ASP I 71 31.02 -32.59 27.19
N VAL I 72 31.35 -33.74 27.77
CA VAL I 72 32.53 -34.48 27.34
C VAL I 72 32.42 -34.76 25.86
N GLY I 73 33.53 -34.60 25.14
CA GLY I 73 33.53 -34.80 23.71
C GLY I 73 33.26 -36.23 23.33
N GLY I 74 32.58 -36.41 22.20
CA GLY I 74 32.28 -37.73 21.69
C GLY I 74 33.08 -38.06 20.45
N LEU I 75 34.36 -37.67 20.45
CA LEU I 75 35.22 -37.91 19.30
C LEU I 75 35.30 -39.41 18.99
N MET I 76 35.70 -39.71 17.76
CA MET I 76 35.92 -41.08 17.35
C MET I 76 37.34 -41.49 17.71
N ILE I 77 37.78 -42.64 17.20
CA ILE I 77 39.12 -43.14 17.48
C ILE I 77 40.15 -42.13 16.96
N LYS I 78 41.33 -42.13 17.56
CA LYS I 78 42.41 -41.20 17.22
C LYS I 78 43.61 -41.94 16.65
N ASN I 79 43.36 -42.88 15.74
CA ASN I 79 44.46 -43.60 15.11
C ASN I 79 45.54 -42.65 14.60
N VAL I 80 45.14 -41.47 14.14
CA VAL I 80 46.09 -40.43 13.77
C VAL I 80 46.35 -39.55 14.99
N THR I 81 47.58 -39.04 15.09
CA THR I 81 47.98 -38.24 16.24
C THR I 81 47.73 -39.05 17.51
N PRO I 82 48.53 -40.10 17.76
CA PRO I 82 48.25 -40.98 18.90
C PRO I 82 48.12 -40.23 20.22
N GLY I 83 46.92 -40.23 20.79
CA GLY I 83 46.67 -39.56 22.05
C GLY I 83 46.32 -40.54 23.16
N THR I 84 45.03 -40.66 23.47
CA THR I 84 44.59 -41.55 24.53
C THR I 84 44.99 -42.99 24.21
N GLY I 85 44.95 -43.82 25.25
CA GLY I 85 45.32 -45.22 25.14
C GLY I 85 44.21 -46.10 24.60
N ASP I 86 43.99 -46.05 23.30
CA ASP I 86 42.94 -46.87 22.67
C ASP I 86 42.99 -48.30 23.20
N LYS I 87 41.81 -48.87 23.41
CA LYS I 87 41.72 -50.15 24.10
C LYS I 87 42.49 -51.25 23.37
N ASP I 88 42.33 -51.35 22.05
CA ASP I 88 42.98 -52.41 21.31
C ASP I 88 44.50 -52.33 21.45
N VAL I 89 45.06 -51.12 21.32
CA VAL I 89 46.51 -50.97 21.35
C VAL I 89 47.05 -51.38 22.71
N VAL I 90 46.43 -50.91 23.79
CA VAL I 90 46.91 -51.22 25.12
C VAL I 90 46.75 -52.71 25.41
N THR I 91 45.66 -53.32 24.94
CA THR I 91 45.46 -54.75 25.16
C THR I 91 46.53 -55.56 24.44
N LYS I 92 46.83 -55.20 23.19
CA LYS I 92 47.88 -55.89 22.45
C LYS I 92 49.22 -55.73 23.15
N GLY I 93 49.56 -54.50 23.57
CA GLY I 93 50.81 -54.28 24.26
C GLY I 93 50.91 -55.08 25.54
N GLN I 94 49.81 -55.17 26.30
CA GLN I 94 49.83 -55.90 27.55
C GLN I 94 49.99 -57.39 27.33
N MET I 95 49.25 -57.93 26.36
CA MET I 95 49.35 -59.37 26.08
C MET I 95 50.69 -59.74 25.47
N GLU I 96 51.36 -58.80 24.80
CA GLU I 96 52.67 -59.09 24.21
C GLU I 96 53.80 -58.96 25.23
N ALA I 97 53.87 -57.83 25.92
CA ALA I 97 54.91 -57.59 26.92
C ALA I 97 56.29 -57.74 26.30
#